data_1GZ3
#
_entry.id   1GZ3
#
_cell.length_a   71.815
_cell.length_b   192.653
_cell.length_c   110.161
_cell.angle_alpha   90.00
_cell.angle_beta   89.77
_cell.angle_gamma   90.00
#
_symmetry.space_group_name_H-M   'P 1 21 1'
#
loop_
_entity.id
_entity.type
_entity.pdbx_description
1 polymer 'NAD-dependent malic enzyme, mitochondrial'
2 non-polymer "ADENOSINE-5'-TRIPHOSPHATE"
3 non-polymer 'OXALATE ION'
4 non-polymer 'MANGANESE (II) ION'
5 non-polymer 'FUMARIC ACID'
6 water water
#
_entity_poly.entity_id   1
_entity_poly.type   'polypeptide(L)'
_entity_poly.pdbx_seq_one_letter_code
;HIKEKGKPLMLNPRTNKGMAFTLQERQMLGLQGLLPPKIETQDIQALRFHRNLKKMTSPLEKYIYIMGIQERNEKLFYRI
LQDDIESLMPIVYTPTVGLACSQYGHIFRRPKGLFISISDRGHVRSIVDNWPENHVKAVVVTDGERILGLGDLGVYGMGI
PVGKLCLYTACAGIRPDQCLPVCIDVGTDNIALLKDPFYMGLYQKRDRTQQYDDLIDEFMKAITDRYGRNTLIQFEDFGN
HNAFRFLRKYREKYCTFNDDIQGTAAVALAGLLAAQKVISKPISEHKILFLGAGEAALGIANLIVMSMVENGLSEQEAQK
KIWMFDKYGLLVKGRKAKIDSYQEPFTHSAPESIPDTFEDAVNILKPSTIIGVAGAGRLFTPDVIRAMASINERPVIFAL
SNPTAQAECTAEEAYTLTEGRCLFASGSPFGPVKLTDGRVFTPGQGNNVYIFPGVALAVILCNTRHISDSVFLEAAKALT
SQLTDEELAQGRLYPPLANIQEVSINIAIKVTEYLYANKMAFVYPEPEDKAKYVKEQTWRSEYDSLLPDVYEWP
;
_entity_poly.pdbx_strand_id   A,B,C,D
#
loop_
_chem_comp.id
_chem_comp.type
_chem_comp.name
_chem_comp.formula
ATP non-polymer ADENOSINE-5'-TRIPHOSPHATE 'C10 H16 N5 O13 P3'
FUM non-polymer 'FUMARIC ACID' 'C4 H4 O4'
MN non-polymer 'MANGANESE (II) ION' 'Mn 2'
OXL non-polymer 'OXALATE ION' 'C2 O4 -2'
#
# COMPACT_ATOMS: atom_id res chain seq x y z
N HIS A 1 1.37 11.94 -12.09
CA HIS A 1 1.71 11.56 -10.69
C HIS A 1 0.74 10.55 -10.08
N ILE A 2 1.25 9.36 -9.76
CA ILE A 2 0.44 8.30 -9.15
C ILE A 2 1.16 7.82 -7.89
N LYS A 3 0.39 7.45 -6.87
CA LYS A 3 0.98 6.99 -5.62
C LYS A 3 1.22 5.49 -5.54
N GLU A 4 0.93 4.79 -6.62
CA GLU A 4 1.10 3.34 -6.67
C GLU A 4 2.13 2.92 -7.71
N LYS A 5 2.81 1.81 -7.45
CA LYS A 5 3.78 1.28 -8.41
C LYS A 5 3.63 -0.23 -8.44
N GLY A 6 4.21 -0.87 -9.44
CA GLY A 6 4.10 -2.32 -9.52
C GLY A 6 2.75 -2.84 -10.01
N LYS A 7 2.53 -4.13 -9.77
CA LYS A 7 1.32 -4.82 -10.18
C LYS A 7 0.03 -4.01 -9.96
N PRO A 8 -0.12 -3.37 -8.79
CA PRO A 8 -1.32 -2.57 -8.49
C PRO A 8 -1.71 -1.55 -9.58
N LEU A 9 -0.74 -1.05 -10.32
CA LEU A 9 -1.01 -0.09 -11.39
C LEU A 9 -1.75 -0.77 -12.54
N MET A 10 -1.56 -2.08 -12.66
CA MET A 10 -2.20 -2.88 -13.69
C MET A 10 -3.56 -3.41 -13.22
N LEU A 11 -3.66 -3.71 -11.92
CA LEU A 11 -4.91 -4.22 -11.37
C LEU A 11 -5.99 -3.16 -11.26
N ASN A 12 -5.57 -1.89 -11.20
CA ASN A 12 -6.52 -0.78 -11.09
C ASN A 12 -6.86 -0.31 -12.50
N PRO A 13 -8.11 -0.52 -12.94
CA PRO A 13 -8.55 -0.10 -14.28
C PRO A 13 -8.36 1.38 -14.58
N ARG A 14 -8.38 2.21 -13.55
CA ARG A 14 -8.22 3.65 -13.71
C ARG A 14 -6.81 3.98 -14.24
N THR A 15 -5.80 3.24 -13.79
CA THR A 15 -4.42 3.47 -14.21
C THR A 15 -3.89 2.49 -15.25
N ASN A 16 -4.41 1.27 -15.25
CA ASN A 16 -3.95 0.25 -16.19
C ASN A 16 -4.02 0.67 -17.65
N LYS A 17 -2.89 0.52 -18.36
CA LYS A 17 -2.81 0.85 -19.78
C LYS A 17 -2.54 -0.38 -20.62
N GLY A 18 -2.41 -1.54 -19.98
CA GLY A 18 -2.11 -2.74 -20.73
C GLY A 18 -0.79 -2.54 -21.43
N MET A 19 -0.68 -3.01 -22.67
CA MET A 19 0.57 -2.87 -23.42
C MET A 19 0.87 -1.44 -23.87
N ALA A 20 0.07 -0.48 -23.42
CA ALA A 20 0.27 0.92 -23.78
C ALA A 20 1.24 1.60 -22.80
N PHE A 21 1.60 0.91 -21.72
CA PHE A 21 2.58 1.46 -20.78
C PHE A 21 3.86 1.55 -21.58
N THR A 22 4.54 2.69 -21.54
CA THR A 22 5.79 2.86 -22.28
C THR A 22 6.90 2.08 -21.63
N LEU A 23 8.00 1.88 -22.34
CA LEU A 23 9.13 1.14 -21.79
C LEU A 23 9.63 1.85 -20.53
N GLN A 24 9.79 3.16 -20.60
CA GLN A 24 10.26 3.90 -19.44
C GLN A 24 9.31 3.79 -18.25
N GLU A 25 8.00 3.85 -18.50
CA GLU A 25 7.05 3.73 -17.40
C GLU A 25 7.16 2.35 -16.76
N ARG A 26 7.31 1.32 -17.58
CA ARG A 26 7.41 -0.04 -17.08
C ARG A 26 8.68 -0.24 -16.25
N GLN A 27 9.80 0.30 -16.73
CA GLN A 27 11.06 0.16 -16.01
C GLN A 27 11.04 0.96 -14.72
N MET A 28 10.56 2.20 -14.79
CA MET A 28 10.52 3.05 -13.61
C MET A 28 9.45 2.70 -12.60
N LEU A 29 8.34 2.13 -13.08
CA LEU A 29 7.25 1.79 -12.18
C LEU A 29 7.23 0.33 -11.78
N GLY A 30 8.28 -0.40 -12.12
CA GLY A 30 8.38 -1.80 -11.76
C GLY A 30 7.41 -2.73 -12.46
N LEU A 31 7.12 -2.47 -13.73
CA LEU A 31 6.21 -3.32 -14.49
C LEU A 31 6.94 -4.19 -15.50
N GLN A 32 8.24 -3.91 -15.73
CA GLN A 32 9.02 -4.71 -16.69
C GLN A 32 8.88 -6.19 -16.39
N GLY A 33 8.57 -6.97 -17.42
CA GLY A 33 8.42 -8.40 -17.25
C GLY A 33 6.98 -8.83 -16.98
N LEU A 34 6.19 -7.92 -16.44
CA LEU A 34 4.79 -8.22 -16.15
C LEU A 34 3.92 -8.02 -17.38
N LEU A 35 4.49 -7.43 -18.42
CA LEU A 35 3.78 -7.19 -19.66
C LEU A 35 4.55 -7.78 -20.83
N PRO A 36 3.85 -8.14 -21.92
CA PRO A 36 4.55 -8.71 -23.07
C PRO A 36 5.52 -7.64 -23.57
N PRO A 37 6.64 -8.04 -24.19
CA PRO A 37 7.63 -7.05 -24.69
C PRO A 37 7.03 -5.94 -25.54
N LYS A 38 5.96 -6.26 -26.25
CA LYS A 38 5.27 -5.32 -27.13
C LYS A 38 4.79 -4.00 -26.48
N ILE A 39 5.06 -2.89 -27.16
CA ILE A 39 4.61 -1.56 -26.72
C ILE A 39 3.52 -1.18 -27.74
N GLU A 40 2.29 -0.97 -27.28
CA GLU A 40 1.19 -0.63 -28.18
C GLU A 40 0.66 0.79 -28.00
N THR A 41 -0.09 1.25 -29.00
CA THR A 41 -0.71 2.57 -28.97
C THR A 41 -2.19 2.33 -28.68
N GLN A 42 -2.89 3.34 -28.20
CA GLN A 42 -4.30 3.18 -27.91
C GLN A 42 -5.04 2.82 -29.20
N ASP A 43 -4.54 3.30 -30.33
CA ASP A 43 -5.15 3.02 -31.63
C ASP A 43 -5.18 1.50 -31.88
N ILE A 44 -4.04 0.85 -31.66
CA ILE A 44 -3.96 -0.59 -31.87
C ILE A 44 -4.93 -1.30 -30.94
N GLN A 45 -4.98 -0.85 -29.68
CA GLN A 45 -5.89 -1.43 -28.70
C GLN A 45 -7.33 -1.27 -29.14
N ALA A 46 -7.68 -0.08 -29.64
CA ALA A 46 -9.04 0.18 -30.09
C ALA A 46 -9.34 -0.72 -31.29
N LEU A 47 -8.33 -0.99 -32.10
CA LEU A 47 -8.48 -1.83 -33.27
C LEU A 47 -8.79 -3.26 -32.82
N ARG A 48 -8.05 -3.73 -31.83
CA ARG A 48 -8.24 -5.08 -31.30
C ARG A 48 -9.69 -5.23 -30.84
N PHE A 49 -10.18 -4.22 -30.14
CA PHE A 49 -11.55 -4.24 -29.65
C PHE A 49 -12.58 -4.34 -30.77
N HIS A 50 -12.51 -3.42 -31.72
CA HIS A 50 -13.45 -3.43 -32.83
C HIS A 50 -13.39 -4.72 -33.63
N ARG A 51 -12.19 -5.30 -33.72
CA ARG A 51 -12.03 -6.55 -34.45
C ARG A 51 -12.82 -7.65 -33.75
N ASN A 52 -12.72 -7.73 -32.42
CA ASN A 52 -13.43 -8.75 -31.65
C ASN A 52 -14.94 -8.51 -31.59
N LEU A 53 -15.34 -7.27 -31.40
CA LEU A 53 -16.75 -6.92 -31.32
C LEU A 53 -17.49 -7.36 -32.57
N LYS A 54 -16.87 -7.07 -33.72
CA LYS A 54 -17.43 -7.38 -35.03
C LYS A 54 -17.79 -8.87 -35.18
N LYS A 55 -17.08 -9.72 -34.46
CA LYS A 55 -17.31 -11.16 -34.52
C LYS A 55 -18.39 -11.63 -33.56
N MET A 56 -18.89 -10.72 -32.72
CA MET A 56 -19.92 -11.12 -31.76
C MET A 56 -21.31 -11.04 -32.36
N THR A 57 -22.23 -11.80 -31.80
CA THR A 57 -23.59 -11.84 -32.33
C THR A 57 -24.67 -11.15 -31.51
N SER A 58 -24.84 -11.52 -30.25
CA SER A 58 -25.89 -10.90 -29.44
C SER A 58 -25.52 -9.58 -28.78
N PRO A 59 -26.50 -8.67 -28.68
CA PRO A 59 -26.24 -7.37 -28.04
C PRO A 59 -25.78 -7.52 -26.58
N LEU A 60 -26.34 -8.48 -25.86
CA LEU A 60 -25.96 -8.69 -24.46
C LEU A 60 -24.53 -9.16 -24.36
N GLU A 61 -24.11 -10.01 -25.30
CA GLU A 61 -22.74 -10.50 -25.35
C GLU A 61 -21.80 -9.30 -25.50
N LYS A 62 -22.18 -8.37 -26.36
CA LYS A 62 -21.38 -7.18 -26.60
C LYS A 62 -21.36 -6.29 -25.35
N TYR A 63 -22.50 -6.20 -24.68
CA TYR A 63 -22.62 -5.39 -23.46
C TYR A 63 -21.63 -5.91 -22.41
N ILE A 64 -21.60 -7.22 -22.24
CA ILE A 64 -20.71 -7.83 -21.25
C ILE A 64 -19.24 -7.58 -21.59
N TYR A 65 -18.92 -7.63 -22.88
CA TYR A 65 -17.56 -7.39 -23.35
C TYR A 65 -17.11 -5.94 -23.15
N ILE A 66 -17.92 -4.99 -23.60
CA ILE A 66 -17.56 -3.59 -23.47
C ILE A 66 -17.53 -3.10 -22.03
N MET A 67 -18.55 -3.44 -21.25
CA MET A 67 -18.59 -3.02 -19.85
C MET A 67 -17.47 -3.69 -19.07
N GLY A 68 -17.01 -4.84 -19.58
CA GLY A 68 -15.92 -5.55 -18.93
C GLY A 68 -14.64 -4.74 -19.05
N ILE A 69 -14.51 -4.01 -20.15
CA ILE A 69 -13.35 -3.19 -20.39
C ILE A 69 -13.27 -2.04 -19.38
N GLN A 70 -14.43 -1.56 -18.92
CA GLN A 70 -14.47 -0.47 -17.95
C GLN A 70 -13.76 -0.90 -16.66
N GLU A 71 -13.74 -2.20 -16.40
CA GLU A 71 -13.09 -2.73 -15.20
C GLU A 71 -11.68 -3.22 -15.46
N ARG A 72 -11.18 -3.05 -16.69
CA ARG A 72 -9.81 -3.47 -17.01
C ARG A 72 -8.92 -2.30 -17.39
N ASN A 73 -9.41 -1.47 -18.31
CA ASN A 73 -8.66 -0.30 -18.80
C ASN A 73 -9.69 0.80 -19.05
N GLU A 74 -9.86 1.68 -18.07
CA GLU A 74 -10.83 2.76 -18.16
C GLU A 74 -10.62 3.70 -19.34
N LYS A 75 -9.39 4.11 -19.59
CA LYS A 75 -9.09 5.02 -20.70
C LYS A 75 -9.55 4.37 -22.00
N LEU A 76 -9.18 3.12 -22.21
CA LEU A 76 -9.55 2.41 -23.43
C LEU A 76 -11.08 2.29 -23.56
N PHE A 77 -11.73 2.00 -22.44
CA PHE A 77 -13.18 1.87 -22.40
C PHE A 77 -13.83 3.10 -23.01
N TYR A 78 -13.46 4.28 -22.55
CA TYR A 78 -14.05 5.49 -23.09
C TYR A 78 -13.57 5.81 -24.50
N ARG A 79 -12.34 5.41 -24.84
CA ARG A 79 -11.84 5.64 -26.18
C ARG A 79 -12.76 4.88 -27.14
N ILE A 80 -13.05 3.64 -26.78
CA ILE A 80 -13.91 2.76 -27.55
C ILE A 80 -15.30 3.35 -27.73
N LEU A 81 -15.88 3.87 -26.65
CA LEU A 81 -17.21 4.48 -26.73
C LEU A 81 -17.18 5.71 -27.62
N GLN A 82 -16.14 6.51 -27.47
CA GLN A 82 -16.04 7.73 -28.25
C GLN A 82 -15.77 7.46 -29.74
N ASP A 83 -15.15 6.32 -30.06
CA ASP A 83 -14.88 5.98 -31.46
C ASP A 83 -16.17 5.95 -32.30
N ASP A 84 -17.23 5.37 -31.75
CA ASP A 84 -18.51 5.30 -32.45
C ASP A 84 -19.65 5.20 -31.43
N ILE A 85 -19.92 6.32 -30.78
CA ILE A 85 -20.96 6.38 -29.77
C ILE A 85 -22.32 5.97 -30.31
N GLU A 86 -22.61 6.36 -31.56
CA GLU A 86 -23.90 6.02 -32.14
C GLU A 86 -24.17 4.53 -32.30
N SER A 87 -23.18 3.75 -32.73
CA SER A 87 -23.45 2.33 -32.89
C SER A 87 -23.39 1.54 -31.60
N LEU A 88 -22.73 2.10 -30.57
CA LEU A 88 -22.63 1.40 -29.29
C LEU A 88 -23.69 1.81 -28.29
N MET A 89 -24.28 2.98 -28.48
CA MET A 89 -25.31 3.48 -27.58
C MET A 89 -26.43 2.47 -27.33
N PRO A 90 -26.88 1.76 -28.38
CA PRO A 90 -27.95 0.77 -28.21
C PRO A 90 -27.49 -0.42 -27.36
N ILE A 91 -26.17 -0.58 -27.22
CA ILE A 91 -25.60 -1.69 -26.45
C ILE A 91 -25.35 -1.37 -24.98
N VAL A 92 -24.77 -0.22 -24.69
CA VAL A 92 -24.49 0.16 -23.31
C VAL A 92 -25.63 0.90 -22.67
N TYR A 93 -26.57 1.35 -23.50
CA TYR A 93 -27.72 2.12 -23.05
C TYR A 93 -28.96 1.40 -23.56
N THR A 94 -30.09 2.10 -23.65
CA THR A 94 -31.32 1.45 -24.12
C THR A 94 -31.19 1.03 -25.58
N PRO A 95 -31.76 -0.14 -25.93
CA PRO A 95 -32.50 -1.10 -25.12
C PRO A 95 -31.72 -2.20 -24.38
N THR A 96 -30.50 -2.47 -24.82
CA THR A 96 -29.71 -3.54 -24.20
C THR A 96 -29.49 -3.41 -22.68
N VAL A 97 -29.31 -2.19 -22.17
CA VAL A 97 -29.11 -2.01 -20.74
C VAL A 97 -30.32 -2.53 -19.95
N GLY A 98 -31.50 -2.53 -20.58
CA GLY A 98 -32.69 -3.04 -19.93
C GLY A 98 -32.61 -4.56 -19.80
N LEU A 99 -32.10 -5.19 -20.86
CA LEU A 99 -31.94 -6.63 -20.88
C LEU A 99 -30.88 -7.01 -19.85
N ALA A 100 -29.80 -6.23 -19.79
CA ALA A 100 -28.72 -6.48 -18.86
C ALA A 100 -29.22 -6.41 -17.42
N CYS A 101 -30.07 -5.43 -17.13
CA CYS A 101 -30.62 -5.30 -15.79
C CYS A 101 -31.52 -6.51 -15.44
N SER A 102 -32.34 -6.94 -16.39
CA SER A 102 -33.24 -8.08 -16.17
C SER A 102 -32.49 -9.34 -15.75
N GLN A 103 -31.24 -9.46 -16.17
CA GLN A 103 -30.45 -10.63 -15.80
C GLN A 103 -29.10 -10.22 -15.23
N TYR A 104 -29.11 -9.10 -14.52
CA TYR A 104 -27.91 -8.55 -13.92
C TYR A 104 -27.19 -9.58 -13.05
N GLY A 105 -27.95 -10.28 -12.21
CA GLY A 105 -27.34 -11.28 -11.36
C GLY A 105 -26.79 -12.50 -12.09
N HIS A 106 -27.21 -12.70 -13.33
CA HIS A 106 -26.75 -13.85 -14.11
C HIS A 106 -25.47 -13.55 -14.87
N ILE A 107 -25.27 -12.27 -15.21
CA ILE A 107 -24.09 -11.87 -15.96
C ILE A 107 -23.05 -11.21 -15.06
N PHE A 108 -23.33 -11.20 -13.76
CA PHE A 108 -22.44 -10.60 -12.78
C PHE A 108 -21.01 -11.14 -12.86
N ARG A 109 -20.03 -10.24 -12.77
CA ARG A 109 -18.62 -10.59 -12.79
C ARG A 109 -17.93 -9.79 -11.70
N ARG A 110 -17.99 -8.46 -11.81
CA ARG A 110 -17.41 -7.57 -10.82
C ARG A 110 -18.48 -6.55 -10.44
N PRO A 111 -18.49 -6.14 -9.18
CA PRO A 111 -19.50 -5.16 -8.79
C PRO A 111 -19.09 -3.78 -9.31
N LYS A 112 -20.08 -2.94 -9.55
CA LYS A 112 -19.85 -1.58 -10.00
C LYS A 112 -20.76 -0.71 -9.14
N GLY A 113 -20.22 0.38 -8.62
CA GLY A 113 -21.03 1.27 -7.80
C GLY A 113 -21.05 1.00 -6.31
N LEU A 114 -21.81 1.83 -5.62
CA LEU A 114 -21.96 1.78 -4.18
C LEU A 114 -23.33 1.21 -3.83
N PHE A 115 -23.38 0.22 -2.94
CA PHE A 115 -24.66 -0.36 -2.54
C PHE A 115 -25.00 -0.03 -1.09
N ILE A 116 -26.18 0.55 -0.87
CA ILE A 116 -26.64 0.91 0.46
C ILE A 116 -27.99 0.24 0.71
N SER A 117 -28.03 -0.71 1.65
CA SER A 117 -29.26 -1.41 1.94
C SER A 117 -29.91 -0.95 3.23
N ILE A 118 -31.21 -1.21 3.35
CA ILE A 118 -31.98 -0.85 4.53
C ILE A 118 -31.37 -1.49 5.78
N SER A 119 -30.70 -2.63 5.61
CA SER A 119 -30.06 -3.32 6.73
C SER A 119 -28.83 -2.55 7.22
N ASP A 120 -28.43 -1.53 6.47
CA ASP A 120 -27.28 -0.72 6.84
C ASP A 120 -27.73 0.58 7.48
N ARG A 121 -29.03 0.72 7.74
CA ARG A 121 -29.55 1.93 8.35
C ARG A 121 -28.75 2.29 9.58
N GLY A 122 -28.38 3.57 9.69
CA GLY A 122 -27.59 4.02 10.81
C GLY A 122 -26.09 3.87 10.59
N HIS A 123 -25.71 3.29 9.45
CA HIS A 123 -24.30 3.06 9.16
C HIS A 123 -23.95 3.43 7.73
N VAL A 124 -24.78 4.29 7.13
CA VAL A 124 -24.56 4.69 5.75
C VAL A 124 -23.24 5.45 5.55
N ARG A 125 -22.90 6.30 6.51
CA ARG A 125 -21.67 7.07 6.41
C ARG A 125 -20.45 6.18 6.26
N SER A 126 -20.37 5.12 7.06
CA SER A 126 -19.22 4.21 6.98
C SER A 126 -19.16 3.56 5.60
N ILE A 127 -20.32 3.31 4.99
CA ILE A 127 -20.34 2.72 3.66
C ILE A 127 -19.82 3.76 2.68
N VAL A 128 -20.36 4.98 2.77
CA VAL A 128 -19.90 6.05 1.89
C VAL A 128 -18.39 6.25 2.04
N ASP A 129 -17.87 6.11 3.26
CA ASP A 129 -16.45 6.29 3.50
C ASP A 129 -15.61 5.17 2.90
N ASN A 130 -16.24 4.08 2.51
CA ASN A 130 -15.51 2.99 1.90
C ASN A 130 -15.24 3.23 0.40
N TRP A 131 -15.95 4.17 -0.20
CA TRP A 131 -15.72 4.47 -1.61
C TRP A 131 -14.28 4.98 -1.75
N PRO A 132 -13.48 4.38 -2.62
CA PRO A 132 -12.08 4.79 -2.82
C PRO A 132 -11.79 6.20 -3.32
N GLU A 133 -12.71 6.82 -4.07
CA GLU A 133 -12.49 8.16 -4.61
C GLU A 133 -12.84 9.28 -3.63
N ASN A 134 -11.93 10.24 -3.47
CA ASN A 134 -12.15 11.34 -2.54
C ASN A 134 -12.83 12.59 -3.11
N HIS A 135 -12.92 12.69 -4.43
CA HIS A 135 -13.51 13.89 -5.03
C HIS A 135 -14.74 13.68 -5.89
N VAL A 136 -15.72 12.97 -5.35
CA VAL A 136 -16.96 12.73 -6.06
C VAL A 136 -17.68 14.06 -6.25
N LYS A 137 -18.14 14.30 -7.47
CA LYS A 137 -18.84 15.53 -7.78
C LYS A 137 -20.27 15.23 -8.21
N ALA A 138 -20.51 14.00 -8.69
CA ALA A 138 -21.83 13.62 -9.16
C ALA A 138 -22.25 12.19 -8.81
N VAL A 139 -23.51 12.06 -8.42
CA VAL A 139 -24.09 10.78 -8.04
C VAL A 139 -25.40 10.51 -8.77
N VAL A 140 -25.55 9.29 -9.28
CA VAL A 140 -26.79 8.89 -9.91
C VAL A 140 -27.25 7.73 -9.03
N VAL A 141 -28.40 7.90 -8.39
CA VAL A 141 -28.94 6.90 -7.48
C VAL A 141 -30.31 6.41 -7.87
N THR A 142 -30.52 5.10 -7.70
CA THR A 142 -31.80 4.47 -7.99
C THR A 142 -32.12 3.50 -6.86
N ASP A 143 -33.40 3.14 -6.73
CA ASP A 143 -33.79 2.15 -5.72
C ASP A 143 -34.38 0.97 -6.50
N GLY A 144 -34.23 1.03 -7.81
CA GLY A 144 -34.69 -0.01 -8.70
C GLY A 144 -36.17 -0.33 -8.79
N GLU A 145 -37.02 0.57 -8.31
CA GLU A 145 -38.47 0.30 -8.35
C GLU A 145 -39.10 0.56 -9.71
N ARG A 146 -38.60 1.56 -10.43
CA ARG A 146 -39.13 1.88 -11.76
C ARG A 146 -37.97 1.90 -12.78
N ILE A 147 -37.43 0.73 -13.10
CA ILE A 147 -36.32 0.64 -14.04
C ILE A 147 -36.88 0.70 -15.45
N LEU A 148 -36.70 1.86 -16.10
CA LEU A 148 -37.23 2.08 -17.44
C LEU A 148 -38.72 1.77 -17.34
N GLY A 149 -39.23 0.98 -18.29
CA GLY A 149 -40.63 0.60 -18.26
C GLY A 149 -40.74 -0.87 -17.87
N LEU A 150 -39.66 -1.38 -17.29
CA LEU A 150 -39.56 -2.78 -16.87
C LEU A 150 -40.08 -3.07 -15.46
N GLY A 151 -40.35 -2.03 -14.68
CA GLY A 151 -40.85 -2.24 -13.33
C GLY A 151 -39.80 -2.37 -12.25
N ASP A 152 -40.16 -3.07 -11.17
CA ASP A 152 -39.30 -3.29 -10.02
C ASP A 152 -38.27 -4.38 -10.25
N LEU A 153 -37.02 -3.98 -10.47
CA LEU A 153 -35.94 -4.94 -10.68
C LEU A 153 -34.95 -4.95 -9.52
N GLY A 154 -35.28 -4.19 -8.47
CA GLY A 154 -34.44 -4.14 -7.29
C GLY A 154 -32.98 -3.80 -7.54
N VAL A 155 -32.10 -4.56 -6.88
CA VAL A 155 -30.67 -4.33 -7.00
C VAL A 155 -30.16 -4.55 -8.43
N TYR A 156 -30.91 -5.32 -9.22
CA TYR A 156 -30.53 -5.56 -10.62
C TYR A 156 -30.59 -4.23 -11.36
N GLY A 157 -31.27 -3.25 -10.75
CA GLY A 157 -31.41 -1.95 -11.36
C GLY A 157 -30.13 -1.16 -11.34
N MET A 158 -29.13 -1.64 -10.60
CA MET A 158 -27.85 -0.94 -10.52
C MET A 158 -27.29 -0.68 -11.91
N GLY A 159 -27.64 -1.52 -12.87
CA GLY A 159 -27.15 -1.35 -14.22
C GLY A 159 -27.48 0.00 -14.81
N ILE A 160 -28.55 0.63 -14.32
CA ILE A 160 -28.99 1.93 -14.82
C ILE A 160 -28.06 3.07 -14.40
N PRO A 161 -27.83 3.25 -13.09
CA PRO A 161 -26.94 4.34 -12.69
C PRO A 161 -25.55 4.17 -13.32
N VAL A 162 -25.12 2.91 -13.46
CA VAL A 162 -23.81 2.66 -14.05
C VAL A 162 -23.79 3.15 -15.49
N GLY A 163 -24.84 2.84 -16.24
CA GLY A 163 -24.92 3.26 -17.62
C GLY A 163 -25.02 4.77 -17.76
N LYS A 164 -25.87 5.39 -16.93
CA LYS A 164 -26.03 6.84 -16.97
C LYS A 164 -24.68 7.53 -16.77
N LEU A 165 -23.92 7.06 -15.78
CA LEU A 165 -22.63 7.66 -15.48
C LEU A 165 -21.59 7.43 -16.58
N CYS A 166 -21.67 6.29 -17.26
CA CYS A 166 -20.74 6.03 -18.35
C CYS A 166 -20.97 7.12 -19.38
N LEU A 167 -22.23 7.50 -19.53
CA LEU A 167 -22.63 8.54 -20.48
C LEU A 167 -22.26 9.94 -20.00
N TYR A 168 -22.11 10.12 -18.69
CA TYR A 168 -21.71 11.42 -18.13
C TYR A 168 -20.33 11.71 -18.73
N THR A 169 -19.48 10.68 -18.73
CA THR A 169 -18.13 10.78 -19.24
C THR A 169 -18.07 10.77 -20.77
N ALA A 170 -18.68 9.75 -21.36
CA ALA A 170 -18.69 9.61 -22.82
C ALA A 170 -19.30 10.78 -23.56
N CYS A 171 -20.41 11.31 -23.04
CA CYS A 171 -21.09 12.42 -23.71
C CYS A 171 -20.65 13.83 -23.31
N ALA A 172 -20.36 14.06 -22.03
CA ALA A 172 -19.97 15.39 -21.57
C ALA A 172 -18.55 15.55 -21.05
N GLY A 173 -17.73 14.50 -21.16
CA GLY A 173 -16.36 14.60 -20.70
C GLY A 173 -16.19 14.80 -19.21
N ILE A 174 -17.17 14.36 -18.43
CA ILE A 174 -17.09 14.49 -16.97
C ILE A 174 -16.13 13.41 -16.47
N ARG A 175 -15.25 13.78 -15.54
CA ARG A 175 -14.26 12.84 -15.00
C ARG A 175 -14.91 11.61 -14.37
N PRO A 176 -14.49 10.40 -14.80
CA PRO A 176 -15.02 9.15 -14.27
C PRO A 176 -14.82 9.02 -12.76
N ASP A 177 -13.64 9.39 -12.29
CA ASP A 177 -13.34 9.31 -10.86
C ASP A 177 -14.22 10.25 -10.02
N GLN A 178 -14.89 11.20 -10.64
CA GLN A 178 -15.76 12.10 -9.88
C GLN A 178 -17.21 11.60 -9.86
N CYS A 179 -17.46 10.47 -10.50
CA CYS A 179 -18.81 9.92 -10.59
C CYS A 179 -19.02 8.73 -9.67
N LEU A 180 -20.21 8.64 -9.08
CA LEU A 180 -20.53 7.57 -8.16
C LEU A 180 -21.92 6.97 -8.35
N PRO A 181 -22.00 5.73 -8.87
CA PRO A 181 -23.29 5.06 -9.09
C PRO A 181 -23.76 4.52 -7.75
N VAL A 182 -25.02 4.76 -7.41
CA VAL A 182 -25.52 4.29 -6.12
C VAL A 182 -26.83 3.54 -6.22
N CYS A 183 -26.90 2.40 -5.53
CA CYS A 183 -28.12 1.61 -5.51
C CYS A 183 -28.62 1.52 -4.06
N ILE A 184 -29.84 1.99 -3.83
CA ILE A 184 -30.45 1.92 -2.50
C ILE A 184 -31.30 0.66 -2.49
N ASP A 185 -30.96 -0.29 -1.63
CA ASP A 185 -31.70 -1.54 -1.57
C ASP A 185 -32.55 -1.66 -0.30
N VAL A 186 -33.87 -1.50 -0.46
CA VAL A 186 -34.80 -1.62 0.65
C VAL A 186 -35.66 -2.88 0.46
N GLY A 187 -35.25 -3.71 -0.48
CA GLY A 187 -35.99 -4.93 -0.77
C GLY A 187 -36.62 -4.78 -2.15
N THR A 188 -37.39 -5.77 -2.59
CA THR A 188 -38.05 -5.73 -3.89
C THR A 188 -39.36 -6.50 -3.86
N ASP A 189 -40.36 -6.00 -4.57
CA ASP A 189 -41.66 -6.67 -4.62
C ASP A 189 -41.76 -7.65 -5.79
N ASN A 190 -40.70 -7.74 -6.59
CA ASN A 190 -40.63 -8.63 -7.74
C ASN A 190 -40.47 -10.06 -7.24
N ILE A 191 -41.57 -10.79 -7.21
CA ILE A 191 -41.59 -12.17 -6.75
C ILE A 191 -40.58 -13.08 -7.45
N ALA A 192 -40.39 -12.86 -8.76
CA ALA A 192 -39.45 -13.67 -9.52
C ALA A 192 -38.01 -13.49 -8.99
N LEU A 193 -37.65 -12.26 -8.65
CA LEU A 193 -36.32 -11.98 -8.14
C LEU A 193 -36.13 -12.53 -6.73
N LEU A 194 -37.21 -12.55 -5.94
CA LEU A 194 -37.15 -13.06 -4.58
C LEU A 194 -36.90 -14.56 -4.54
N LYS A 195 -37.14 -15.23 -5.67
CA LYS A 195 -36.93 -16.67 -5.75
C LYS A 195 -35.75 -17.00 -6.68
N ASP A 196 -35.03 -15.96 -7.09
CA ASP A 196 -33.87 -16.10 -7.96
C ASP A 196 -32.60 -16.25 -7.12
N PRO A 197 -31.93 -17.41 -7.20
CA PRO A 197 -30.70 -17.68 -6.43
C PRO A 197 -29.52 -16.76 -6.77
N PHE A 198 -29.63 -16.04 -7.89
CA PHE A 198 -28.57 -15.13 -8.29
C PHE A 198 -28.92 -13.68 -8.00
N TYR A 199 -30.03 -13.44 -7.32
CA TYR A 199 -30.42 -12.07 -6.99
C TYR A 199 -29.29 -11.43 -6.19
N MET A 200 -29.08 -10.14 -6.41
CA MET A 200 -27.99 -9.44 -5.74
C MET A 200 -28.43 -8.51 -4.61
N GLY A 201 -29.68 -8.63 -4.19
CA GLY A 201 -30.16 -7.78 -3.13
C GLY A 201 -30.76 -8.55 -1.96
N LEU A 202 -31.27 -7.81 -0.99
CA LEU A 202 -31.89 -8.39 0.20
C LEU A 202 -33.15 -9.17 -0.20
N TYR A 203 -33.33 -10.36 0.37
CA TYR A 203 -34.51 -11.15 0.05
C TYR A 203 -35.70 -10.76 0.93
N GLN A 204 -36.28 -9.59 0.63
CA GLN A 204 -37.44 -9.09 1.35
C GLN A 204 -38.26 -8.15 0.46
N LYS A 205 -39.55 -8.03 0.74
CA LYS A 205 -40.41 -7.12 0.00
C LYS A 205 -39.92 -5.72 0.35
N ARG A 206 -40.24 -4.73 -0.48
CA ARG A 206 -39.80 -3.36 -0.21
C ARG A 206 -40.32 -2.84 1.13
N ASP A 207 -39.42 -2.19 1.87
CA ASP A 207 -39.75 -1.59 3.16
C ASP A 207 -40.38 -0.25 2.82
N ARG A 208 -41.67 -0.11 3.08
CA ARG A 208 -42.37 1.13 2.77
C ARG A 208 -42.71 1.94 4.01
N THR A 209 -42.04 1.65 5.12
CA THR A 209 -42.28 2.36 6.37
C THR A 209 -41.41 3.61 6.47
N GLN A 210 -41.48 4.27 7.62
CA GLN A 210 -40.71 5.48 7.87
C GLN A 210 -39.23 5.21 7.66
N GLN A 211 -38.82 3.96 7.90
CA GLN A 211 -37.41 3.59 7.74
C GLN A 211 -36.89 3.90 6.35
N TYR A 212 -37.76 3.77 5.34
CA TYR A 212 -37.38 4.04 3.96
C TYR A 212 -36.98 5.49 3.81
N ASP A 213 -37.87 6.39 4.20
CA ASP A 213 -37.59 7.82 4.12
C ASP A 213 -36.36 8.20 4.92
N ASP A 214 -36.19 7.60 6.09
CA ASP A 214 -35.03 7.91 6.92
C ASP A 214 -33.74 7.44 6.26
N LEU A 215 -33.76 6.28 5.61
CA LEU A 215 -32.57 5.78 4.93
C LEU A 215 -32.17 6.75 3.81
N ILE A 216 -33.15 7.20 3.04
CA ILE A 216 -32.88 8.13 1.94
C ILE A 216 -32.30 9.43 2.50
N ASP A 217 -32.81 9.86 3.65
CA ASP A 217 -32.31 11.07 4.29
C ASP A 217 -30.86 10.87 4.71
N GLU A 218 -30.58 9.71 5.32
CA GLU A 218 -29.23 9.41 5.76
C GLU A 218 -28.28 9.37 4.57
N PHE A 219 -28.79 8.86 3.45
CA PHE A 219 -28.02 8.76 2.22
C PHE A 219 -27.60 10.17 1.79
N MET A 220 -28.60 11.04 1.61
CA MET A 220 -28.33 12.42 1.18
C MET A 220 -27.30 13.09 2.09
N LYS A 221 -27.51 12.94 3.41
CA LYS A 221 -26.62 13.53 4.41
C LYS A 221 -25.20 12.98 4.31
N ALA A 222 -25.08 11.65 4.27
CA ALA A 222 -23.78 10.99 4.18
C ALA A 222 -22.96 11.44 2.96
N ILE A 223 -23.59 11.45 1.79
CA ILE A 223 -22.90 11.84 0.56
C ILE A 223 -22.39 13.28 0.65
N THR A 224 -23.25 14.19 1.07
CA THR A 224 -22.86 15.58 1.18
C THR A 224 -21.91 15.84 2.34
N ASP A 225 -22.02 15.07 3.41
CA ASP A 225 -21.11 15.24 4.54
C ASP A 225 -19.68 14.94 4.10
N ARG A 226 -19.51 13.87 3.32
CA ARG A 226 -18.18 13.53 2.84
C ARG A 226 -17.72 14.32 1.64
N TYR A 227 -18.61 14.53 0.67
CA TYR A 227 -18.21 15.20 -0.56
C TYR A 227 -18.55 16.68 -0.76
N GLY A 228 -19.41 17.22 0.09
CA GLY A 228 -19.76 18.62 -0.05
C GLY A 228 -21.25 18.79 -0.31
N ARG A 229 -21.83 19.86 0.22
CA ARG A 229 -23.25 20.09 0.06
C ARG A 229 -23.72 20.33 -1.37
N ASN A 230 -22.80 20.73 -2.24
CA ASN A 230 -23.18 20.99 -3.63
C ASN A 230 -23.02 19.77 -4.55
N THR A 231 -22.73 18.60 -3.97
CA THR A 231 -22.57 17.39 -4.78
C THR A 231 -23.85 17.11 -5.56
N LEU A 232 -23.72 16.96 -6.87
CA LEU A 232 -24.87 16.70 -7.73
C LEU A 232 -25.40 15.30 -7.45
N ILE A 233 -26.70 15.19 -7.17
CA ILE A 233 -27.35 13.92 -6.90
C ILE A 233 -28.54 13.78 -7.84
N GLN A 234 -28.38 12.90 -8.82
CA GLN A 234 -29.40 12.64 -9.84
C GLN A 234 -30.24 11.41 -9.51
N PHE A 235 -31.48 11.62 -9.08
CA PHE A 235 -32.37 10.51 -8.79
C PHE A 235 -32.76 9.87 -10.12
N GLU A 236 -32.71 8.55 -10.17
CA GLU A 236 -33.02 7.83 -11.39
C GLU A 236 -33.82 6.56 -11.14
N ASP A 237 -34.89 6.40 -11.89
CA ASP A 237 -35.75 5.22 -11.81
C ASP A 237 -36.37 4.87 -10.46
N PHE A 238 -36.87 5.90 -9.79
CA PHE A 238 -37.56 5.71 -8.52
C PHE A 238 -39.04 5.60 -8.90
N GLY A 239 -39.83 4.98 -8.02
CA GLY A 239 -41.25 4.85 -8.28
C GLY A 239 -41.94 6.21 -8.28
N ASN A 240 -43.07 6.29 -8.96
CA ASN A 240 -43.84 7.54 -9.06
C ASN A 240 -43.98 8.32 -7.74
N HIS A 241 -44.62 7.71 -6.74
CA HIS A 241 -44.83 8.35 -5.46
C HIS A 241 -43.54 8.96 -4.90
N ASN A 242 -42.53 8.13 -4.75
CA ASN A 242 -41.24 8.56 -4.22
C ASN A 242 -40.50 9.59 -5.07
N ALA A 243 -40.55 9.41 -6.38
CA ALA A 243 -39.86 10.33 -7.28
C ALA A 243 -40.20 11.79 -7.04
N PHE A 244 -41.49 12.10 -7.03
CA PHE A 244 -41.93 13.48 -6.80
C PHE A 244 -41.67 14.02 -5.41
N ARG A 245 -42.04 13.25 -4.39
CA ARG A 245 -41.86 13.73 -3.03
C ARG A 245 -40.40 13.98 -2.69
N PHE A 246 -39.49 13.15 -3.20
CA PHE A 246 -38.07 13.37 -2.91
C PHE A 246 -37.56 14.59 -3.68
N LEU A 247 -38.08 14.82 -4.88
CA LEU A 247 -37.65 15.98 -5.66
C LEU A 247 -38.08 17.24 -4.93
N ARG A 248 -39.33 17.28 -4.48
CA ARG A 248 -39.86 18.43 -3.76
C ARG A 248 -39.13 18.61 -2.44
N LYS A 249 -38.89 17.48 -1.76
CA LYS A 249 -38.23 17.50 -0.46
C LYS A 249 -36.78 17.99 -0.50
N TYR A 250 -36.02 17.57 -1.49
CA TYR A 250 -34.61 17.93 -1.55
C TYR A 250 -34.12 19.02 -2.53
N ARG A 251 -34.92 19.37 -3.53
CA ARG A 251 -34.46 20.35 -4.52
C ARG A 251 -33.99 21.70 -4.02
N GLU A 252 -34.48 22.15 -2.88
CA GLU A 252 -34.06 23.44 -2.34
C GLU A 252 -33.02 23.29 -1.25
N LYS A 253 -32.78 22.05 -0.81
CA LYS A 253 -31.81 21.76 0.23
C LYS A 253 -30.50 21.24 -0.34
N TYR A 254 -30.61 20.44 -1.41
CA TYR A 254 -29.43 19.87 -2.04
C TYR A 254 -29.39 20.17 -3.54
N CYS A 255 -28.27 19.83 -4.18
CA CYS A 255 -28.11 20.02 -5.62
C CYS A 255 -28.62 18.71 -6.22
N THR A 256 -29.92 18.66 -6.54
CA THR A 256 -30.52 17.44 -7.05
C THR A 256 -31.64 17.63 -8.06
N PHE A 257 -31.83 16.61 -8.89
CA PHE A 257 -32.91 16.63 -9.85
C PHE A 257 -33.29 15.20 -10.15
N ASN A 258 -34.45 15.02 -10.79
CA ASN A 258 -34.91 13.70 -11.15
C ASN A 258 -34.89 13.63 -12.67
N ASP A 259 -34.08 12.71 -13.19
CA ASP A 259 -33.91 12.53 -14.63
C ASP A 259 -35.22 12.19 -15.35
N ASP A 260 -36.01 11.34 -14.71
CA ASP A 260 -37.26 10.88 -15.29
C ASP A 260 -38.37 11.91 -15.35
N ILE A 261 -38.32 12.88 -14.47
CA ILE A 261 -39.32 13.93 -14.44
C ILE A 261 -38.82 15.16 -15.17
N GLN A 262 -37.62 15.60 -14.84
CA GLN A 262 -37.03 16.79 -15.44
C GLN A 262 -36.19 16.56 -16.69
N GLY A 263 -35.31 15.56 -16.65
CA GLY A 263 -34.49 15.28 -17.82
C GLY A 263 -35.37 14.96 -19.01
N THR A 264 -36.28 14.01 -18.83
CA THR A 264 -37.19 13.61 -19.90
C THR A 264 -38.10 14.77 -20.33
N ALA A 265 -38.40 15.65 -19.39
CA ALA A 265 -39.23 16.80 -19.67
C ALA A 265 -38.52 17.71 -20.65
N ALA A 266 -37.21 17.91 -20.45
CA ALA A 266 -36.45 18.78 -21.34
C ALA A 266 -36.29 18.18 -22.75
N VAL A 267 -36.00 16.88 -22.85
CA VAL A 267 -35.83 16.28 -24.18
C VAL A 267 -37.11 16.40 -24.98
N ALA A 268 -38.23 16.05 -24.34
CA ALA A 268 -39.54 16.10 -25.00
C ALA A 268 -39.80 17.51 -25.52
N LEU A 269 -39.72 18.49 -24.65
CA LEU A 269 -39.93 19.87 -25.04
C LEU A 269 -39.04 20.19 -26.25
N ALA A 270 -37.77 19.82 -26.14
CA ALA A 270 -36.80 20.07 -27.22
C ALA A 270 -37.33 19.58 -28.56
N GLY A 271 -37.92 18.38 -28.56
CA GLY A 271 -38.45 17.82 -29.78
C GLY A 271 -39.66 18.60 -30.26
N LEU A 272 -40.51 19.02 -29.32
CA LEU A 272 -41.70 19.79 -29.65
C LEU A 272 -41.26 21.14 -30.21
N LEU A 273 -40.20 21.70 -29.64
CA LEU A 273 -39.66 22.98 -30.10
C LEU A 273 -39.14 22.83 -31.54
N ALA A 274 -38.54 21.68 -31.83
CA ALA A 274 -38.02 21.42 -33.17
C ALA A 274 -39.18 21.27 -34.14
N ALA A 275 -40.19 20.53 -33.71
CA ALA A 275 -41.36 20.28 -34.54
C ALA A 275 -42.02 21.60 -34.90
N GLN A 276 -42.09 22.52 -33.94
CA GLN A 276 -42.73 23.80 -34.18
C GLN A 276 -42.02 24.56 -35.28
N LYS A 277 -40.72 24.33 -35.45
CA LYS A 277 -39.99 25.02 -36.50
C LYS A 277 -40.16 24.38 -37.87
N VAL A 278 -40.52 23.10 -37.92
CA VAL A 278 -40.71 22.44 -39.20
C VAL A 278 -42.13 22.66 -39.75
N ILE A 279 -43.11 22.80 -38.86
CA ILE A 279 -44.48 23.03 -39.30
C ILE A 279 -45.03 24.42 -38.97
N SER A 280 -44.25 25.23 -38.24
CA SER A 280 -44.65 26.59 -37.89
C SER A 280 -46.09 26.63 -37.38
N LYS A 281 -46.37 25.87 -36.32
CA LYS A 281 -47.74 25.83 -35.80
C LYS A 281 -47.99 26.69 -34.57
N PRO A 282 -49.01 27.60 -34.65
CA PRO A 282 -49.36 28.45 -33.51
C PRO A 282 -49.89 27.64 -32.35
N ILE A 283 -49.19 27.78 -31.22
CA ILE A 283 -49.53 27.04 -30.03
C ILE A 283 -50.90 27.31 -29.42
N SER A 284 -51.70 28.15 -30.07
CA SER A 284 -53.07 28.40 -29.61
C SER A 284 -53.88 27.26 -30.23
N GLU A 285 -53.31 26.71 -31.29
CA GLU A 285 -53.91 25.62 -32.05
C GLU A 285 -53.32 24.28 -31.64
N HIS A 286 -52.40 24.30 -30.68
CA HIS A 286 -51.86 23.02 -30.26
C HIS A 286 -52.66 22.44 -29.11
N LYS A 287 -53.08 21.19 -29.33
CA LYS A 287 -53.86 20.42 -28.38
C LYS A 287 -53.03 19.17 -28.10
N ILE A 288 -52.53 19.05 -26.88
CA ILE A 288 -51.68 17.92 -26.52
C ILE A 288 -52.33 16.88 -25.62
N LEU A 289 -52.25 15.62 -26.04
CA LEU A 289 -52.81 14.53 -25.27
C LEU A 289 -51.74 13.54 -24.84
N PHE A 290 -51.60 13.38 -23.54
CA PHE A 290 -50.62 12.47 -22.96
C PHE A 290 -51.20 11.10 -22.68
N LEU A 291 -50.45 10.06 -23.03
CA LEU A 291 -50.86 8.70 -22.72
C LEU A 291 -50.02 8.46 -21.47
N GLY A 292 -50.64 8.64 -20.30
CA GLY A 292 -49.95 8.49 -19.04
C GLY A 292 -50.06 9.81 -18.31
N ALA A 293 -49.88 9.78 -16.99
CA ALA A 293 -49.99 10.99 -16.19
C ALA A 293 -49.05 10.88 -14.99
N GLY A 294 -47.88 10.31 -15.22
CA GLY A 294 -46.91 10.14 -14.15
C GLY A 294 -45.70 11.04 -14.24
N GLU A 295 -44.55 10.51 -13.79
CA GLU A 295 -43.30 11.24 -13.78
C GLU A 295 -43.02 12.01 -15.07
N ALA A 296 -43.00 11.32 -16.20
CA ALA A 296 -42.71 11.98 -17.47
C ALA A 296 -43.81 12.93 -17.96
N ALA A 297 -45.05 12.46 -17.95
CA ALA A 297 -46.15 13.30 -18.41
C ALA A 297 -46.22 14.61 -17.65
N LEU A 298 -46.20 14.52 -16.32
CA LEU A 298 -46.27 15.73 -15.50
C LEU A 298 -45.03 16.59 -15.69
N GLY A 299 -43.87 15.96 -15.81
CA GLY A 299 -42.64 16.72 -16.01
C GLY A 299 -42.68 17.45 -17.33
N ILE A 300 -43.03 16.73 -18.39
CA ILE A 300 -43.11 17.32 -19.72
C ILE A 300 -44.16 18.43 -19.77
N ALA A 301 -45.34 18.15 -19.25
CA ALA A 301 -46.43 19.12 -19.23
C ALA A 301 -46.03 20.43 -18.55
N ASN A 302 -45.34 20.33 -17.41
CA ASN A 302 -44.91 21.51 -16.68
C ASN A 302 -43.92 22.36 -17.47
N LEU A 303 -42.98 21.70 -18.16
CA LEU A 303 -42.00 22.45 -18.95
C LEU A 303 -42.68 23.09 -20.16
N ILE A 304 -43.61 22.36 -20.76
CA ILE A 304 -44.35 22.87 -21.90
C ILE A 304 -45.07 24.15 -21.49
N VAL A 305 -45.76 24.10 -20.36
CA VAL A 305 -46.49 25.27 -19.86
C VAL A 305 -45.54 26.45 -19.72
N MET A 306 -44.40 26.23 -19.07
CA MET A 306 -43.40 27.28 -18.88
C MET A 306 -42.96 27.89 -20.19
N SER A 307 -42.91 27.05 -21.23
CA SER A 307 -42.50 27.50 -22.56
C SER A 307 -43.58 28.36 -23.22
N MET A 308 -44.84 27.95 -23.05
CA MET A 308 -45.95 28.70 -23.62
C MET A 308 -46.12 30.02 -22.87
N VAL A 309 -45.85 29.99 -21.57
CA VAL A 309 -45.97 31.17 -20.72
C VAL A 309 -44.97 32.25 -21.11
N GLU A 310 -43.72 31.86 -21.35
CA GLU A 310 -42.72 32.84 -21.72
C GLU A 310 -42.93 33.29 -23.17
N ASN A 311 -43.88 32.66 -23.84
CA ASN A 311 -44.18 32.99 -25.22
C ASN A 311 -45.54 33.66 -25.39
N GLY A 312 -45.97 34.38 -24.35
CA GLY A 312 -47.22 35.12 -24.43
C GLY A 312 -48.53 34.49 -23.98
N LEU A 313 -48.47 33.34 -23.32
CA LEU A 313 -49.71 32.70 -22.85
C LEU A 313 -49.74 32.67 -21.34
N SER A 314 -50.94 32.75 -20.78
CA SER A 314 -51.08 32.69 -19.34
C SER A 314 -50.98 31.22 -18.92
N GLU A 315 -50.54 30.99 -17.69
CA GLU A 315 -50.41 29.63 -17.18
C GLU A 315 -51.72 28.87 -17.36
N GLN A 316 -52.84 29.53 -17.05
CA GLN A 316 -54.15 28.93 -17.18
C GLN A 316 -54.41 28.49 -18.62
N GLU A 317 -54.25 29.42 -19.55
CA GLU A 317 -54.47 29.13 -20.97
C GLU A 317 -53.62 27.97 -21.46
N ALA A 318 -52.33 27.99 -21.10
CA ALA A 318 -51.41 26.93 -21.52
C ALA A 318 -51.82 25.56 -21.01
N GLN A 319 -52.16 25.47 -19.73
CA GLN A 319 -52.57 24.20 -19.13
C GLN A 319 -53.82 23.62 -19.77
N LYS A 320 -54.73 24.48 -20.22
CA LYS A 320 -55.98 24.03 -20.84
C LYS A 320 -55.75 23.29 -22.14
N LYS A 321 -54.61 23.51 -22.77
CA LYS A 321 -54.29 22.85 -24.03
C LYS A 321 -53.73 21.44 -23.82
N ILE A 322 -53.57 21.06 -22.56
CA ILE A 322 -53.01 19.76 -22.22
C ILE A 322 -53.97 18.80 -21.54
N TRP A 323 -54.08 17.60 -22.11
CA TRP A 323 -54.95 16.55 -21.56
C TRP A 323 -54.11 15.32 -21.28
N MET A 324 -54.52 14.54 -20.29
CA MET A 324 -53.79 13.31 -19.94
C MET A 324 -54.76 12.14 -19.78
N PHE A 325 -54.31 10.96 -20.21
CA PHE A 325 -55.09 9.74 -20.15
C PHE A 325 -54.24 8.65 -19.52
N ASP A 326 -54.49 8.31 -18.25
CA ASP A 326 -53.71 7.27 -17.59
C ASP A 326 -54.37 5.90 -17.67
N LYS A 327 -53.89 4.95 -16.86
CA LYS A 327 -54.44 3.59 -16.86
C LYS A 327 -55.93 3.51 -16.52
N TYR A 328 -56.49 4.58 -15.97
CA TYR A 328 -57.91 4.56 -15.63
C TYR A 328 -58.74 5.34 -16.65
N GLY A 329 -58.06 6.04 -17.55
CA GLY A 329 -58.77 6.82 -18.56
C GLY A 329 -58.41 8.29 -18.56
N LEU A 330 -59.29 9.10 -19.11
CA LEU A 330 -59.07 10.54 -19.20
C LEU A 330 -59.16 11.25 -17.85
N LEU A 331 -58.18 12.07 -17.56
CA LEU A 331 -58.18 12.83 -16.31
C LEU A 331 -59.20 13.96 -16.45
N VAL A 332 -60.39 13.75 -15.90
CA VAL A 332 -61.44 14.77 -15.96
C VAL A 332 -61.98 15.06 -14.56
N LYS A 333 -62.37 16.30 -14.32
CA LYS A 333 -62.90 16.68 -13.01
C LYS A 333 -64.03 15.76 -12.60
N GLY A 334 -63.95 15.22 -11.39
CA GLY A 334 -64.98 14.34 -10.90
C GLY A 334 -64.91 12.88 -11.31
N ARG A 335 -63.80 12.44 -11.88
CA ARG A 335 -63.69 11.03 -12.27
C ARG A 335 -63.48 10.19 -11.01
N LYS A 336 -63.74 8.90 -11.12
CA LYS A 336 -63.59 7.98 -9.99
C LYS A 336 -62.14 7.86 -9.54
N ALA A 337 -61.24 7.62 -10.48
CA ALA A 337 -59.81 7.47 -10.19
C ALA A 337 -59.21 8.72 -9.57
N LYS A 338 -58.25 8.51 -8.67
CA LYS A 338 -57.56 9.59 -7.98
C LYS A 338 -56.85 10.60 -8.87
N ILE A 339 -56.82 11.84 -8.39
CA ILE A 339 -56.18 12.96 -9.07
C ILE A 339 -55.45 13.75 -7.98
N ASP A 340 -54.13 13.80 -8.04
CA ASP A 340 -53.38 14.53 -7.01
C ASP A 340 -53.16 15.99 -7.42
N SER A 341 -52.45 16.73 -6.57
CA SER A 341 -52.21 18.15 -6.82
C SER A 341 -51.39 18.43 -8.07
N TYR A 342 -50.53 17.49 -8.47
CA TYR A 342 -49.72 17.70 -9.66
C TYR A 342 -50.55 17.54 -10.93
N GLN A 343 -51.52 16.62 -10.90
CA GLN A 343 -52.36 16.36 -12.05
C GLN A 343 -53.54 17.32 -12.17
N GLU A 344 -53.95 17.89 -11.05
CA GLU A 344 -55.09 18.81 -11.01
C GLU A 344 -55.09 19.86 -12.12
N PRO A 345 -53.98 20.59 -12.31
CA PRO A 345 -53.90 21.62 -13.36
C PRO A 345 -54.20 21.12 -14.77
N PHE A 346 -54.11 19.81 -14.98
CA PHE A 346 -54.37 19.23 -16.30
C PHE A 346 -55.61 18.35 -16.33
N THR A 347 -56.43 18.47 -15.30
CA THR A 347 -57.67 17.72 -15.20
C THR A 347 -58.79 18.71 -15.50
N HIS A 348 -59.40 18.57 -16.67
CA HIS A 348 -60.44 19.49 -17.11
C HIS A 348 -61.85 18.91 -17.05
N SER A 349 -62.84 19.79 -17.17
CA SER A 349 -64.23 19.36 -17.15
C SER A 349 -64.40 18.33 -18.26
N ALA A 350 -65.07 17.23 -17.95
CA ALA A 350 -65.28 16.16 -18.91
C ALA A 350 -65.82 16.68 -20.25
N PRO A 351 -65.34 16.09 -21.36
CA PRO A 351 -65.79 16.50 -22.69
C PRO A 351 -67.20 15.97 -22.92
N GLU A 352 -67.76 16.29 -24.09
CA GLU A 352 -69.10 15.86 -24.45
C GLU A 352 -69.29 14.41 -24.04
N SER A 353 -68.43 13.53 -24.55
CA SER A 353 -68.49 12.12 -24.22
C SER A 353 -67.16 11.69 -23.60
N ILE A 354 -67.22 10.67 -22.76
CA ILE A 354 -66.03 10.17 -22.09
C ILE A 354 -65.47 8.97 -22.84
N PRO A 355 -64.17 9.03 -23.21
CA PRO A 355 -63.50 7.94 -23.93
C PRO A 355 -63.17 6.73 -23.09
N ASP A 356 -63.26 5.55 -23.71
CA ASP A 356 -62.93 4.30 -23.02
C ASP A 356 -61.47 3.95 -23.28
N THR A 357 -61.06 4.09 -24.54
CA THR A 357 -59.68 3.79 -24.96
C THR A 357 -58.97 5.05 -25.38
N PHE A 358 -57.65 4.95 -25.56
CA PHE A 358 -56.88 6.13 -25.97
C PHE A 358 -57.36 6.53 -27.36
N GLU A 359 -57.76 5.53 -28.14
CA GLU A 359 -58.27 5.76 -29.48
C GLU A 359 -59.49 6.68 -29.37
N ASP A 360 -60.40 6.36 -28.46
CA ASP A 360 -61.59 7.18 -28.27
C ASP A 360 -61.18 8.59 -27.87
N ALA A 361 -60.15 8.68 -27.02
CA ALA A 361 -59.66 9.96 -26.53
C ALA A 361 -59.17 10.82 -27.68
N VAL A 362 -58.47 10.19 -28.62
CA VAL A 362 -57.95 10.89 -29.79
C VAL A 362 -59.10 11.42 -30.64
N ASN A 363 -60.08 10.58 -30.92
CA ASN A 363 -61.21 10.99 -31.75
C ASN A 363 -62.12 12.04 -31.10
N ILE A 364 -62.25 12.00 -29.78
CA ILE A 364 -63.08 12.96 -29.07
C ILE A 364 -62.37 14.30 -28.82
N LEU A 365 -61.09 14.25 -28.47
CA LEU A 365 -60.33 15.46 -28.21
C LEU A 365 -59.68 16.04 -29.46
N LYS A 366 -59.43 15.19 -30.46
CA LYS A 366 -58.80 15.64 -31.69
C LYS A 366 -57.51 16.41 -31.42
N PRO A 367 -56.58 15.79 -30.67
CA PRO A 367 -55.30 16.44 -30.36
C PRO A 367 -54.47 16.54 -31.62
N SER A 368 -53.49 17.43 -31.61
CA SER A 368 -52.60 17.60 -32.74
C SER A 368 -51.26 16.94 -32.39
N THR A 369 -51.07 16.69 -31.09
CA THR A 369 -49.86 16.07 -30.59
C THR A 369 -50.19 14.96 -29.61
N ILE A 370 -49.53 13.82 -29.80
CA ILE A 370 -49.74 12.69 -28.91
C ILE A 370 -48.39 12.24 -28.33
N ILE A 371 -48.31 12.22 -26.99
CA ILE A 371 -47.09 11.84 -26.30
C ILE A 371 -47.27 10.58 -25.45
N GLY A 372 -46.60 9.51 -25.88
CA GLY A 372 -46.68 8.24 -25.18
C GLY A 372 -45.64 8.11 -24.09
N VAL A 373 -46.11 8.02 -22.86
CA VAL A 373 -45.20 7.93 -21.75
C VAL A 373 -45.86 7.14 -20.60
N ALA A 374 -46.35 5.96 -20.95
CA ALA A 374 -47.03 5.08 -20.01
C ALA A 374 -46.22 3.83 -19.66
N GLY A 375 -45.10 3.63 -20.36
CA GLY A 375 -44.25 2.48 -20.12
C GLY A 375 -45.02 1.18 -20.08
N ALA A 376 -46.07 1.08 -20.90
CA ALA A 376 -46.91 -0.11 -20.91
C ALA A 376 -47.04 -0.85 -22.25
N GLY A 377 -46.13 -0.63 -23.18
CA GLY A 377 -46.25 -1.33 -24.45
C GLY A 377 -46.88 -0.53 -25.58
N ARG A 378 -47.22 -1.23 -26.67
CA ARG A 378 -47.78 -0.62 -27.88
C ARG A 378 -49.19 -0.04 -27.76
N LEU A 379 -49.36 0.94 -26.90
CA LEU A 379 -50.67 1.57 -26.72
C LEU A 379 -51.06 2.51 -27.86
N PHE A 380 -50.08 2.90 -28.67
CA PHE A 380 -50.35 3.73 -29.83
C PHE A 380 -50.58 2.73 -30.97
N THR A 381 -51.78 2.18 -31.00
CA THR A 381 -52.18 1.19 -31.99
C THR A 381 -52.30 1.77 -33.39
N PRO A 382 -52.28 0.90 -34.41
CA PRO A 382 -52.40 1.35 -35.79
C PRO A 382 -53.62 2.26 -35.94
N ASP A 383 -54.71 1.92 -35.25
CA ASP A 383 -55.93 2.73 -35.32
C ASP A 383 -55.71 4.11 -34.67
N VAL A 384 -54.94 4.14 -33.58
CA VAL A 384 -54.66 5.40 -32.92
C VAL A 384 -53.87 6.29 -33.88
N ILE A 385 -52.84 5.70 -34.50
CA ILE A 385 -52.00 6.42 -35.44
C ILE A 385 -52.79 6.87 -36.69
N ARG A 386 -53.68 6.02 -37.17
CA ARG A 386 -54.49 6.38 -38.32
C ARG A 386 -55.39 7.57 -37.98
N ALA A 387 -55.95 7.55 -36.77
CA ALA A 387 -56.82 8.63 -36.30
C ALA A 387 -56.08 9.97 -36.28
N MET A 388 -54.83 9.95 -35.81
CA MET A 388 -54.04 11.17 -35.74
C MET A 388 -53.71 11.70 -37.13
N ALA A 389 -53.61 10.79 -38.10
CA ALA A 389 -53.29 11.14 -39.48
C ALA A 389 -54.50 11.68 -40.24
N SER A 390 -55.70 11.27 -39.81
CA SER A 390 -56.91 11.74 -40.48
C SER A 390 -57.36 13.06 -39.86
N ILE A 391 -57.06 13.24 -38.58
CA ILE A 391 -57.41 14.47 -37.86
C ILE A 391 -56.42 15.61 -38.10
N ASN A 392 -55.15 15.27 -38.32
CA ASN A 392 -54.13 16.29 -38.54
C ASN A 392 -53.37 16.09 -39.83
N GLU A 393 -52.92 17.19 -40.41
CA GLU A 393 -52.14 17.11 -41.64
C GLU A 393 -50.75 16.58 -41.27
N ARG A 394 -50.19 17.15 -40.21
CA ARG A 394 -48.86 16.76 -39.74
C ARG A 394 -48.92 16.45 -38.24
N PRO A 395 -49.43 15.26 -37.88
CA PRO A 395 -49.52 14.88 -36.47
C PRO A 395 -48.17 14.67 -35.82
N VAL A 396 -48.06 15.08 -34.56
CA VAL A 396 -46.85 14.90 -33.79
C VAL A 396 -47.10 13.68 -32.92
N ILE A 397 -46.25 12.67 -33.08
CA ILE A 397 -46.37 11.41 -32.34
C ILE A 397 -45.06 11.04 -31.65
N PHE A 398 -45.10 11.04 -30.33
CA PHE A 398 -43.93 10.70 -29.51
C PHE A 398 -44.18 9.40 -28.74
N ALA A 399 -43.35 8.39 -28.97
CA ALA A 399 -43.47 7.11 -28.27
C ALA A 399 -42.19 7.01 -27.45
N LEU A 400 -42.20 7.67 -26.28
CA LEU A 400 -41.02 7.74 -25.42
C LEU A 400 -40.70 6.65 -24.40
N SER A 401 -41.59 5.70 -24.19
CA SER A 401 -41.34 4.65 -23.21
C SER A 401 -40.21 3.69 -23.61
N ASN A 402 -39.35 3.37 -22.65
CA ASN A 402 -38.23 2.47 -22.89
C ASN A 402 -38.41 1.24 -22.01
N PRO A 403 -37.81 0.09 -22.40
CA PRO A 403 -37.01 -0.09 -23.62
C PRO A 403 -37.92 -0.28 -24.84
N THR A 404 -37.33 -0.64 -25.97
CA THR A 404 -38.08 -0.83 -27.22
C THR A 404 -39.42 -1.56 -27.12
N ALA A 405 -39.46 -2.68 -26.41
CA ALA A 405 -40.70 -3.45 -26.28
C ALA A 405 -41.80 -2.69 -25.53
N GLN A 406 -41.41 -1.66 -24.78
CA GLN A 406 -42.40 -0.89 -24.03
C GLN A 406 -42.88 0.33 -24.79
N ALA A 407 -42.22 0.63 -25.90
CA ALA A 407 -42.57 1.79 -26.73
C ALA A 407 -44.02 1.74 -27.21
N GLU A 408 -44.68 2.90 -27.23
CA GLU A 408 -46.08 2.98 -27.67
C GLU A 408 -46.28 2.54 -29.11
N CYS A 409 -45.24 2.68 -29.93
CA CYS A 409 -45.29 2.25 -31.33
C CYS A 409 -43.91 2.40 -31.95
N THR A 410 -43.69 1.77 -33.11
CA THR A 410 -42.40 1.86 -33.79
C THR A 410 -42.38 3.00 -34.78
N ALA A 411 -41.19 3.31 -35.29
CA ALA A 411 -41.02 4.36 -36.28
C ALA A 411 -41.71 3.90 -37.57
N GLU A 412 -41.53 2.62 -37.88
CA GLU A 412 -42.12 2.00 -39.06
C GLU A 412 -43.62 2.25 -39.09
N GLU A 413 -44.27 1.91 -37.98
CA GLU A 413 -45.70 2.07 -37.85
C GLU A 413 -46.15 3.52 -37.99
N ALA A 414 -45.46 4.42 -37.29
CA ALA A 414 -45.81 5.84 -37.34
C ALA A 414 -45.70 6.45 -38.73
N TYR A 415 -44.55 6.28 -39.38
CA TYR A 415 -44.35 6.86 -40.71
C TYR A 415 -45.25 6.26 -41.78
N THR A 416 -45.35 4.93 -41.80
CA THR A 416 -46.15 4.25 -42.81
C THR A 416 -47.64 4.54 -42.66
N LEU A 417 -48.16 4.40 -41.44
CA LEU A 417 -49.57 4.62 -41.20
C LEU A 417 -50.05 6.08 -41.39
N THR A 418 -49.13 7.03 -41.31
CA THR A 418 -49.49 8.44 -41.50
C THR A 418 -49.00 8.90 -42.87
N GLU A 419 -48.57 7.95 -43.69
CA GLU A 419 -48.09 8.24 -45.02
C GLU A 419 -46.98 9.28 -45.05
N GLY A 420 -46.09 9.18 -44.05
CA GLY A 420 -44.97 10.09 -43.95
C GLY A 420 -45.29 11.53 -43.55
N ARG A 421 -46.47 11.76 -42.99
CA ARG A 421 -46.87 13.10 -42.60
C ARG A 421 -46.60 13.42 -41.13
N CYS A 422 -46.33 12.38 -40.34
CA CYS A 422 -46.08 12.57 -38.91
C CYS A 422 -44.69 13.03 -38.59
N LEU A 423 -44.55 13.69 -37.45
CA LEU A 423 -43.27 14.13 -36.94
C LEU A 423 -43.13 13.17 -35.75
N PHE A 424 -42.23 12.20 -35.88
CA PHE A 424 -42.04 11.17 -34.85
C PHE A 424 -40.71 11.18 -34.11
N ALA A 425 -40.77 10.73 -32.86
CA ALA A 425 -39.60 10.62 -31.99
C ALA A 425 -39.90 9.52 -31.00
N SER A 426 -38.86 8.81 -30.57
CA SER A 426 -39.01 7.72 -29.60
C SER A 426 -37.90 7.74 -28.56
N GLY A 427 -38.14 7.07 -27.44
CA GLY A 427 -37.12 7.02 -26.40
C GLY A 427 -36.04 6.03 -26.77
N SER A 428 -36.45 4.93 -27.40
CA SER A 428 -35.54 3.88 -27.82
C SER A 428 -35.28 3.98 -29.32
N PRO A 429 -34.08 3.59 -29.76
CA PRO A 429 -33.68 3.65 -31.17
C PRO A 429 -34.38 2.78 -32.21
N PHE A 430 -34.65 3.41 -33.36
CA PHE A 430 -35.27 2.76 -34.50
C PHE A 430 -34.48 3.17 -35.73
N GLY A 431 -34.33 2.24 -36.67
CA GLY A 431 -33.60 2.55 -37.88
C GLY A 431 -34.43 3.42 -38.81
N PRO A 432 -33.83 3.94 -39.89
CA PRO A 432 -34.55 4.79 -40.84
C PRO A 432 -35.67 3.98 -41.49
N VAL A 433 -36.72 4.68 -41.91
CA VAL A 433 -37.87 4.04 -42.53
C VAL A 433 -38.06 4.54 -43.96
N LYS A 434 -38.17 3.60 -44.90
CA LYS A 434 -38.35 3.93 -46.30
C LYS A 434 -39.75 3.53 -46.74
N LEU A 435 -40.53 4.50 -47.21
CA LEU A 435 -41.90 4.23 -47.65
C LEU A 435 -41.93 3.77 -49.11
N THR A 436 -43.08 3.24 -49.53
CA THR A 436 -43.24 2.74 -50.89
C THR A 436 -42.93 3.79 -51.96
N ASP A 437 -43.08 5.07 -51.61
CA ASP A 437 -42.80 6.14 -52.54
C ASP A 437 -41.32 6.51 -52.57
N GLY A 438 -40.50 5.74 -51.86
CA GLY A 438 -39.07 6.02 -51.86
C GLY A 438 -38.55 6.98 -50.79
N ARG A 439 -39.43 7.76 -50.18
CA ARG A 439 -38.99 8.70 -49.13
C ARG A 439 -38.43 7.96 -47.92
N VAL A 440 -37.30 8.46 -47.42
CA VAL A 440 -36.64 7.86 -46.27
C VAL A 440 -36.77 8.80 -45.08
N PHE A 441 -37.20 8.25 -43.96
CA PHE A 441 -37.39 9.02 -42.74
C PHE A 441 -36.45 8.52 -41.65
N THR A 442 -35.77 9.46 -41.01
CA THR A 442 -34.83 9.13 -39.94
C THR A 442 -35.41 9.63 -38.61
N PRO A 443 -35.96 8.72 -37.80
CA PRO A 443 -36.56 9.07 -36.51
C PRO A 443 -35.53 9.52 -35.49
N GLY A 444 -35.88 10.57 -34.74
CA GLY A 444 -34.99 11.08 -33.71
C GLY A 444 -35.28 10.38 -32.41
N GLN A 445 -34.30 10.36 -31.51
CA GLN A 445 -34.48 9.70 -30.22
C GLN A 445 -34.66 10.72 -29.10
N GLY A 446 -35.90 10.91 -28.67
CA GLY A 446 -36.17 11.85 -27.59
C GLY A 446 -35.91 11.18 -26.26
N ASN A 447 -34.64 10.92 -25.97
CA ASN A 447 -34.23 10.25 -24.74
C ASN A 447 -33.43 11.25 -23.91
N ASN A 448 -33.58 11.23 -22.59
CA ASN A 448 -32.85 12.18 -21.75
C ASN A 448 -31.33 12.16 -21.85
N VAL A 449 -30.77 11.17 -22.54
CA VAL A 449 -29.33 11.13 -22.71
C VAL A 449 -28.86 12.41 -23.41
N TYR A 450 -29.77 13.10 -24.09
CA TYR A 450 -29.41 14.34 -24.77
C TYR A 450 -29.35 15.50 -23.79
N ILE A 451 -29.88 15.28 -22.59
CA ILE A 451 -29.92 16.33 -21.59
C ILE A 451 -29.07 16.21 -20.32
N PHE A 452 -29.18 15.09 -19.62
CA PHE A 452 -28.43 14.99 -18.37
C PHE A 452 -26.91 15.14 -18.46
N PRO A 453 -26.29 14.70 -19.56
CA PRO A 453 -24.83 14.87 -19.62
C PRO A 453 -24.41 16.35 -19.64
N GLY A 454 -25.08 17.13 -20.48
CA GLY A 454 -24.75 18.55 -20.59
C GLY A 454 -25.14 19.36 -19.36
N VAL A 455 -26.28 19.04 -18.77
CA VAL A 455 -26.74 19.75 -17.58
C VAL A 455 -25.82 19.40 -16.41
N ALA A 456 -25.47 18.12 -16.29
CA ALA A 456 -24.58 17.68 -15.22
C ALA A 456 -23.24 18.41 -15.27
N LEU A 457 -22.69 18.55 -16.48
CA LEU A 457 -21.40 19.21 -16.64
C LEU A 457 -21.43 20.68 -16.21
N ALA A 458 -22.50 21.37 -16.59
CA ALA A 458 -22.65 22.79 -16.27
C ALA A 458 -22.81 22.99 -14.77
N VAL A 459 -23.67 22.18 -14.15
CA VAL A 459 -23.92 22.26 -12.72
C VAL A 459 -22.64 21.96 -11.93
N ILE A 460 -21.88 20.96 -12.38
CA ILE A 460 -20.65 20.61 -11.69
C ILE A 460 -19.62 21.74 -11.81
N LEU A 461 -19.33 22.16 -13.03
CA LEU A 461 -18.34 23.22 -13.24
C LEU A 461 -18.69 24.57 -12.61
N CYS A 462 -19.98 24.84 -12.47
CA CYS A 462 -20.43 26.08 -11.86
C CYS A 462 -20.64 25.98 -10.37
N ASN A 463 -20.40 24.81 -9.80
CA ASN A 463 -20.58 24.61 -8.37
C ASN A 463 -22.00 25.08 -8.00
N THR A 464 -22.95 24.82 -8.89
CA THR A 464 -24.33 25.21 -8.65
C THR A 464 -24.87 24.47 -7.43
N ARG A 465 -25.67 25.15 -6.63
CA ARG A 465 -26.22 24.58 -5.42
C ARG A 465 -27.58 23.93 -5.58
N HIS A 466 -28.43 24.53 -6.41
CA HIS A 466 -29.76 23.98 -6.63
C HIS A 466 -30.13 24.14 -8.10
N ILE A 467 -30.97 23.24 -8.59
CA ILE A 467 -31.39 23.25 -9.99
C ILE A 467 -32.86 23.60 -10.17
N SER A 468 -33.14 24.76 -10.74
CA SER A 468 -34.51 25.19 -10.96
C SER A 468 -35.07 24.57 -12.24
N ASP A 469 -36.40 24.63 -12.42
CA ASP A 469 -37.00 24.08 -13.63
C ASP A 469 -36.49 24.85 -14.85
N SER A 470 -36.25 26.14 -14.66
CA SER A 470 -35.77 27.00 -15.73
C SER A 470 -34.51 26.48 -16.38
N VAL A 471 -33.67 25.80 -15.60
CA VAL A 471 -32.43 25.24 -16.12
C VAL A 471 -32.74 24.22 -17.21
N PHE A 472 -33.78 23.42 -16.99
CA PHE A 472 -34.15 22.41 -17.97
C PHE A 472 -34.80 23.06 -19.19
N LEU A 473 -35.49 24.17 -18.97
CA LEU A 473 -36.14 24.89 -20.06
C LEU A 473 -35.01 25.35 -20.98
N GLU A 474 -33.96 25.91 -20.37
CA GLU A 474 -32.79 26.38 -21.13
C GLU A 474 -32.11 25.23 -21.84
N ALA A 475 -31.94 24.11 -21.15
CA ALA A 475 -31.28 22.95 -21.74
C ALA A 475 -32.05 22.50 -22.98
N ALA A 476 -33.38 22.55 -22.90
CA ALA A 476 -34.23 22.15 -24.01
C ALA A 476 -33.99 23.06 -25.21
N LYS A 477 -33.92 24.37 -24.98
CA LYS A 477 -33.67 25.32 -26.05
C LYS A 477 -32.27 25.12 -26.61
N ALA A 478 -31.31 24.85 -25.72
CA ALA A 478 -29.94 24.65 -26.14
C ALA A 478 -29.82 23.43 -27.04
N LEU A 479 -30.59 22.39 -26.74
CA LEU A 479 -30.56 21.18 -27.56
C LEU A 479 -31.10 21.46 -28.95
N THR A 480 -32.34 21.91 -29.03
CA THR A 480 -32.97 22.19 -30.32
C THR A 480 -32.25 23.27 -31.14
N SER A 481 -31.62 24.23 -30.50
CA SER A 481 -30.93 25.30 -31.24
C SER A 481 -29.76 24.76 -32.05
N GLN A 482 -29.36 23.52 -31.78
CA GLN A 482 -28.24 22.92 -32.49
C GLN A 482 -28.63 22.22 -33.79
N LEU A 483 -29.94 22.14 -34.05
CA LEU A 483 -30.41 21.51 -35.27
C LEU A 483 -30.17 22.46 -36.44
N THR A 484 -29.75 21.93 -37.57
CA THR A 484 -29.52 22.77 -38.75
C THR A 484 -30.74 22.61 -39.67
N ASP A 485 -31.06 23.66 -40.42
CA ASP A 485 -32.19 23.63 -41.35
C ASP A 485 -32.20 22.37 -42.20
N GLU A 486 -31.03 21.93 -42.63
CA GLU A 486 -30.92 20.73 -43.46
C GLU A 486 -31.38 19.48 -42.71
N GLU A 487 -31.11 19.44 -41.42
CA GLU A 487 -31.49 18.30 -40.60
C GLU A 487 -33.00 18.32 -40.32
N LEU A 488 -33.57 19.51 -40.24
CA LEU A 488 -35.01 19.64 -40.00
C LEU A 488 -35.76 18.94 -41.15
N ALA A 489 -35.36 19.27 -42.38
CA ALA A 489 -35.97 18.70 -43.57
C ALA A 489 -35.87 17.17 -43.62
N GLN A 490 -34.88 16.62 -42.93
CA GLN A 490 -34.68 15.18 -42.90
C GLN A 490 -35.69 14.47 -41.99
N GLY A 491 -36.44 15.26 -41.24
CA GLY A 491 -37.40 14.69 -40.31
C GLY A 491 -36.74 14.58 -38.95
N ARG A 492 -35.59 15.26 -38.84
CA ARG A 492 -34.81 15.27 -37.61
C ARG A 492 -35.37 16.23 -36.58
N LEU A 493 -35.74 15.72 -35.41
CA LEU A 493 -36.27 16.54 -34.34
C LEU A 493 -35.18 16.72 -33.29
N TYR A 494 -34.05 16.06 -33.50
CA TYR A 494 -32.91 16.14 -32.59
C TYR A 494 -31.60 16.03 -33.36
N PRO A 495 -30.54 16.64 -32.84
CA PRO A 495 -29.23 16.58 -33.51
C PRO A 495 -28.85 15.11 -33.66
N PRO A 496 -28.06 14.78 -34.69
CA PRO A 496 -27.66 13.38 -34.89
C PRO A 496 -26.97 12.82 -33.65
N LEU A 497 -27.31 11.58 -33.29
CA LEU A 497 -26.74 10.93 -32.13
C LEU A 497 -25.23 10.84 -32.22
N ALA A 498 -24.72 10.73 -33.44
CA ALA A 498 -23.28 10.64 -33.66
C ALA A 498 -22.55 11.88 -33.17
N ASN A 499 -23.27 12.98 -33.02
CA ASN A 499 -22.66 14.23 -32.57
C ASN A 499 -22.98 14.57 -31.12
N ILE A 500 -23.48 13.58 -30.37
CA ILE A 500 -23.85 13.81 -28.98
C ILE A 500 -22.77 14.41 -28.07
N GLN A 501 -21.50 14.18 -28.37
CA GLN A 501 -20.43 14.76 -27.56
C GLN A 501 -20.45 16.28 -27.66
N GLU A 502 -20.28 16.79 -28.88
CA GLU A 502 -20.28 18.24 -29.05
C GLU A 502 -21.62 18.87 -28.67
N VAL A 503 -22.71 18.14 -28.92
CA VAL A 503 -24.03 18.64 -28.57
C VAL A 503 -24.13 18.82 -27.05
N SER A 504 -23.61 17.84 -26.30
CA SER A 504 -23.65 17.90 -24.85
C SER A 504 -22.79 19.06 -24.34
N ILE A 505 -21.60 19.24 -24.92
CA ILE A 505 -20.72 20.32 -24.51
C ILE A 505 -21.39 21.68 -24.75
N ASN A 506 -22.01 21.85 -25.92
CA ASN A 506 -22.68 23.11 -26.24
C ASN A 506 -23.83 23.36 -25.28
N ILE A 507 -24.55 22.30 -24.90
CA ILE A 507 -25.64 22.47 -23.95
C ILE A 507 -25.02 22.92 -22.63
N ALA A 508 -23.95 22.25 -22.22
CA ALA A 508 -23.27 22.60 -20.99
C ALA A 508 -22.88 24.08 -21.02
N ILE A 509 -22.35 24.52 -22.15
CA ILE A 509 -21.92 25.91 -22.30
C ILE A 509 -23.11 26.86 -22.13
N LYS A 510 -24.20 26.57 -22.82
CA LYS A 510 -25.39 27.41 -22.74
C LYS A 510 -25.97 27.44 -21.34
N VAL A 511 -25.95 26.29 -20.66
CA VAL A 511 -26.48 26.21 -19.31
C VAL A 511 -25.60 26.95 -18.31
N THR A 512 -24.28 26.90 -18.47
CA THR A 512 -23.42 27.61 -17.52
C THR A 512 -23.62 29.10 -17.71
N GLU A 513 -23.70 29.55 -18.96
CA GLU A 513 -23.91 30.97 -19.23
C GLU A 513 -25.22 31.39 -18.57
N TYR A 514 -26.20 30.50 -18.60
CA TYR A 514 -27.48 30.78 -17.98
C TYR A 514 -27.34 30.85 -16.46
N LEU A 515 -26.56 29.94 -15.90
CA LEU A 515 -26.35 29.90 -14.46
C LEU A 515 -25.66 31.18 -13.97
N TYR A 516 -24.64 31.65 -14.69
CA TYR A 516 -23.96 32.87 -14.29
C TYR A 516 -24.88 34.08 -14.36
N ALA A 517 -25.61 34.20 -15.47
CA ALA A 517 -26.53 35.30 -15.67
C ALA A 517 -27.60 35.37 -14.59
N ASN A 518 -27.89 34.23 -13.97
CA ASN A 518 -28.91 34.18 -12.93
C ASN A 518 -28.36 33.92 -11.54
N LYS A 519 -27.11 34.32 -11.33
CA LYS A 519 -26.43 34.18 -10.03
C LYS A 519 -26.58 32.80 -9.41
N MET A 520 -26.38 31.75 -10.21
CA MET A 520 -26.50 30.39 -9.69
C MET A 520 -25.17 29.64 -9.77
N ALA A 521 -24.14 30.35 -10.18
CA ALA A 521 -22.81 29.77 -10.30
C ALA A 521 -21.93 30.37 -9.21
N PHE A 522 -21.04 29.55 -8.64
CA PHE A 522 -20.15 29.99 -7.57
C PHE A 522 -18.75 29.47 -7.80
N VAL A 523 -18.09 30.04 -8.81
CA VAL A 523 -16.74 29.62 -9.15
C VAL A 523 -15.78 30.79 -9.09
N TYR A 524 -14.64 30.58 -8.43
CA TYR A 524 -13.65 31.63 -8.30
C TYR A 524 -12.23 31.18 -8.69
N PRO A 525 -11.59 31.95 -9.59
CA PRO A 525 -12.17 33.16 -10.18
C PRO A 525 -13.16 32.80 -11.30
N GLU A 526 -14.02 33.75 -11.64
CA GLU A 526 -15.00 33.54 -12.70
C GLU A 526 -14.30 33.62 -14.05
N PRO A 527 -14.28 32.53 -14.84
CA PRO A 527 -13.63 32.55 -16.16
C PRO A 527 -14.34 33.58 -17.04
N GLU A 528 -13.57 34.32 -17.84
CA GLU A 528 -14.13 35.35 -18.72
C GLU A 528 -14.79 34.73 -19.93
N ASP A 529 -14.19 33.66 -20.43
CA ASP A 529 -14.69 32.95 -21.59
C ASP A 529 -15.29 31.62 -21.12
N LYS A 530 -16.61 31.58 -20.93
CA LYS A 530 -17.28 30.38 -20.45
C LYS A 530 -17.07 29.18 -21.37
N ALA A 531 -17.27 29.39 -22.66
CA ALA A 531 -17.11 28.31 -23.62
C ALA A 531 -15.72 27.70 -23.51
N LYS A 532 -14.69 28.54 -23.49
CA LYS A 532 -13.32 28.05 -23.40
C LYS A 532 -13.10 27.30 -22.09
N TYR A 533 -13.66 27.82 -21.01
CA TYR A 533 -13.52 27.22 -19.71
C TYR A 533 -14.11 25.80 -19.69
N VAL A 534 -15.32 25.66 -20.18
CA VAL A 534 -15.98 24.35 -20.22
C VAL A 534 -15.18 23.31 -20.99
N LYS A 535 -14.79 23.65 -22.21
CA LYS A 535 -14.03 22.76 -23.08
C LYS A 535 -12.66 22.36 -22.50
N GLU A 536 -12.04 23.28 -21.76
CA GLU A 536 -10.75 23.00 -21.15
C GLU A 536 -10.85 22.05 -19.96
N GLN A 537 -12.01 22.04 -19.32
CA GLN A 537 -12.25 21.22 -18.14
C GLN A 537 -12.63 19.75 -18.43
N THR A 538 -12.98 19.44 -19.67
CA THR A 538 -13.38 18.09 -20.03
C THR A 538 -12.30 17.01 -19.96
N TRP A 539 -12.66 15.87 -19.39
CA TRP A 539 -11.76 14.74 -19.25
C TRP A 539 -11.55 14.15 -20.64
N ARG A 540 -10.34 13.70 -20.92
CA ARG A 540 -10.00 13.12 -22.22
C ARG A 540 -9.62 11.64 -22.08
N SER A 541 -9.93 10.85 -23.09
CA SER A 541 -9.63 9.43 -23.06
C SER A 541 -8.17 9.09 -23.42
N GLU A 542 -7.39 10.11 -23.81
CA GLU A 542 -5.98 9.88 -24.17
C GLU A 542 -5.19 9.50 -22.91
N TYR A 543 -4.26 8.56 -23.07
CA TYR A 543 -3.45 8.14 -21.94
C TYR A 543 -2.60 9.30 -21.42
N ASP A 544 -2.41 9.32 -20.11
CA ASP A 544 -1.58 10.35 -19.48
C ASP A 544 -0.24 9.72 -19.16
N SER A 545 0.81 10.52 -19.11
CA SER A 545 2.12 10.00 -18.77
C SER A 545 2.12 9.72 -17.26
N LEU A 546 2.67 8.59 -16.86
CA LEU A 546 2.73 8.24 -15.44
C LEU A 546 4.18 8.35 -14.96
N LEU A 547 5.04 8.88 -15.82
CA LEU A 547 6.45 9.02 -15.49
C LEU A 547 6.74 10.03 -14.40
N PRO A 548 7.62 9.68 -13.46
CA PRO A 548 7.98 10.60 -12.37
C PRO A 548 8.74 11.75 -13.03
N ASP A 549 8.70 12.94 -12.44
CA ASP A 549 9.41 14.07 -13.01
C ASP A 549 10.90 13.95 -12.70
N VAL A 550 11.70 13.59 -13.71
CA VAL A 550 13.13 13.44 -13.53
C VAL A 550 13.88 14.51 -14.31
N TYR A 551 14.82 15.19 -13.66
CA TYR A 551 15.58 16.26 -14.31
C TYR A 551 16.91 16.52 -13.62
N GLU A 552 17.79 17.23 -14.31
CA GLU A 552 19.12 17.55 -13.81
C GLU A 552 19.20 18.85 -12.99
N TRP A 553 20.02 18.82 -11.94
CA TRP A 553 20.24 19.98 -11.08
C TRP A 553 21.48 20.74 -11.56
N PRO A 554 21.41 22.08 -11.62
CA PRO A 554 22.54 22.89 -12.06
C PRO A 554 23.65 22.97 -11.01
N HIS B 1 -4.52 -14.48 7.19
CA HIS B 1 -3.95 -13.14 7.34
C HIS B 1 -3.46 -12.55 6.02
N ILE B 2 -3.88 -11.31 5.75
CA ILE B 2 -3.49 -10.58 4.55
C ILE B 2 -3.23 -9.13 4.98
N LYS B 3 -2.28 -8.47 4.32
CA LYS B 3 -1.92 -7.09 4.68
C LYS B 3 -2.80 -5.98 4.10
N GLU B 4 -3.37 -6.22 2.93
CA GLU B 4 -4.23 -5.23 2.28
C GLU B 4 -5.69 -5.34 2.71
N LYS B 5 -6.38 -4.20 2.71
CA LYS B 5 -7.80 -4.16 3.07
C LYS B 5 -8.46 -3.21 2.07
N GLY B 6 -9.78 -3.17 2.05
CA GLY B 6 -10.46 -2.29 1.11
C GLY B 6 -10.41 -2.80 -0.33
N LYS B 7 -10.74 -1.91 -1.26
CA LYS B 7 -10.77 -2.21 -2.70
C LYS B 7 -9.71 -3.20 -3.22
N PRO B 8 -8.44 -3.05 -2.78
CA PRO B 8 -7.36 -3.95 -3.22
C PRO B 8 -7.68 -5.44 -3.03
N LEU B 9 -8.46 -5.77 -2.01
CA LEU B 9 -8.83 -7.15 -1.75
C LEU B 9 -9.69 -7.70 -2.88
N MET B 10 -10.47 -6.81 -3.49
CA MET B 10 -11.34 -7.21 -4.59
C MET B 10 -10.62 -7.17 -5.94
N LEU B 11 -9.66 -6.26 -6.10
CA LEU B 11 -8.93 -6.13 -7.35
C LEU B 11 -7.92 -7.25 -7.56
N ASN B 12 -7.49 -7.87 -6.47
CA ASN B 12 -6.53 -8.96 -6.56
C ASN B 12 -7.31 -10.27 -6.63
N PRO B 13 -7.23 -10.96 -7.78
CA PRO B 13 -7.93 -12.24 -7.97
C PRO B 13 -7.56 -13.33 -6.96
N ARG B 14 -6.37 -13.22 -6.38
CA ARG B 14 -5.91 -14.19 -5.41
C ARG B 14 -6.78 -14.14 -4.14
N THR B 15 -7.20 -12.94 -3.76
CA THR B 15 -8.02 -12.75 -2.57
C THR B 15 -9.49 -12.49 -2.84
N ASN B 16 -9.82 -11.89 -3.97
CA ASN B 16 -11.21 -11.56 -4.28
C ASN B 16 -12.18 -12.74 -4.22
N LYS B 17 -13.26 -12.56 -3.46
CA LYS B 17 -14.27 -13.61 -3.32
C LYS B 17 -15.60 -13.19 -3.93
N GLY B 18 -15.67 -11.97 -4.46
CA GLY B 18 -16.93 -11.53 -5.02
C GLY B 18 -17.96 -11.50 -3.90
N MET B 19 -19.21 -11.83 -4.19
CA MET B 19 -20.24 -11.80 -3.16
C MET B 19 -20.08 -12.87 -2.07
N ALA B 20 -19.00 -13.66 -2.16
CA ALA B 20 -18.76 -14.68 -1.15
C ALA B 20 -18.09 -14.10 0.11
N PHE B 21 -17.68 -12.84 0.03
CA PHE B 21 -17.08 -12.16 1.18
C PHE B 21 -18.19 -12.14 2.20
N THR B 22 -17.91 -12.60 3.43
CA THR B 22 -18.95 -12.61 4.44
C THR B 22 -19.23 -11.20 4.91
N LEU B 23 -20.38 -11.02 5.56
CA LEU B 23 -20.76 -9.73 6.08
C LEU B 23 -19.68 -9.23 7.03
N GLN B 24 -19.23 -10.11 7.92
CA GLN B 24 -18.21 -9.74 8.88
C GLN B 24 -16.90 -9.35 8.18
N GLU B 25 -16.51 -10.10 7.16
CA GLU B 25 -15.29 -9.77 6.43
C GLU B 25 -15.43 -8.40 5.77
N ARG B 26 -16.58 -8.14 5.16
CA ARG B 26 -16.82 -6.87 4.49
C ARG B 26 -16.72 -5.68 5.42
N GLN B 27 -17.40 -5.77 6.56
CA GLN B 27 -17.40 -4.70 7.54
C GLN B 27 -15.99 -4.47 8.10
N MET B 28 -15.32 -5.54 8.51
CA MET B 28 -13.99 -5.39 9.07
C MET B 28 -12.91 -5.01 8.06
N LEU B 29 -13.04 -5.50 6.83
CA LEU B 29 -12.03 -5.21 5.82
C LEU B 29 -12.32 -3.99 4.94
N GLY B 30 -13.36 -3.23 5.27
CA GLY B 30 -13.69 -2.04 4.51
C GLY B 30 -14.31 -2.26 3.15
N LEU B 31 -15.07 -3.35 3.00
CA LEU B 31 -15.72 -3.67 1.73
C LEU B 31 -17.22 -3.37 1.73
N GLN B 32 -17.80 -3.09 2.91
CA GLN B 32 -19.24 -2.80 2.98
C GLN B 32 -19.60 -1.72 1.96
N GLY B 33 -20.59 -1.99 1.13
CA GLY B 33 -21.01 -1.03 0.14
C GLY B 33 -20.36 -1.20 -1.22
N LEU B 34 -19.20 -1.85 -1.25
CA LEU B 34 -18.50 -2.07 -2.52
C LEU B 34 -18.99 -3.35 -3.18
N LEU B 35 -19.83 -4.09 -2.46
CA LEU B 35 -20.40 -5.32 -2.97
C LEU B 35 -21.91 -5.25 -2.79
N PRO B 36 -22.67 -5.97 -3.64
CA PRO B 36 -24.13 -5.95 -3.52
C PRO B 36 -24.48 -6.56 -2.16
N PRO B 37 -25.62 -6.16 -1.57
CA PRO B 37 -26.03 -6.68 -0.26
C PRO B 37 -26.02 -8.21 -0.12
N LYS B 38 -26.19 -8.91 -1.24
CA LYS B 38 -26.22 -10.36 -1.25
C LYS B 38 -24.93 -11.06 -0.81
N ILE B 39 -25.07 -12.10 0.00
CA ILE B 39 -23.93 -12.91 0.45
C ILE B 39 -24.11 -14.26 -0.25
N GLU B 40 -23.14 -14.65 -1.08
CA GLU B 40 -23.25 -15.92 -1.80
C GLU B 40 -22.25 -16.98 -1.37
N THR B 41 -22.58 -18.23 -1.66
CA THR B 41 -21.71 -19.35 -1.37
C THR B 41 -20.94 -19.62 -2.67
N GLN B 42 -19.85 -20.36 -2.58
CA GLN B 42 -19.08 -20.67 -3.77
C GLN B 42 -19.93 -21.51 -4.71
N ASP B 43 -20.82 -22.32 -4.13
CA ASP B 43 -21.72 -23.17 -4.90
C ASP B 43 -22.58 -22.35 -5.86
N ILE B 44 -23.16 -21.28 -5.36
CA ILE B 44 -24.00 -20.42 -6.17
C ILE B 44 -23.18 -19.81 -7.29
N GLN B 45 -21.96 -19.38 -6.96
CA GLN B 45 -21.05 -18.78 -7.93
C GLN B 45 -20.73 -19.78 -9.03
N ALA B 46 -20.43 -21.01 -8.61
CA ALA B 46 -20.11 -22.07 -9.56
C ALA B 46 -21.32 -22.31 -10.46
N LEU B 47 -22.52 -22.31 -9.88
CA LEU B 47 -23.74 -22.51 -10.65
C LEU B 47 -23.88 -21.40 -11.70
N ARG B 48 -23.63 -20.16 -11.30
CA ARG B 48 -23.74 -19.03 -12.23
C ARG B 48 -22.84 -19.27 -13.44
N PHE B 49 -21.61 -19.72 -13.18
CA PHE B 49 -20.66 -20.02 -14.24
C PHE B 49 -21.18 -21.09 -15.19
N HIS B 50 -21.57 -22.24 -14.63
CA HIS B 50 -22.05 -23.33 -15.47
C HIS B 50 -23.27 -22.94 -16.27
N ARG B 51 -24.12 -22.08 -15.70
CA ARG B 51 -25.31 -21.61 -16.39
C ARG B 51 -24.91 -20.82 -17.64
N ASN B 52 -23.91 -19.94 -17.49
CA ASN B 52 -23.42 -19.12 -18.59
C ASN B 52 -22.65 -19.90 -19.63
N LEU B 53 -21.78 -20.80 -19.19
CA LEU B 53 -20.99 -21.61 -20.10
C LEU B 53 -21.90 -22.40 -21.03
N LYS B 54 -22.97 -22.96 -20.48
CA LYS B 54 -23.93 -23.73 -21.28
C LYS B 54 -24.53 -22.96 -22.44
N LYS B 55 -24.61 -21.65 -22.32
CA LYS B 55 -25.18 -20.82 -23.38
C LYS B 55 -24.15 -20.43 -24.44
N MET B 56 -22.89 -20.81 -24.23
CA MET B 56 -21.85 -20.46 -25.19
C MET B 56 -21.69 -21.53 -26.27
N THR B 57 -21.19 -21.10 -27.43
CA THR B 57 -21.04 -22.02 -28.55
C THR B 57 -19.62 -22.42 -28.93
N SER B 58 -18.74 -21.45 -29.17
CA SER B 58 -17.38 -21.79 -29.57
C SER B 58 -16.43 -22.09 -28.41
N PRO B 59 -15.54 -23.07 -28.61
CA PRO B 59 -14.56 -23.47 -27.58
C PRO B 59 -13.69 -22.28 -27.18
N LEU B 60 -13.32 -21.46 -28.15
CA LEU B 60 -12.48 -20.29 -27.89
C LEU B 60 -13.20 -19.29 -27.01
N GLU B 61 -14.49 -19.09 -27.25
CA GLU B 61 -15.30 -18.18 -26.47
C GLU B 61 -15.28 -18.68 -25.02
N LYS B 62 -15.37 -19.99 -24.85
CA LYS B 62 -15.36 -20.60 -23.52
C LYS B 62 -14.00 -20.45 -22.85
N TYR B 63 -12.94 -20.55 -23.65
CA TYR B 63 -11.57 -20.41 -23.14
C TYR B 63 -11.37 -19.00 -22.58
N ILE B 64 -11.83 -18.00 -23.32
CA ILE B 64 -11.69 -16.61 -22.91
C ILE B 64 -12.47 -16.36 -21.60
N TYR B 65 -13.67 -16.93 -21.52
CA TYR B 65 -14.50 -16.79 -20.34
C TYR B 65 -13.90 -17.45 -19.10
N ILE B 66 -13.56 -18.74 -19.19
CA ILE B 66 -13.00 -19.41 -18.04
C ILE B 66 -11.64 -18.84 -17.62
N MET B 67 -10.76 -18.61 -18.58
CA MET B 67 -9.44 -18.07 -18.24
C MET B 67 -9.60 -16.67 -17.66
N GLY B 68 -10.69 -16.00 -18.03
CA GLY B 68 -10.94 -14.67 -17.53
C GLY B 68 -11.20 -14.72 -16.04
N ILE B 69 -11.77 -15.83 -15.56
CA ILE B 69 -12.05 -15.95 -14.14
C ILE B 69 -10.76 -16.12 -13.32
N GLN B 70 -9.73 -16.66 -13.94
CA GLN B 70 -8.46 -16.81 -13.22
C GLN B 70 -7.96 -15.41 -12.84
N GLU B 71 -8.37 -14.40 -13.60
CA GLU B 71 -7.95 -13.03 -13.33
C GLU B 71 -8.97 -12.24 -12.51
N ARG B 72 -10.08 -12.86 -12.13
CA ARG B 72 -11.10 -12.18 -11.33
C ARG B 72 -11.20 -12.77 -9.94
N ASN B 73 -11.37 -14.09 -9.88
CA ASN B 73 -11.51 -14.83 -8.63
C ASN B 73 -10.81 -16.18 -8.79
N GLU B 74 -9.57 -16.26 -8.30
CA GLU B 74 -8.77 -17.47 -8.41
C GLU B 74 -9.38 -18.71 -7.78
N LYS B 75 -9.90 -18.57 -6.56
CA LYS B 75 -10.52 -19.68 -5.86
C LYS B 75 -11.66 -20.25 -6.73
N LEU B 76 -12.54 -19.37 -7.20
CA LEU B 76 -13.67 -19.78 -8.02
C LEU B 76 -13.19 -20.45 -9.32
N PHE B 77 -12.15 -19.88 -9.90
CA PHE B 77 -11.57 -20.42 -11.14
C PHE B 77 -11.22 -21.91 -10.98
N TYR B 78 -10.52 -22.25 -9.90
CA TYR B 78 -10.13 -23.65 -9.70
C TYR B 78 -11.27 -24.54 -9.23
N ARG B 79 -12.26 -23.93 -8.58
CA ARG B 79 -13.43 -24.68 -8.14
C ARG B 79 -14.16 -25.15 -9.39
N ILE B 80 -14.32 -24.22 -10.34
CA ILE B 80 -14.99 -24.48 -11.62
C ILE B 80 -14.29 -25.60 -12.38
N LEU B 81 -12.97 -25.53 -12.44
CA LEU B 81 -12.17 -26.52 -13.15
C LEU B 81 -12.38 -27.86 -12.46
N GLN B 82 -12.34 -27.83 -11.12
CA GLN B 82 -12.49 -29.04 -10.32
C GLN B 82 -13.88 -29.67 -10.44
N ASP B 83 -14.90 -28.86 -10.68
CA ASP B 83 -16.25 -29.40 -10.81
C ASP B 83 -16.36 -30.46 -11.93
N ASP B 84 -15.73 -30.19 -13.07
CA ASP B 84 -15.78 -31.12 -14.21
C ASP B 84 -14.53 -30.94 -15.07
N ILE B 85 -13.40 -31.38 -14.56
CA ILE B 85 -12.12 -31.27 -15.25
C ILE B 85 -12.13 -31.95 -16.62
N GLU B 86 -12.87 -33.04 -16.74
CA GLU B 86 -12.93 -33.77 -18.00
C GLU B 86 -13.58 -33.00 -19.14
N SER B 87 -14.71 -32.35 -18.87
CA SER B 87 -15.38 -31.61 -19.92
C SER B 87 -14.69 -30.27 -20.23
N LEU B 88 -13.93 -29.73 -19.28
CA LEU B 88 -13.26 -28.46 -19.53
C LEU B 88 -11.84 -28.59 -20.06
N MET B 89 -11.22 -29.75 -19.83
CA MET B 89 -9.85 -30.00 -20.28
C MET B 89 -9.67 -29.59 -21.75
N PRO B 90 -10.57 -30.04 -22.64
CA PRO B 90 -10.46 -29.71 -24.06
C PRO B 90 -10.49 -28.20 -24.35
N ILE B 91 -11.03 -27.42 -23.42
CA ILE B 91 -11.15 -25.98 -23.59
C ILE B 91 -9.95 -25.21 -23.07
N VAL B 92 -9.53 -25.56 -21.86
CA VAL B 92 -8.41 -24.87 -21.24
C VAL B 92 -7.06 -25.49 -21.63
N TYR B 93 -7.10 -26.70 -22.17
CA TYR B 93 -5.90 -27.42 -22.59
C TYR B 93 -6.07 -27.82 -24.06
N THR B 94 -5.33 -28.83 -24.54
CA THR B 94 -5.45 -29.23 -25.93
C THR B 94 -6.85 -29.74 -26.22
N PRO B 95 -7.42 -29.44 -27.40
CA PRO B 95 -6.85 -28.65 -28.51
C PRO B 95 -7.07 -27.14 -28.47
N THR B 96 -8.07 -26.68 -27.73
CA THR B 96 -8.40 -25.26 -27.69
C THR B 96 -7.25 -24.32 -27.31
N VAL B 97 -6.40 -24.75 -26.38
CA VAL B 97 -5.27 -23.92 -25.98
C VAL B 97 -4.39 -23.62 -27.19
N GLY B 98 -4.37 -24.54 -28.16
CA GLY B 98 -3.57 -24.34 -29.36
C GLY B 98 -4.18 -23.23 -30.19
N LEU B 99 -5.51 -23.23 -30.27
CA LEU B 99 -6.22 -22.21 -31.02
C LEU B 99 -6.01 -20.86 -30.31
N ALA B 100 -6.02 -20.89 -28.98
CA ALA B 100 -5.84 -19.69 -28.18
C ALA B 100 -4.48 -19.07 -28.46
N CYS B 101 -3.44 -19.89 -28.49
CA CYS B 101 -2.09 -19.40 -28.76
C CYS B 101 -1.95 -18.79 -30.16
N SER B 102 -2.52 -19.45 -31.16
CA SER B 102 -2.42 -18.94 -32.53
C SER B 102 -3.07 -17.57 -32.68
N GLN B 103 -3.97 -17.24 -31.78
CA GLN B 103 -4.67 -15.95 -31.80
C GLN B 103 -4.52 -15.22 -30.49
N TYR B 104 -3.45 -15.52 -29.76
CA TYR B 104 -3.20 -14.93 -28.46
C TYR B 104 -3.25 -13.41 -28.46
N GLY B 105 -2.64 -12.79 -29.47
CA GLY B 105 -2.62 -11.34 -29.55
C GLY B 105 -3.98 -10.71 -29.82
N HIS B 106 -4.88 -11.47 -30.44
CA HIS B 106 -6.20 -10.98 -30.76
C HIS B 106 -7.18 -11.10 -29.59
N ILE B 107 -6.97 -12.08 -28.73
CA ILE B 107 -7.86 -12.26 -27.59
C ILE B 107 -7.30 -11.70 -26.28
N PHE B 108 -6.14 -11.07 -26.36
CA PHE B 108 -5.49 -10.50 -25.18
C PHE B 108 -6.40 -9.54 -24.40
N ARG B 109 -6.33 -9.62 -23.08
CA ARG B 109 -7.10 -8.74 -22.21
C ARG B 109 -6.18 -8.33 -21.07
N ARG B 110 -5.63 -9.33 -20.38
CA ARG B 110 -4.70 -9.08 -19.29
C ARG B 110 -3.49 -9.98 -19.47
N PRO B 111 -2.30 -9.50 -19.08
CA PRO B 111 -1.11 -10.35 -19.25
C PRO B 111 -1.10 -11.41 -18.15
N LYS B 112 -0.52 -12.55 -18.46
CA LYS B 112 -0.41 -13.63 -17.51
C LYS B 112 1.03 -14.10 -17.62
N GLY B 113 1.70 -14.28 -16.48
CA GLY B 113 3.07 -14.75 -16.53
C GLY B 113 4.14 -13.68 -16.53
N LEU B 114 5.38 -14.15 -16.64
CA LEU B 114 6.55 -13.30 -16.64
C LEU B 114 7.17 -13.31 -18.04
N PHE B 115 7.47 -12.13 -18.58
CA PHE B 115 8.06 -12.03 -19.91
C PHE B 115 9.51 -11.54 -19.90
N ILE B 116 10.41 -12.34 -20.46
CA ILE B 116 11.83 -12.00 -20.51
C ILE B 116 12.27 -12.01 -21.96
N SER B 117 12.61 -10.83 -22.49
CA SER B 117 13.05 -10.74 -23.87
C SER B 117 14.55 -10.57 -23.95
N ILE B 118 15.10 -10.90 -25.13
CA ILE B 118 16.52 -10.80 -25.36
C ILE B 118 16.99 -9.35 -25.17
N SER B 119 16.07 -8.39 -25.35
CA SER B 119 16.39 -6.97 -25.17
C SER B 119 16.61 -6.64 -23.70
N ASP B 120 16.26 -7.58 -22.83
CA ASP B 120 16.41 -7.41 -21.40
C ASP B 120 17.69 -8.05 -20.88
N ARG B 121 18.49 -8.62 -21.79
CA ARG B 121 19.74 -9.28 -21.41
C ARG B 121 20.55 -8.41 -20.45
N GLY B 122 21.04 -9.02 -19.38
CA GLY B 122 21.82 -8.31 -18.40
C GLY B 122 20.94 -7.68 -17.32
N HIS B 123 19.62 -7.75 -17.52
CA HIS B 123 18.67 -7.17 -16.56
C HIS B 123 17.55 -8.14 -16.18
N VAL B 124 17.79 -9.43 -16.39
CA VAL B 124 16.78 -10.43 -16.08
C VAL B 124 16.39 -10.44 -14.61
N ARG B 125 17.39 -10.34 -13.73
CA ARG B 125 17.10 -10.35 -12.30
C ARG B 125 16.13 -9.26 -11.89
N SER B 126 16.26 -8.06 -12.47
CA SER B 126 15.35 -6.97 -12.12
C SER B 126 13.94 -7.33 -12.60
N ILE B 127 13.84 -8.12 -13.65
CA ILE B 127 12.54 -8.53 -14.14
C ILE B 127 11.97 -9.59 -13.19
N VAL B 128 12.83 -10.52 -12.76
CA VAL B 128 12.40 -11.57 -11.85
C VAL B 128 12.02 -10.96 -10.51
N ASP B 129 12.68 -9.87 -10.15
CA ASP B 129 12.38 -9.18 -8.90
C ASP B 129 11.03 -8.47 -8.97
N ASN B 130 10.50 -8.28 -10.17
CA ASN B 130 9.21 -7.61 -10.31
C ASN B 130 8.02 -8.55 -10.05
N TRP B 131 8.23 -9.86 -10.07
CA TRP B 131 7.14 -10.79 -9.81
C TRP B 131 6.68 -10.59 -8.37
N PRO B 132 5.37 -10.35 -8.17
CA PRO B 132 4.75 -10.12 -6.86
C PRO B 132 4.90 -11.21 -5.80
N GLU B 133 4.94 -12.47 -6.20
CA GLU B 133 5.05 -13.57 -5.24
C GLU B 133 6.50 -13.87 -4.86
N ASN B 134 6.75 -14.12 -3.57
CA ASN B 134 8.10 -14.41 -3.11
C ASN B 134 8.42 -15.86 -2.78
N HIS B 135 7.44 -16.73 -2.88
CA HIS B 135 7.65 -18.14 -2.53
C HIS B 135 7.46 -19.08 -3.71
N VAL B 136 7.90 -18.66 -4.89
CA VAL B 136 7.75 -19.48 -6.08
C VAL B 136 8.52 -20.78 -5.92
N LYS B 137 7.87 -21.90 -6.27
CA LYS B 137 8.48 -23.21 -6.15
C LYS B 137 8.58 -23.90 -7.51
N ALA B 138 7.75 -23.48 -8.45
CA ALA B 138 7.77 -24.10 -9.77
C ALA B 138 7.61 -23.12 -10.92
N VAL B 139 8.37 -23.36 -11.98
CA VAL B 139 8.35 -22.52 -13.17
C VAL B 139 8.20 -23.38 -14.42
N VAL B 140 7.36 -22.93 -15.34
CA VAL B 140 7.19 -23.61 -16.61
C VAL B 140 7.59 -22.54 -17.61
N VAL B 141 8.64 -22.79 -18.37
CA VAL B 141 9.14 -21.82 -19.32
C VAL B 141 9.16 -22.33 -20.76
N THR B 142 8.88 -21.44 -21.69
CA THR B 142 8.89 -21.76 -23.12
C THR B 142 9.49 -20.56 -23.85
N ASP B 143 9.95 -20.79 -25.08
CA ASP B 143 10.49 -19.71 -25.88
C ASP B 143 9.64 -19.64 -27.16
N GLY B 144 8.53 -20.38 -27.13
CA GLY B 144 7.58 -20.40 -28.24
C GLY B 144 8.02 -20.95 -29.59
N GLU B 145 9.15 -21.64 -29.65
CA GLU B 145 9.61 -22.18 -30.94
C GLU B 145 8.88 -23.44 -31.40
N ARG B 146 8.51 -24.31 -30.46
CA ARG B 146 7.77 -25.54 -30.82
C ARG B 146 6.53 -25.64 -29.94
N ILE B 147 5.51 -24.87 -30.26
CA ILE B 147 4.25 -24.89 -29.52
C ILE B 147 3.43 -26.04 -30.04
N LEU B 148 3.26 -27.09 -29.22
CA LEU B 148 2.53 -28.28 -29.65
C LEU B 148 3.13 -28.68 -31.00
N GLY B 149 2.26 -28.97 -31.97
CA GLY B 149 2.71 -29.31 -33.30
C GLY B 149 2.42 -28.16 -34.24
N LEU B 150 2.27 -26.97 -33.67
CA LEU B 150 1.95 -25.73 -34.40
C LEU B 150 3.17 -24.96 -34.89
N GLY B 151 4.33 -25.29 -34.33
CA GLY B 151 5.55 -24.60 -34.76
C GLY B 151 5.90 -23.38 -33.92
N ASP B 152 6.54 -22.41 -34.56
CA ASP B 152 7.00 -21.19 -33.91
C ASP B 152 5.89 -20.14 -33.78
N LEU B 153 5.40 -19.92 -32.56
CA LEU B 153 4.35 -18.94 -32.32
C LEU B 153 4.86 -17.78 -31.48
N GLY B 154 6.16 -17.78 -31.21
CA GLY B 154 6.76 -16.72 -30.42
C GLY B 154 6.09 -16.47 -29.07
N VAL B 155 5.93 -15.20 -28.73
CA VAL B 155 5.33 -14.80 -27.47
C VAL B 155 3.89 -15.32 -27.33
N TYR B 156 3.22 -15.58 -28.45
CA TYR B 156 1.86 -16.12 -28.40
C TYR B 156 1.88 -17.49 -27.71
N GLY B 157 3.09 -18.04 -27.55
CA GLY B 157 3.22 -19.33 -26.93
C GLY B 157 3.01 -19.29 -25.42
N MET B 158 2.96 -18.09 -24.85
CA MET B 158 2.77 -17.92 -23.41
C MET B 158 1.54 -18.67 -22.93
N GLY B 159 0.56 -18.86 -23.81
CA GLY B 159 -0.64 -19.57 -23.43
C GLY B 159 -0.35 -20.98 -22.93
N ILE B 160 0.75 -21.56 -23.41
CA ILE B 160 1.12 -22.92 -23.00
C ILE B 160 1.56 -23.01 -21.54
N PRO B 161 2.59 -22.25 -21.13
CA PRO B 161 3.04 -22.30 -19.74
C PRO B 161 1.88 -21.95 -18.81
N VAL B 162 1.07 -20.99 -19.22
CA VAL B 162 -0.06 -20.60 -18.40
C VAL B 162 -1.00 -21.79 -18.25
N GLY B 163 -1.25 -22.50 -19.34
CA GLY B 163 -2.13 -23.65 -19.29
C GLY B 163 -1.57 -24.77 -18.43
N LYS B 164 -0.29 -25.08 -18.63
CA LYS B 164 0.39 -26.14 -17.88
C LYS B 164 0.28 -25.90 -16.37
N LEU B 165 0.54 -24.66 -15.96
CA LEU B 165 0.50 -24.33 -14.55
C LEU B 165 -0.90 -24.34 -13.96
N CYS B 166 -1.92 -24.07 -14.78
CA CYS B 166 -3.28 -24.13 -14.28
C CYS B 166 -3.52 -25.57 -13.88
N LEU B 167 -2.99 -26.49 -14.68
CA LEU B 167 -3.12 -27.93 -14.45
C LEU B 167 -2.29 -28.40 -13.24
N TYR B 168 -1.23 -27.67 -12.91
CA TYR B 168 -0.41 -28.00 -11.74
C TYR B 168 -1.37 -27.96 -10.55
N THR B 169 -2.09 -26.85 -10.45
CA THR B 169 -3.05 -26.66 -9.36
C THR B 169 -4.29 -27.54 -9.48
N ALA B 170 -4.95 -27.50 -10.64
CA ALA B 170 -6.17 -28.28 -10.84
C ALA B 170 -5.97 -29.78 -10.71
N CYS B 171 -4.85 -30.29 -11.20
CA CYS B 171 -4.59 -31.72 -11.13
C CYS B 171 -3.87 -32.21 -9.88
N ALA B 172 -2.83 -31.49 -9.45
CA ALA B 172 -2.05 -31.91 -8.29
C ALA B 172 -2.20 -31.09 -7.01
N GLY B 173 -3.05 -30.07 -7.04
CA GLY B 173 -3.25 -29.25 -5.86
C GLY B 173 -2.06 -28.41 -5.47
N ILE B 174 -1.20 -28.11 -6.43
CA ILE B 174 -0.03 -27.29 -6.17
C ILE B 174 -0.52 -25.84 -6.02
N ARG B 175 0.00 -25.14 -5.02
CA ARG B 175 -0.40 -23.76 -4.76
C ARG B 175 -0.17 -22.86 -5.98
N PRO B 176 -1.21 -22.10 -6.38
CA PRO B 176 -1.16 -21.19 -7.52
C PRO B 176 -0.11 -20.09 -7.32
N ASP B 177 -0.03 -19.59 -6.09
CA ASP B 177 0.91 -18.53 -5.79
C ASP B 177 2.37 -18.98 -5.86
N GLN B 178 2.58 -20.29 -5.90
CA GLN B 178 3.95 -20.83 -5.98
C GLN B 178 4.35 -21.14 -7.41
N CYS B 179 3.44 -20.91 -8.35
CA CYS B 179 3.72 -21.19 -9.76
C CYS B 179 4.00 -19.92 -10.57
N LEU B 180 4.91 -20.03 -11.54
CA LEU B 180 5.29 -18.88 -12.36
C LEU B 180 5.48 -19.20 -13.84
N PRO B 181 4.51 -18.83 -14.68
CA PRO B 181 4.66 -19.10 -16.12
C PRO B 181 5.64 -18.10 -16.70
N VAL B 182 6.59 -18.59 -17.49
CA VAL B 182 7.60 -17.71 -18.08
C VAL B 182 7.73 -17.87 -19.60
N CYS B 183 7.84 -16.74 -20.30
CA CYS B 183 8.04 -16.76 -21.75
C CYS B 183 9.34 -16.04 -22.09
N ILE B 184 10.27 -16.76 -22.72
CA ILE B 184 11.55 -16.20 -23.12
C ILE B 184 11.35 -15.71 -24.56
N ASP B 185 11.44 -14.39 -24.77
CA ASP B 185 11.24 -13.84 -26.11
C ASP B 185 12.55 -13.38 -26.77
N VAL B 186 13.02 -14.16 -27.74
CA VAL B 186 14.26 -13.82 -28.44
C VAL B 186 13.96 -13.56 -29.91
N GLY B 187 12.69 -13.29 -30.20
CA GLY B 187 12.26 -13.04 -31.56
C GLY B 187 11.50 -14.26 -32.06
N THR B 188 10.99 -14.21 -33.29
CA THR B 188 10.26 -15.33 -33.85
C THR B 188 10.52 -15.42 -35.36
N ASP B 189 10.54 -16.63 -35.91
CA ASP B 189 10.77 -16.81 -37.34
C ASP B 189 9.46 -16.90 -38.12
N ASN B 190 8.34 -16.85 -37.41
CA ASN B 190 7.02 -16.91 -38.03
C ASN B 190 6.73 -15.57 -38.74
N ILE B 191 6.92 -15.56 -40.06
CA ILE B 191 6.71 -14.36 -40.88
C ILE B 191 5.35 -13.71 -40.67
N ALA B 192 4.32 -14.52 -40.50
CA ALA B 192 2.98 -13.99 -40.30
C ALA B 192 2.88 -13.17 -39.02
N LEU B 193 3.57 -13.59 -37.97
CA LEU B 193 3.51 -12.85 -36.71
C LEU B 193 4.29 -11.54 -36.81
N LEU B 194 5.38 -11.57 -37.58
CA LEU B 194 6.19 -10.37 -37.73
C LEU B 194 5.41 -9.28 -38.47
N LYS B 195 4.31 -9.66 -39.12
CA LYS B 195 3.48 -8.70 -39.83
C LYS B 195 2.15 -8.48 -39.12
N ASP B 196 1.98 -9.10 -37.95
CA ASP B 196 0.73 -8.96 -37.19
C ASP B 196 0.83 -7.78 -36.22
N PRO B 197 -0.02 -6.76 -36.41
CA PRO B 197 -0.05 -5.57 -35.55
C PRO B 197 -0.42 -5.89 -34.09
N PHE B 198 -0.91 -7.10 -33.86
CA PHE B 198 -1.30 -7.50 -32.51
C PHE B 198 -0.30 -8.46 -31.88
N TYR B 199 0.83 -8.68 -32.53
CA TYR B 199 1.84 -9.58 -31.98
C TYR B 199 2.33 -9.01 -30.64
N MET B 200 2.52 -9.89 -29.67
CA MET B 200 2.93 -9.49 -28.34
C MET B 200 4.42 -9.60 -28.06
N GLY B 201 5.23 -9.83 -29.10
CA GLY B 201 6.66 -9.96 -28.87
C GLY B 201 7.51 -9.01 -29.68
N LEU B 202 8.81 -9.18 -29.55
CA LEU B 202 9.79 -8.37 -30.26
C LEU B 202 9.66 -8.65 -31.75
N TYR B 203 9.63 -7.59 -32.57
CA TYR B 203 9.51 -7.80 -34.01
C TYR B 203 10.88 -8.04 -34.63
N GLN B 204 11.39 -9.25 -34.46
CA GLN B 204 12.68 -9.63 -35.02
C GLN B 204 12.71 -11.13 -35.16
N LYS B 205 13.58 -11.64 -36.02
CA LYS B 205 13.69 -13.08 -36.19
C LYS B 205 14.43 -13.60 -34.95
N ARG B 206 14.34 -14.90 -34.68
CA ARG B 206 14.99 -15.45 -33.50
C ARG B 206 16.49 -15.26 -33.46
N ASP B 207 16.98 -14.78 -32.32
CA ASP B 207 18.40 -14.57 -32.11
C ASP B 207 18.96 -15.96 -31.83
N ARG B 208 19.81 -16.46 -32.71
CA ARG B 208 20.39 -17.79 -32.52
C ARG B 208 21.88 -17.72 -32.23
N THR B 209 22.33 -16.56 -31.77
CA THR B 209 23.75 -16.37 -31.44
C THR B 209 24.02 -16.76 -30.00
N GLN B 210 25.25 -16.60 -29.56
CA GLN B 210 25.65 -16.93 -28.20
C GLN B 210 24.75 -16.17 -27.20
N GLN B 211 24.21 -15.03 -27.62
CA GLN B 211 23.35 -14.23 -26.76
C GLN B 211 22.11 -15.00 -26.31
N TYR B 212 21.67 -15.96 -27.12
CA TYR B 212 20.53 -16.78 -26.79
C TYR B 212 20.85 -17.64 -25.58
N ASP B 213 21.95 -18.41 -25.66
CA ASP B 213 22.36 -19.28 -24.57
C ASP B 213 22.64 -18.50 -23.30
N ASP B 214 23.25 -17.32 -23.45
CA ASP B 214 23.56 -16.48 -22.32
C ASP B 214 22.29 -16.01 -21.61
N LEU B 215 21.27 -15.66 -22.39
CA LEU B 215 19.99 -15.20 -21.83
C LEU B 215 19.36 -16.32 -21.02
N ILE B 216 19.33 -17.54 -21.59
CA ILE B 216 18.75 -18.67 -20.89
C ILE B 216 19.51 -18.92 -19.60
N ASP B 217 20.83 -18.75 -19.66
CA ASP B 217 21.68 -18.93 -18.49
C ASP B 217 21.34 -17.88 -17.43
N GLU B 218 21.18 -16.64 -17.87
CA GLU B 218 20.87 -15.55 -16.94
C GLU B 218 19.49 -15.82 -16.33
N PHE B 219 18.62 -16.44 -17.10
CA PHE B 219 17.27 -16.76 -16.64
C PHE B 219 17.34 -17.78 -15.51
N MET B 220 18.04 -18.88 -15.78
CA MET B 220 18.19 -19.94 -14.79
C MET B 220 18.80 -19.42 -13.48
N LYS B 221 19.85 -18.62 -13.62
CA LYS B 221 20.51 -18.05 -12.44
C LYS B 221 19.60 -17.08 -11.68
N ALA B 222 18.92 -16.20 -12.43
CA ALA B 222 18.03 -15.22 -11.81
C ALA B 222 16.90 -15.87 -11.01
N ILE B 223 16.28 -16.89 -11.60
CA ILE B 223 15.18 -17.59 -10.94
C ILE B 223 15.62 -18.24 -9.63
N THR B 224 16.71 -18.99 -9.70
CA THR B 224 17.22 -19.67 -8.52
C THR B 224 17.81 -18.69 -7.50
N ASP B 225 18.43 -17.62 -7.97
CA ASP B 225 18.99 -16.65 -7.04
C ASP B 225 17.91 -16.10 -6.11
N ARG B 226 16.75 -15.75 -6.67
CA ARG B 226 15.68 -15.21 -5.86
C ARG B 226 14.85 -16.24 -5.10
N TYR B 227 14.52 -17.34 -5.77
CA TYR B 227 13.67 -18.34 -5.15
C TYR B 227 14.31 -19.58 -4.56
N GLY B 228 15.57 -19.83 -4.87
CA GLY B 228 16.23 -21.02 -4.34
C GLY B 228 16.81 -21.89 -5.42
N ARG B 229 17.87 -22.62 -5.08
CA ARG B 229 18.52 -23.51 -6.03
C ARG B 229 17.67 -24.71 -6.46
N ASN B 230 16.74 -25.15 -5.62
CA ASN B 230 15.91 -26.29 -6.00
C ASN B 230 14.58 -25.94 -6.65
N THR B 231 14.41 -24.68 -7.04
CA THR B 231 13.19 -24.26 -7.69
C THR B 231 12.99 -25.11 -8.94
N LEU B 232 11.83 -25.76 -9.04
CA LEU B 232 11.54 -26.61 -10.19
C LEU B 232 11.36 -25.75 -11.43
N ILE B 233 12.04 -26.14 -12.51
CA ILE B 233 11.94 -25.42 -13.77
C ILE B 233 11.65 -26.42 -14.87
N GLN B 234 10.41 -26.36 -15.37
CA GLN B 234 9.94 -27.25 -16.43
C GLN B 234 10.06 -26.57 -17.78
N PHE B 235 10.96 -27.06 -18.63
CA PHE B 235 11.10 -26.50 -19.96
C PHE B 235 9.94 -27.04 -20.78
N GLU B 236 9.30 -26.16 -21.53
CA GLU B 236 8.16 -26.57 -22.33
C GLU B 236 8.17 -25.92 -23.72
N ASP B 237 7.92 -26.75 -24.72
CA ASP B 237 7.83 -26.28 -26.12
C ASP B 237 9.01 -25.51 -26.70
N PHE B 238 10.21 -26.01 -26.43
CA PHE B 238 11.44 -25.44 -26.98
C PHE B 238 11.70 -26.26 -28.24
N GLY B 239 12.43 -25.69 -29.19
CA GLY B 239 12.76 -26.41 -30.40
C GLY B 239 13.66 -27.61 -30.11
N ASN B 240 13.63 -28.60 -31.00
CA ASN B 240 14.43 -29.82 -30.84
C ASN B 240 15.87 -29.60 -30.38
N HIS B 241 16.64 -28.86 -31.16
CA HIS B 241 18.03 -28.61 -30.83
C HIS B 241 18.20 -28.10 -29.40
N ASN B 242 17.53 -26.99 -29.10
CA ASN B 242 17.61 -26.38 -27.77
C ASN B 242 17.07 -27.26 -26.62
N ALA B 243 15.99 -27.99 -26.88
CA ALA B 243 15.38 -28.82 -25.84
C ALA B 243 16.39 -29.78 -25.21
N PHE B 244 17.07 -30.57 -26.04
CA PHE B 244 18.04 -31.54 -25.54
C PHE B 244 19.26 -30.92 -24.89
N ARG B 245 19.90 -29.98 -25.59
CA ARG B 245 21.09 -29.34 -25.04
C ARG B 245 20.88 -28.64 -23.72
N PHE B 246 19.70 -28.04 -23.52
CA PHE B 246 19.43 -27.38 -22.26
C PHE B 246 19.15 -28.41 -21.16
N LEU B 247 18.52 -29.52 -21.51
CA LEU B 247 18.25 -30.57 -20.53
C LEU B 247 19.60 -31.13 -20.10
N ARG B 248 20.43 -31.52 -21.07
CA ARG B 248 21.76 -32.06 -20.79
C ARG B 248 22.61 -31.08 -20.00
N LYS B 249 22.48 -29.81 -20.34
CA LYS B 249 23.27 -28.77 -19.68
C LYS B 249 22.85 -28.44 -18.25
N TYR B 250 21.55 -28.48 -17.96
CA TYR B 250 21.11 -28.09 -16.64
C TYR B 250 20.58 -29.16 -15.67
N ARG B 251 20.29 -30.36 -16.16
CA ARG B 251 19.72 -31.38 -15.28
C ARG B 251 20.52 -31.77 -14.05
N GLU B 252 21.84 -31.61 -14.08
CA GLU B 252 22.68 -31.96 -12.93
C GLU B 252 23.03 -30.72 -12.11
N LYS B 253 22.67 -29.55 -12.62
CA LYS B 253 22.96 -28.29 -11.95
C LYS B 253 21.75 -27.70 -11.25
N TYR B 254 20.58 -27.89 -11.86
CA TYR B 254 19.33 -27.37 -11.30
C TYR B 254 18.27 -28.47 -11.22
N CYS B 255 17.12 -28.12 -10.67
CA CYS B 255 16.00 -29.05 -10.56
C CYS B 255 15.14 -28.73 -11.79
N THR B 256 15.38 -29.48 -12.86
CA THR B 256 14.71 -29.23 -14.12
C THR B 256 14.47 -30.46 -14.99
N PHE B 257 13.50 -30.35 -15.87
CA PHE B 257 13.19 -31.43 -16.79
C PHE B 257 12.46 -30.83 -17.96
N ASN B 258 12.42 -31.57 -19.06
CA ASN B 258 11.72 -31.12 -20.25
C ASN B 258 10.48 -31.99 -20.38
N ASP B 259 9.31 -31.36 -20.34
CA ASP B 259 8.02 -32.04 -20.40
C ASP B 259 7.85 -32.84 -21.69
N ASP B 260 8.27 -32.24 -22.80
CA ASP B 260 8.14 -32.83 -24.11
C ASP B 260 8.99 -34.06 -24.37
N ILE B 261 10.13 -34.11 -23.69
CA ILE B 261 11.04 -35.23 -23.84
C ILE B 261 10.75 -36.26 -22.78
N GLN B 262 10.75 -35.82 -21.52
CA GLN B 262 10.56 -36.71 -20.39
C GLN B 262 9.12 -36.95 -19.96
N GLY B 263 8.32 -35.88 -19.91
CA GLY B 263 6.91 -36.04 -19.54
C GLY B 263 6.17 -36.92 -20.54
N THR B 264 6.32 -36.60 -21.82
CA THR B 264 5.69 -37.37 -22.88
C THR B 264 6.18 -38.82 -22.90
N ALA B 265 7.44 -39.00 -22.49
CA ALA B 265 8.05 -40.34 -22.45
C ALA B 265 7.35 -41.21 -21.41
N ALA B 266 7.09 -40.62 -20.25
CA ALA B 266 6.44 -41.35 -19.18
C ALA B 266 5.01 -41.78 -19.54
N VAL B 267 4.21 -40.84 -20.06
CA VAL B 267 2.84 -41.18 -20.41
C VAL B 267 2.78 -42.24 -21.50
N ALA B 268 3.64 -42.11 -22.51
CA ALA B 268 3.66 -43.10 -23.59
C ALA B 268 3.98 -44.48 -23.04
N LEU B 269 5.02 -44.57 -22.22
CA LEU B 269 5.41 -45.84 -21.64
C LEU B 269 4.23 -46.41 -20.86
N ALA B 270 3.62 -45.57 -20.02
CA ALA B 270 2.49 -45.99 -19.22
C ALA B 270 1.42 -46.67 -20.08
N GLY B 271 1.16 -46.09 -21.25
CA GLY B 271 0.17 -46.66 -22.16
C GLY B 271 0.63 -47.99 -22.75
N LEU B 272 1.91 -48.06 -23.12
CA LEU B 272 2.46 -49.29 -23.67
C LEU B 272 2.40 -50.38 -22.60
N LEU B 273 2.66 -50.00 -21.36
CA LEU B 273 2.62 -50.95 -20.25
C LEU B 273 1.22 -51.49 -20.06
N ALA B 274 0.22 -50.62 -20.17
CA ALA B 274 -1.18 -51.03 -20.03
C ALA B 274 -1.53 -51.98 -21.17
N ALA B 275 -1.07 -51.66 -22.36
CA ALA B 275 -1.34 -52.47 -23.54
C ALA B 275 -0.74 -53.86 -23.40
N GLN B 276 0.44 -53.93 -22.78
CA GLN B 276 1.11 -55.20 -22.58
C GLN B 276 0.28 -56.08 -21.66
N LYS B 277 -0.43 -55.47 -20.71
CA LYS B 277 -1.26 -56.24 -19.79
C LYS B 277 -2.50 -56.85 -20.46
N VAL B 278 -3.04 -56.18 -21.49
CA VAL B 278 -4.22 -56.72 -22.15
C VAL B 278 -3.84 -57.73 -23.24
N ILE B 279 -2.67 -57.53 -23.85
CA ILE B 279 -2.18 -58.39 -24.91
C ILE B 279 -1.21 -59.49 -24.43
N SER B 280 -0.58 -59.25 -23.28
CA SER B 280 0.39 -60.21 -22.72
C SER B 280 1.34 -60.65 -23.81
N LYS B 281 1.91 -59.66 -24.51
CA LYS B 281 2.83 -59.92 -25.60
C LYS B 281 4.29 -59.99 -25.11
N PRO B 282 5.06 -60.92 -25.68
CA PRO B 282 6.47 -61.18 -25.37
C PRO B 282 7.39 -59.99 -25.69
N ILE B 283 8.10 -59.48 -24.69
CA ILE B 283 9.02 -58.37 -24.88
C ILE B 283 9.98 -58.63 -26.04
N SER B 284 10.19 -59.93 -26.32
CA SER B 284 11.06 -60.33 -27.41
C SER B 284 10.39 -60.18 -28.77
N GLU B 285 9.07 -60.26 -28.79
CA GLU B 285 8.30 -60.12 -30.01
C GLU B 285 7.92 -58.67 -30.31
N HIS B 286 8.30 -57.77 -29.40
CA HIS B 286 8.02 -56.35 -29.56
C HIS B 286 8.90 -55.71 -30.63
N LYS B 287 8.26 -55.05 -31.59
CA LYS B 287 8.96 -54.35 -32.67
C LYS B 287 8.29 -52.99 -32.72
N ILE B 288 8.99 -51.95 -32.24
CA ILE B 288 8.42 -50.61 -32.20
C ILE B 288 8.95 -49.64 -33.24
N LEU B 289 8.03 -49.10 -34.04
CA LEU B 289 8.39 -48.15 -35.08
C LEU B 289 7.85 -46.77 -34.76
N PHE B 290 8.75 -45.79 -34.66
CA PHE B 290 8.38 -44.41 -34.36
C PHE B 290 8.25 -43.60 -35.63
N LEU B 291 7.19 -42.80 -35.71
CA LEU B 291 7.00 -41.89 -36.83
C LEU B 291 7.55 -40.62 -36.20
N GLY B 292 8.81 -40.31 -36.50
CA GLY B 292 9.48 -39.15 -35.93
C GLY B 292 10.68 -39.64 -35.15
N ALA B 293 11.65 -38.75 -34.91
CA ALA B 293 12.86 -39.12 -34.19
C ALA B 293 13.38 -37.91 -33.40
N GLY B 294 12.45 -37.15 -32.83
CA GLY B 294 12.82 -35.97 -32.07
C GLY B 294 12.64 -36.06 -30.56
N GLU B 295 12.28 -34.93 -29.95
CA GLU B 295 12.08 -34.84 -28.50
C GLU B 295 11.22 -35.98 -27.92
N ALA B 296 10.05 -36.21 -28.47
CA ALA B 296 9.18 -37.27 -27.97
C ALA B 296 9.68 -38.68 -28.29
N ALA B 297 10.02 -38.90 -29.55
CA ALA B 297 10.50 -40.22 -29.96
C ALA B 297 11.70 -40.67 -29.13
N LEU B 298 12.73 -39.82 -29.09
CA LEU B 298 13.93 -40.15 -28.33
C LEU B 298 13.62 -40.30 -26.85
N GLY B 299 12.77 -39.42 -26.31
CA GLY B 299 12.42 -39.52 -24.90
C GLY B 299 11.74 -40.84 -24.61
N ILE B 300 10.71 -41.16 -25.39
CA ILE B 300 9.95 -42.38 -25.22
C ILE B 300 10.80 -43.64 -25.39
N ALA B 301 11.60 -43.67 -26.45
CA ALA B 301 12.47 -44.81 -26.73
C ALA B 301 13.38 -45.10 -25.54
N ASN B 302 14.00 -44.06 -25.01
CA ASN B 302 14.91 -44.19 -23.89
C ASN B 302 14.23 -44.78 -22.67
N LEU B 303 13.00 -44.37 -22.41
CA LEU B 303 12.28 -44.88 -21.24
C LEU B 303 11.87 -46.33 -21.51
N ILE B 304 11.52 -46.63 -22.76
CA ILE B 304 11.15 -47.99 -23.12
C ILE B 304 12.34 -48.92 -22.87
N VAL B 305 13.53 -48.48 -23.28
CA VAL B 305 14.73 -49.29 -23.09
C VAL B 305 14.99 -49.53 -21.61
N MET B 306 14.84 -48.48 -20.81
CA MET B 306 15.05 -48.61 -19.37
C MET B 306 14.09 -49.65 -18.79
N SER B 307 12.88 -49.69 -19.34
CA SER B 307 11.87 -50.64 -18.87
C SER B 307 12.21 -52.06 -19.28
N MET B 308 12.64 -52.26 -20.52
CA MET B 308 12.99 -53.58 -21.01
C MET B 308 14.23 -54.10 -20.28
N VAL B 309 15.12 -53.19 -19.90
CA VAL B 309 16.34 -53.56 -19.20
C VAL B 309 16.00 -54.08 -17.80
N GLU B 310 15.17 -53.34 -17.07
CA GLU B 310 14.77 -53.77 -15.74
C GLU B 310 14.02 -55.08 -15.83
N ASN B 311 13.60 -55.44 -17.03
CA ASN B 311 12.84 -56.67 -17.25
C ASN B 311 13.65 -57.82 -17.84
N GLY B 312 14.96 -57.79 -17.62
CA GLY B 312 15.81 -58.87 -18.11
C GLY B 312 16.34 -58.80 -19.53
N LEU B 313 16.38 -57.62 -20.12
CA LEU B 313 16.88 -57.48 -21.48
C LEU B 313 18.11 -56.59 -21.40
N SER B 314 19.07 -56.80 -22.29
CA SER B 314 20.27 -55.96 -22.29
C SER B 314 19.94 -54.66 -23.01
N GLU B 315 20.65 -53.61 -22.67
CA GLU B 315 20.43 -52.31 -23.28
C GLU B 315 20.46 -52.46 -24.80
N GLN B 316 21.48 -53.15 -25.28
CA GLN B 316 21.65 -53.36 -26.71
C GLN B 316 20.48 -54.08 -27.36
N GLU B 317 20.05 -55.20 -26.78
CA GLU B 317 18.94 -55.93 -27.38
C GLU B 317 17.62 -55.14 -27.33
N ALA B 318 17.43 -54.35 -26.28
CA ALA B 318 16.23 -53.54 -26.15
C ALA B 318 16.18 -52.49 -27.25
N GLN B 319 17.30 -51.81 -27.47
CA GLN B 319 17.40 -50.79 -28.49
C GLN B 319 17.13 -51.35 -29.89
N LYS B 320 17.54 -52.58 -30.14
CA LYS B 320 17.34 -53.20 -31.45
C LYS B 320 15.88 -53.41 -31.81
N LYS B 321 15.01 -53.40 -30.81
CA LYS B 321 13.57 -53.60 -31.03
C LYS B 321 12.91 -52.28 -31.45
N ILE B 322 13.69 -51.20 -31.43
CA ILE B 322 13.17 -49.89 -31.77
C ILE B 322 13.73 -49.24 -33.02
N TRP B 323 12.82 -48.84 -33.92
CA TRP B 323 13.19 -48.18 -35.17
C TRP B 323 12.52 -46.80 -35.24
N MET B 324 13.11 -45.90 -36.01
CA MET B 324 12.57 -44.55 -36.15
C MET B 324 12.58 -44.10 -37.61
N PHE B 325 11.50 -43.43 -37.99
CA PHE B 325 11.32 -42.94 -39.34
C PHE B 325 11.01 -41.44 -39.27
N ASP B 326 11.99 -40.59 -39.54
CA ASP B 326 11.75 -39.14 -39.50
C ASP B 326 11.35 -38.60 -40.87
N LYS B 327 11.34 -37.27 -41.01
CA LYS B 327 10.91 -36.69 -42.28
C LYS B 327 11.72 -37.10 -43.51
N TYR B 328 12.90 -37.67 -43.30
CA TYR B 328 13.72 -38.09 -44.43
C TYR B 328 13.62 -39.59 -44.67
N GLY B 329 12.96 -40.28 -43.74
CA GLY B 329 12.80 -41.72 -43.89
C GLY B 329 13.31 -42.49 -42.70
N LEU B 330 13.58 -43.78 -42.92
CA LEU B 330 14.06 -44.67 -41.87
C LEU B 330 15.48 -44.34 -41.41
N LEU B 331 15.68 -44.32 -40.10
CA LEU B 331 17.02 -44.06 -39.55
C LEU B 331 17.85 -45.34 -39.68
N VAL B 332 18.65 -45.42 -40.73
CA VAL B 332 19.50 -46.58 -40.95
C VAL B 332 20.96 -46.14 -41.11
N LYS B 333 21.88 -46.99 -40.66
CA LYS B 333 23.31 -46.70 -40.75
C LYS B 333 23.71 -46.37 -42.18
N GLY B 334 24.38 -45.23 -42.35
CA GLY B 334 24.83 -44.84 -43.67
C GLY B 334 23.87 -44.03 -44.53
N ARG B 335 22.72 -43.65 -43.99
CA ARG B 335 21.76 -42.88 -44.78
C ARG B 335 22.31 -41.46 -45.00
N LYS B 336 21.73 -40.75 -45.96
CA LYS B 336 22.18 -39.39 -46.26
C LYS B 336 21.82 -38.39 -45.18
N ALA B 337 20.57 -38.43 -44.71
CA ALA B 337 20.11 -37.52 -43.66
C ALA B 337 20.91 -37.72 -42.38
N LYS B 338 21.15 -36.63 -41.68
CA LYS B 338 21.92 -36.62 -40.45
C LYS B 338 21.38 -37.51 -39.33
N ILE B 339 22.29 -38.01 -38.50
CA ILE B 339 21.98 -38.85 -37.35
C ILE B 339 22.88 -38.37 -36.22
N ASP B 340 22.29 -37.87 -35.14
CA ASP B 340 23.12 -37.41 -34.02
C ASP B 340 23.36 -38.51 -32.99
N SER B 341 24.06 -38.18 -31.92
CA SER B 341 24.38 -39.16 -30.88
C SER B 341 23.16 -39.77 -30.18
N TYR B 342 22.09 -38.99 -30.03
CA TYR B 342 20.88 -39.48 -29.38
C TYR B 342 20.17 -40.52 -30.23
N GLN B 343 20.18 -40.32 -31.55
CA GLN B 343 19.52 -41.22 -32.49
C GLN B 343 20.35 -42.45 -32.85
N GLU B 344 21.66 -42.35 -32.72
CA GLU B 344 22.57 -43.45 -33.07
C GLU B 344 22.15 -44.83 -32.56
N PRO B 345 21.82 -44.96 -31.26
CA PRO B 345 21.41 -46.25 -30.68
C PRO B 345 20.19 -46.89 -31.32
N PHE B 346 19.42 -46.11 -32.07
CA PHE B 346 18.22 -46.63 -32.70
C PHE B 346 18.34 -46.65 -34.20
N THR B 347 19.54 -46.36 -34.69
CA THR B 347 19.82 -46.37 -36.12
C THR B 347 20.48 -47.71 -36.42
N HIS B 348 19.75 -48.60 -37.07
CA HIS B 348 20.25 -49.94 -37.38
C HIS B 348 20.67 -50.11 -38.84
N SER B 349 21.29 -51.25 -39.13
CA SER B 349 21.73 -51.55 -40.49
C SER B 349 20.48 -51.59 -41.36
N ALA B 350 20.57 -50.99 -42.53
CA ALA B 350 19.45 -50.96 -43.46
C ALA B 350 18.86 -52.34 -43.70
N PRO B 351 17.52 -52.45 -43.63
CA PRO B 351 16.87 -53.74 -43.87
C PRO B 351 16.98 -54.15 -45.34
N GLU B 352 16.37 -55.27 -45.67
CA GLU B 352 16.36 -55.82 -47.02
C GLU B 352 16.16 -54.72 -48.06
N SER B 353 15.04 -54.01 -47.95
CA SER B 353 14.73 -52.92 -48.85
C SER B 353 14.49 -51.66 -48.02
N ILE B 354 14.72 -50.50 -48.62
CA ILE B 354 14.53 -49.25 -47.91
C ILE B 354 13.17 -48.65 -48.23
N PRO B 355 12.36 -48.38 -47.21
CA PRO B 355 11.02 -47.81 -47.40
C PRO B 355 11.06 -46.34 -47.82
N ASP B 356 10.10 -45.93 -48.64
CA ASP B 356 10.02 -44.55 -49.09
C ASP B 356 9.05 -43.83 -48.15
N THR B 357 7.93 -44.47 -47.87
CA THR B 357 6.88 -43.92 -47.02
C THR B 357 6.78 -44.70 -45.71
N PHE B 358 6.10 -44.11 -44.74
CA PHE B 358 5.94 -44.79 -43.45
C PHE B 358 5.19 -46.09 -43.69
N GLU B 359 4.29 -46.09 -44.67
CA GLU B 359 3.54 -47.29 -44.99
C GLU B 359 4.52 -48.39 -45.42
N ASP B 360 5.50 -48.03 -46.25
CA ASP B 360 6.49 -49.00 -46.70
C ASP B 360 7.23 -49.53 -45.46
N ALA B 361 7.58 -48.61 -44.56
CA ALA B 361 8.31 -48.96 -43.35
C ALA B 361 7.55 -49.97 -42.51
N VAL B 362 6.23 -49.81 -42.44
CA VAL B 362 5.38 -50.71 -41.68
C VAL B 362 5.37 -52.10 -42.33
N ASN B 363 5.22 -52.13 -43.66
CA ASN B 363 5.19 -53.40 -44.35
C ASN B 363 6.52 -54.13 -44.38
N ILE B 364 7.62 -53.39 -44.42
CA ILE B 364 8.94 -54.01 -44.46
C ILE B 364 9.38 -54.48 -43.08
N LEU B 365 9.19 -53.62 -42.08
CA LEU B 365 9.58 -53.93 -40.69
C LEU B 365 8.56 -54.76 -39.91
N LYS B 366 7.30 -54.69 -40.32
CA LYS B 366 6.24 -55.44 -39.64
C LYS B 366 6.22 -55.15 -38.13
N PRO B 367 6.20 -53.87 -37.75
CA PRO B 367 6.19 -53.53 -36.32
C PRO B 367 4.91 -54.01 -35.63
N SER B 368 5.01 -54.24 -34.33
CA SER B 368 3.86 -54.66 -33.54
C SER B 368 3.23 -53.42 -32.92
N THR B 369 4.03 -52.36 -32.79
CA THR B 369 3.56 -51.09 -32.23
C THR B 369 4.01 -49.93 -33.10
N ILE B 370 3.13 -48.94 -33.25
CA ILE B 370 3.42 -47.77 -34.05
C ILE B 370 3.11 -46.54 -33.20
N ILE B 371 4.09 -45.65 -33.05
CA ILE B 371 3.97 -44.45 -32.23
C ILE B 371 4.15 -43.18 -33.06
N GLY B 372 3.08 -42.40 -33.19
CA GLY B 372 3.14 -41.17 -33.97
C GLY B 372 3.52 -39.94 -33.19
N VAL B 373 4.72 -39.40 -33.46
CA VAL B 373 5.19 -38.22 -32.76
C VAL B 373 5.98 -37.31 -33.70
N ALA B 374 5.37 -36.95 -34.82
CA ALA B 374 6.01 -36.10 -35.82
C ALA B 374 5.38 -34.71 -35.89
N GLY B 375 4.29 -34.52 -35.15
CA GLY B 375 3.60 -33.23 -35.17
C GLY B 375 3.38 -32.71 -36.57
N ALA B 376 3.15 -33.60 -37.53
CA ALA B 376 2.97 -33.18 -38.91
C ALA B 376 1.66 -33.57 -39.60
N GLY B 377 0.62 -33.89 -38.84
CA GLY B 377 -0.63 -34.26 -39.48
C GLY B 377 -0.93 -35.75 -39.56
N ARG B 378 -1.97 -36.07 -40.32
CA ARG B 378 -2.47 -37.43 -40.51
C ARG B 378 -1.54 -38.41 -41.25
N LEU B 379 -0.34 -38.62 -40.71
CA LEU B 379 0.62 -39.51 -41.34
C LEU B 379 0.30 -41.00 -41.19
N PHE B 380 -0.58 -41.35 -40.26
CA PHE B 380 -1.01 -42.75 -40.13
C PHE B 380 -2.23 -42.84 -41.03
N THR B 381 -1.97 -43.00 -42.32
CA THR B 381 -3.03 -43.08 -43.31
C THR B 381 -3.86 -44.34 -43.14
N PRO B 382 -5.05 -44.36 -43.78
CA PRO B 382 -5.92 -45.54 -43.69
C PRO B 382 -5.14 -46.78 -44.12
N ASP B 383 -4.23 -46.63 -45.08
CA ASP B 383 -3.43 -47.77 -45.53
C ASP B 383 -2.39 -48.18 -44.50
N VAL B 384 -1.89 -47.21 -43.74
CA VAL B 384 -0.92 -47.52 -42.70
C VAL B 384 -1.64 -48.32 -41.62
N ILE B 385 -2.85 -47.88 -41.30
CA ILE B 385 -3.65 -48.53 -40.25
C ILE B 385 -4.03 -49.95 -40.65
N ARG B 386 -4.51 -50.12 -41.88
CA ARG B 386 -4.87 -51.45 -42.38
C ARG B 386 -3.65 -52.37 -42.34
N ALA B 387 -2.49 -51.83 -42.72
CA ALA B 387 -1.27 -52.62 -42.74
C ALA B 387 -1.01 -53.18 -41.35
N MET B 388 -1.10 -52.31 -40.35
CA MET B 388 -0.89 -52.73 -38.96
C MET B 388 -1.89 -53.80 -38.55
N ALA B 389 -3.13 -53.70 -39.02
CA ALA B 389 -4.18 -54.65 -38.68
C ALA B 389 -4.05 -56.00 -39.41
N SER B 390 -3.40 -55.99 -40.58
CA SER B 390 -3.23 -57.23 -41.32
C SER B 390 -1.99 -57.96 -40.80
N ILE B 391 -1.03 -57.18 -40.29
CA ILE B 391 0.21 -57.72 -39.75
C ILE B 391 0.09 -58.20 -38.31
N ASN B 392 -0.69 -57.49 -37.52
CA ASN B 392 -0.87 -57.82 -36.10
C ASN B 392 -2.31 -58.14 -35.74
N GLU B 393 -2.50 -59.03 -34.78
CA GLU B 393 -3.85 -59.37 -34.33
C GLU B 393 -4.38 -58.21 -33.50
N ARG B 394 -3.51 -57.66 -32.65
CA ARG B 394 -3.85 -56.54 -31.79
C ARG B 394 -2.77 -55.46 -31.95
N PRO B 395 -2.80 -54.70 -33.06
CA PRO B 395 -1.80 -53.66 -33.28
C PRO B 395 -1.93 -52.49 -32.30
N VAL B 396 -0.79 -51.97 -31.86
CA VAL B 396 -0.81 -50.83 -30.95
C VAL B 396 -0.50 -49.58 -31.78
N ILE B 397 -1.44 -48.64 -31.78
CA ILE B 397 -1.29 -47.43 -32.55
C ILE B 397 -1.48 -46.20 -31.67
N PHE B 398 -0.42 -45.41 -31.56
CA PHE B 398 -0.42 -44.18 -30.76
C PHE B 398 -0.24 -42.96 -31.68
N ALA B 399 -1.21 -42.07 -31.69
CA ALA B 399 -1.14 -40.83 -32.47
C ALA B 399 -1.09 -39.74 -31.40
N LEU B 400 0.12 -39.42 -30.97
CA LEU B 400 0.34 -38.46 -29.90
C LEU B 400 0.52 -36.99 -30.23
N SER B 401 0.69 -36.64 -31.50
CA SER B 401 0.88 -35.23 -31.84
C SER B 401 -0.34 -34.36 -31.55
N ASN B 402 -0.08 -33.18 -30.98
CA ASN B 402 -1.11 -32.21 -30.64
C ASN B 402 -0.88 -30.93 -31.47
N PRO B 403 -1.95 -30.17 -31.72
CA PRO B 403 -3.32 -30.42 -31.30
C PRO B 403 -3.99 -31.43 -32.23
N THR B 404 -5.30 -31.56 -32.12
CA THR B 404 -6.07 -32.52 -32.91
C THR B 404 -5.79 -32.58 -34.40
N ALA B 405 -5.69 -31.42 -35.04
CA ALA B 405 -5.43 -31.39 -36.48
C ALA B 405 -4.07 -31.98 -36.84
N GLN B 406 -3.14 -31.98 -35.90
CA GLN B 406 -1.79 -32.51 -36.15
C GLN B 406 -1.64 -33.99 -35.81
N ALA B 407 -2.68 -34.58 -35.24
CA ALA B 407 -2.67 -35.98 -34.87
C ALA B 407 -2.42 -36.88 -36.08
N GLU B 408 -1.70 -37.99 -35.87
CA GLU B 408 -1.39 -38.93 -36.95
C GLU B 408 -2.66 -39.57 -37.53
N CYS B 409 -3.67 -39.77 -36.68
CA CYS B 409 -4.94 -40.34 -37.11
C CYS B 409 -5.98 -40.16 -36.00
N THR B 410 -7.25 -40.36 -36.34
CA THR B 410 -8.32 -40.22 -35.35
C THR B 410 -8.65 -41.57 -34.70
N ALA B 411 -9.38 -41.52 -33.60
CA ALA B 411 -9.77 -42.72 -32.90
C ALA B 411 -10.72 -43.51 -33.80
N GLU B 412 -11.61 -42.80 -34.48
CA GLU B 412 -12.55 -43.45 -35.37
C GLU B 412 -11.83 -44.22 -36.49
N GLU B 413 -10.81 -43.59 -37.07
CA GLU B 413 -10.05 -44.23 -38.13
C GLU B 413 -9.36 -45.51 -37.64
N ALA B 414 -8.72 -45.40 -36.49
CA ALA B 414 -8.01 -46.54 -35.91
C ALA B 414 -8.92 -47.73 -35.60
N TYR B 415 -9.96 -47.48 -34.80
CA TYR B 415 -10.86 -48.56 -34.42
C TYR B 415 -11.61 -49.19 -35.59
N THR B 416 -12.14 -48.36 -36.49
CA THR B 416 -12.89 -48.91 -37.62
C THR B 416 -12.01 -49.66 -38.62
N LEU B 417 -10.87 -49.09 -38.99
CA LEU B 417 -9.97 -49.72 -39.95
C LEU B 417 -9.28 -50.99 -39.43
N THR B 418 -9.22 -51.15 -38.11
CA THR B 418 -8.60 -52.35 -37.54
C THR B 418 -9.69 -53.29 -37.03
N GLU B 419 -10.93 -52.99 -37.37
CA GLU B 419 -12.07 -53.81 -36.95
C GLU B 419 -12.14 -53.98 -35.44
N GLY B 420 -11.75 -52.93 -34.72
CA GLY B 420 -11.78 -52.98 -33.27
C GLY B 420 -10.71 -53.81 -32.60
N ARG B 421 -9.65 -54.16 -33.34
CA ARG B 421 -8.58 -54.97 -32.79
C ARG B 421 -7.39 -54.16 -32.26
N CYS B 422 -7.29 -52.89 -32.65
CA CYS B 422 -6.18 -52.06 -32.19
C CYS B 422 -6.32 -51.58 -30.76
N LEU B 423 -5.19 -51.21 -30.18
CA LEU B 423 -5.11 -50.62 -28.85
C LEU B 423 -4.63 -49.22 -29.21
N PHE B 424 -5.53 -48.25 -29.08
CA PHE B 424 -5.27 -46.87 -29.45
C PHE B 424 -5.20 -45.85 -28.32
N ALA B 425 -4.41 -44.81 -28.57
CA ALA B 425 -4.24 -43.71 -27.62
C ALA B 425 -3.81 -42.51 -28.45
N SER B 426 -4.16 -41.31 -27.99
CA SER B 426 -3.80 -40.10 -28.70
C SER B 426 -3.43 -39.02 -27.71
N GLY B 427 -2.79 -37.97 -28.22
CA GLY B 427 -2.41 -36.85 -27.37
C GLY B 427 -3.60 -35.93 -27.16
N SER B 428 -4.38 -35.73 -28.22
CA SER B 428 -5.57 -34.88 -28.14
C SER B 428 -6.82 -35.75 -27.99
N PRO B 429 -7.83 -35.26 -27.26
CA PRO B 429 -9.07 -36.01 -27.02
C PRO B 429 -9.97 -36.33 -28.21
N PHE B 430 -10.52 -37.54 -28.18
CA PHE B 430 -11.47 -38.02 -29.17
C PHE B 430 -12.56 -38.69 -28.34
N GLY B 431 -13.81 -38.57 -28.78
CA GLY B 431 -14.89 -39.19 -28.06
C GLY B 431 -14.93 -40.68 -28.33
N PRO B 432 -15.83 -41.43 -27.68
CA PRO B 432 -15.94 -42.88 -27.90
C PRO B 432 -16.30 -43.21 -29.34
N VAL B 433 -15.93 -44.40 -29.80
CA VAL B 433 -16.22 -44.85 -31.15
C VAL B 433 -17.07 -46.11 -31.13
N LYS B 434 -18.13 -46.12 -31.94
CA LYS B 434 -19.04 -47.26 -32.01
C LYS B 434 -18.93 -47.88 -33.41
N LEU B 435 -18.59 -49.16 -33.47
CA LEU B 435 -18.47 -49.85 -34.75
C LEU B 435 -19.83 -50.38 -35.21
N THR B 436 -19.89 -50.84 -36.47
CA THR B 436 -21.14 -51.36 -37.03
C THR B 436 -21.72 -52.52 -36.25
N ASP B 437 -20.88 -53.28 -35.53
CA ASP B 437 -21.38 -54.40 -34.75
C ASP B 437 -21.89 -53.94 -33.39
N GLY B 438 -21.85 -52.63 -33.16
CA GLY B 438 -22.33 -52.08 -31.91
C GLY B 438 -21.32 -51.93 -30.79
N ARG B 439 -20.13 -52.50 -30.96
CA ARG B 439 -19.10 -52.39 -29.93
C ARG B 439 -18.62 -50.94 -29.78
N VAL B 440 -18.45 -50.51 -28.55
CA VAL B 440 -18.01 -49.15 -28.28
C VAL B 440 -16.61 -49.17 -27.69
N PHE B 441 -15.75 -48.33 -28.26
CA PHE B 441 -14.36 -48.21 -27.81
C PHE B 441 -14.08 -46.80 -27.30
N THR B 442 -13.50 -46.72 -26.11
CA THR B 442 -13.17 -45.44 -25.48
C THR B 442 -11.66 -45.21 -25.54
N PRO B 443 -11.21 -44.30 -26.42
CA PRO B 443 -9.79 -43.98 -26.56
C PRO B 443 -9.21 -43.24 -25.37
N GLY B 444 -8.03 -43.66 -24.94
CA GLY B 444 -7.38 -43.01 -23.83
C GLY B 444 -6.51 -41.91 -24.38
N GLN B 445 -6.16 -40.95 -23.53
CA GLN B 445 -5.34 -39.82 -23.95
C GLN B 445 -3.92 -39.93 -23.40
N GLY B 446 -2.96 -40.26 -24.25
CA GLY B 446 -1.58 -40.36 -23.84
C GLY B 446 -0.93 -38.99 -23.90
N ASN B 447 -1.36 -38.12 -23.00
CA ASN B 447 -0.85 -36.76 -22.93
C ASN B 447 -0.08 -36.57 -21.62
N ASN B 448 1.02 -35.83 -21.67
CA ASN B 448 1.81 -35.65 -20.45
C ASN B 448 1.09 -35.01 -19.27
N VAL B 449 -0.14 -34.55 -19.47
CA VAL B 449 -0.89 -33.96 -18.37
C VAL B 449 -1.08 -34.99 -17.27
N TYR B 450 -1.04 -36.27 -17.61
CA TYR B 450 -1.17 -37.34 -16.62
C TYR B 450 0.12 -37.50 -15.80
N ILE B 451 1.20 -36.86 -16.25
CA ILE B 451 2.47 -37.00 -15.58
C ILE B 451 3.08 -35.79 -14.87
N PHE B 452 3.23 -34.67 -15.57
CA PHE B 452 3.87 -33.51 -14.94
C PHE B 452 3.20 -32.99 -13.67
N PRO B 453 1.87 -33.09 -13.54
CA PRO B 453 1.29 -32.58 -12.29
C PRO B 453 1.79 -33.36 -11.07
N GLY B 454 1.66 -34.68 -11.13
CA GLY B 454 2.09 -35.53 -10.03
C GLY B 454 3.59 -35.50 -9.77
N VAL B 455 4.38 -35.47 -10.84
CA VAL B 455 5.83 -35.42 -10.69
C VAL B 455 6.25 -34.08 -10.08
N ALA B 456 5.58 -33.02 -10.49
CA ALA B 456 5.90 -31.70 -9.97
C ALA B 456 5.62 -31.63 -8.47
N LEU B 457 4.45 -32.11 -8.06
CA LEU B 457 4.07 -32.09 -6.64
C LEU B 457 5.08 -32.84 -5.77
N ALA B 458 5.49 -34.03 -6.20
CA ALA B 458 6.45 -34.82 -5.44
C ALA B 458 7.79 -34.08 -5.34
N VAL B 459 8.30 -33.65 -6.49
CA VAL B 459 9.58 -32.96 -6.53
C VAL B 459 9.56 -31.72 -5.63
N ILE B 460 8.46 -30.98 -5.66
CA ILE B 460 8.35 -29.79 -4.82
C ILE B 460 8.28 -30.14 -3.35
N LEU B 461 7.40 -31.08 -2.98
CA LEU B 461 7.25 -31.46 -1.56
C LEU B 461 8.47 -32.11 -0.93
N CYS B 462 9.29 -32.77 -1.75
CA CYS B 462 10.50 -33.43 -1.25
C CYS B 462 11.73 -32.56 -1.39
N ASN B 463 11.56 -31.34 -1.91
CA ASN B 463 12.68 -30.42 -2.12
C ASN B 463 13.79 -31.14 -2.88
N THR B 464 13.39 -31.91 -3.88
CA THR B 464 14.33 -32.65 -4.70
C THR B 464 15.20 -31.66 -5.45
N ARG B 465 16.48 -32.00 -5.61
CA ARG B 465 17.43 -31.12 -6.27
C ARG B 465 17.57 -31.38 -7.77
N HIS B 466 17.48 -32.64 -8.16
CA HIS B 466 17.62 -33.02 -9.57
C HIS B 466 16.68 -34.17 -9.90
N ILE B 467 16.28 -34.27 -11.17
CA ILE B 467 15.35 -35.30 -11.60
C ILE B 467 15.97 -36.28 -12.59
N SER B 468 16.12 -37.53 -12.17
CA SER B 468 16.71 -38.54 -13.04
C SER B 468 15.65 -39.16 -13.94
N ASP B 469 16.08 -39.90 -14.94
CA ASP B 469 15.16 -40.56 -15.85
C ASP B 469 14.31 -41.57 -15.09
N SER B 470 14.93 -42.25 -14.12
CA SER B 470 14.24 -43.27 -13.33
C SER B 470 13.01 -42.70 -12.64
N VAL B 471 13.02 -41.40 -12.35
CA VAL B 471 11.87 -40.78 -11.71
C VAL B 471 10.66 -40.88 -12.65
N PHE B 472 10.91 -40.66 -13.94
CA PHE B 472 9.83 -40.73 -14.92
C PHE B 472 9.41 -42.17 -15.19
N LEU B 473 10.34 -43.11 -15.02
CA LEU B 473 10.04 -44.52 -15.22
C LEU B 473 9.05 -44.91 -14.12
N GLU B 474 9.31 -44.40 -12.93
CA GLU B 474 8.46 -44.67 -11.77
C GLU B 474 7.08 -44.03 -11.93
N ALA B 475 7.04 -42.81 -12.45
CA ALA B 475 5.78 -42.12 -12.64
C ALA B 475 4.95 -42.92 -13.63
N ALA B 476 5.60 -43.45 -14.66
CA ALA B 476 4.92 -44.25 -15.66
C ALA B 476 4.26 -45.46 -15.00
N LYS B 477 5.01 -46.16 -14.16
CA LYS B 477 4.49 -47.34 -13.46
C LYS B 477 3.36 -46.94 -12.53
N ALA B 478 3.52 -45.79 -11.87
CA ALA B 478 2.50 -45.30 -10.96
C ALA B 478 1.21 -44.97 -11.71
N LEU B 479 1.34 -44.47 -12.92
CA LEU B 479 0.17 -44.12 -13.72
C LEU B 479 -0.62 -45.35 -14.13
N THR B 480 0.07 -46.30 -14.78
CA THR B 480 -0.58 -47.51 -15.23
C THR B 480 -1.09 -48.40 -14.09
N SER B 481 -0.41 -48.35 -12.94
CA SER B 481 -0.83 -49.18 -11.82
C SER B 481 -2.21 -48.79 -11.32
N GLN B 482 -2.68 -47.61 -11.72
CA GLN B 482 -3.98 -47.15 -11.27
C GLN B 482 -5.15 -47.62 -12.13
N LEU B 483 -4.84 -48.33 -13.22
CA LEU B 483 -5.88 -48.86 -14.10
C LEU B 483 -6.53 -50.08 -13.45
N THR B 484 -7.86 -50.15 -13.54
CA THR B 484 -8.61 -51.28 -12.99
C THR B 484 -8.89 -52.27 -14.11
N ASP B 485 -9.00 -53.55 -13.79
CA ASP B 485 -9.25 -54.54 -14.84
C ASP B 485 -10.45 -54.17 -15.68
N GLU B 486 -11.50 -53.70 -15.03
CA GLU B 486 -12.71 -53.31 -15.75
C GLU B 486 -12.37 -52.28 -16.80
N GLU B 487 -11.55 -51.31 -16.42
CA GLU B 487 -11.13 -50.24 -17.32
C GLU B 487 -10.28 -50.77 -18.47
N LEU B 488 -9.49 -51.81 -18.21
CA LEU B 488 -8.68 -52.34 -19.28
C LEU B 488 -9.55 -52.98 -20.35
N ALA B 489 -10.59 -53.72 -19.92
CA ALA B 489 -11.51 -54.37 -20.84
C ALA B 489 -12.25 -53.34 -21.70
N GLN B 490 -12.35 -52.13 -21.19
CA GLN B 490 -13.02 -51.04 -21.91
C GLN B 490 -12.19 -50.52 -23.07
N GLY B 491 -10.92 -50.91 -23.10
CA GLY B 491 -10.04 -50.42 -24.15
C GLY B 491 -9.30 -49.20 -23.64
N ARG B 492 -9.40 -48.95 -22.34
CA ARG B 492 -8.71 -47.81 -21.73
C ARG B 492 -7.27 -48.19 -21.38
N LEU B 493 -6.32 -47.37 -21.83
CA LEU B 493 -4.91 -47.60 -21.55
C LEU B 493 -4.47 -46.65 -20.42
N TYR B 494 -5.37 -45.76 -20.04
CA TYR B 494 -5.11 -44.81 -18.96
C TYR B 494 -6.32 -44.60 -18.08
N PRO B 495 -6.10 -44.27 -16.80
CA PRO B 495 -7.24 -44.06 -15.91
C PRO B 495 -8.11 -42.97 -16.52
N PRO B 496 -9.42 -42.98 -16.23
CA PRO B 496 -10.31 -41.95 -16.79
C PRO B 496 -9.84 -40.53 -16.44
N LEU B 497 -9.96 -39.63 -17.41
CA LEU B 497 -9.54 -38.24 -17.22
C LEU B 497 -10.33 -37.57 -16.10
N ALA B 498 -11.57 -38.02 -15.90
CA ALA B 498 -12.41 -37.46 -14.84
C ALA B 498 -11.78 -37.65 -13.46
N ASN B 499 -10.86 -38.62 -13.35
CA ASN B 499 -10.21 -38.90 -12.08
C ASN B 499 -8.76 -38.45 -12.06
N ILE B 500 -8.42 -37.52 -12.95
CA ILE B 500 -7.04 -37.06 -13.01
C ILE B 500 -6.50 -36.45 -11.72
N GLN B 501 -7.37 -35.91 -10.87
CA GLN B 501 -6.92 -35.31 -9.61
C GLN B 501 -6.37 -36.39 -8.68
N GLU B 502 -7.18 -37.41 -8.44
CA GLU B 502 -6.79 -38.50 -7.57
C GLU B 502 -5.63 -39.28 -8.16
N VAL B 503 -5.59 -39.36 -9.49
CA VAL B 503 -4.53 -40.07 -10.19
C VAL B 503 -3.18 -39.35 -10.03
N SER B 504 -3.21 -38.02 -10.12
CA SER B 504 -2.01 -37.23 -9.98
C SER B 504 -1.45 -37.29 -8.55
N ILE B 505 -2.34 -37.28 -7.57
CA ILE B 505 -1.92 -37.33 -6.18
C ILE B 505 -1.26 -38.68 -5.89
N ASN B 506 -1.85 -39.76 -6.38
CA ASN B 506 -1.29 -41.07 -6.17
C ASN B 506 0.08 -41.16 -6.82
N ILE B 507 0.22 -40.54 -8.00
CA ILE B 507 1.50 -40.54 -8.68
C ILE B 507 2.49 -39.79 -7.80
N ALA B 508 2.06 -38.65 -7.28
CA ALA B 508 2.90 -37.83 -6.43
C ALA B 508 3.36 -38.65 -5.22
N ILE B 509 2.44 -39.43 -4.65
CA ILE B 509 2.74 -40.25 -3.49
C ILE B 509 3.76 -41.33 -3.82
N LYS B 510 3.55 -42.00 -4.95
CA LYS B 510 4.46 -43.06 -5.39
C LYS B 510 5.84 -42.49 -5.73
N VAL B 511 5.88 -41.31 -6.33
CA VAL B 511 7.15 -40.72 -6.67
C VAL B 511 7.90 -40.19 -5.44
N THR B 512 7.19 -39.62 -4.46
CA THR B 512 7.89 -39.14 -3.27
C THR B 512 8.47 -40.31 -2.47
N GLU B 513 7.75 -41.44 -2.47
CA GLU B 513 8.24 -42.63 -1.76
C GLU B 513 9.49 -43.12 -2.48
N TYR B 514 9.50 -42.93 -3.80
CA TYR B 514 10.65 -43.33 -4.60
C TYR B 514 11.82 -42.41 -4.33
N LEU B 515 11.54 -41.12 -4.20
CA LEU B 515 12.59 -40.14 -3.96
C LEU B 515 13.25 -40.39 -2.61
N TYR B 516 12.44 -40.64 -1.59
CA TYR B 516 12.98 -40.91 -0.25
C TYR B 516 13.82 -42.18 -0.22
N ALA B 517 13.33 -43.22 -0.88
CA ALA B 517 14.00 -44.52 -0.93
C ALA B 517 15.33 -44.45 -1.69
N ASN B 518 15.49 -43.43 -2.52
CA ASN B 518 16.70 -43.26 -3.30
C ASN B 518 17.50 -42.01 -2.92
N LYS B 519 17.31 -41.56 -1.68
CA LYS B 519 18.01 -40.40 -1.15
C LYS B 519 17.95 -39.16 -2.03
N MET B 520 16.78 -38.87 -2.58
CA MET B 520 16.59 -37.71 -3.45
C MET B 520 15.65 -36.67 -2.81
N ALA B 521 15.20 -36.96 -1.58
CA ALA B 521 14.31 -36.05 -0.86
C ALA B 521 15.07 -35.35 0.28
N PHE B 522 14.81 -34.06 0.46
CA PHE B 522 15.49 -33.32 1.51
C PHE B 522 14.54 -32.46 2.34
N VAL B 523 13.57 -33.10 2.97
CA VAL B 523 12.61 -32.39 3.80
C VAL B 523 12.76 -32.90 5.22
N TYR B 524 12.63 -32.01 6.19
CA TYR B 524 12.74 -32.45 7.56
C TYR B 524 11.78 -31.75 8.52
N PRO B 525 11.25 -32.50 9.49
CA PRO B 525 11.59 -33.91 9.57
C PRO B 525 10.90 -34.74 8.49
N GLU B 526 11.42 -35.94 8.25
CA GLU B 526 10.83 -36.81 7.26
C GLU B 526 9.48 -37.31 7.75
N PRO B 527 8.41 -37.00 7.02
CA PRO B 527 7.11 -37.47 7.50
C PRO B 527 7.09 -39.00 7.50
N GLU B 528 6.42 -39.60 8.48
CA GLU B 528 6.37 -41.06 8.52
C GLU B 528 5.39 -41.61 7.52
N ASP B 529 4.27 -40.92 7.33
CA ASP B 529 3.25 -41.36 6.39
C ASP B 529 3.26 -40.48 5.15
N LYS B 530 3.98 -40.90 4.11
CA LYS B 530 4.08 -40.15 2.87
C LYS B 530 2.74 -39.78 2.26
N ALA B 531 1.85 -40.76 2.13
CA ALA B 531 0.53 -40.52 1.57
C ALA B 531 -0.20 -39.43 2.32
N LYS B 532 -0.19 -39.52 3.65
CA LYS B 532 -0.86 -38.55 4.49
C LYS B 532 -0.24 -37.15 4.33
N TYR B 533 1.09 -37.12 4.22
CA TYR B 533 1.84 -35.87 4.07
C TYR B 533 1.48 -35.14 2.77
N VAL B 534 1.48 -35.86 1.66
CA VAL B 534 1.16 -35.27 0.38
C VAL B 534 -0.27 -34.75 0.33
N LYS B 535 -1.22 -35.56 0.79
CA LYS B 535 -2.61 -35.17 0.80
C LYS B 535 -2.88 -33.94 1.66
N GLU B 536 -2.13 -33.81 2.75
CA GLU B 536 -2.30 -32.69 3.66
C GLU B 536 -1.71 -31.39 3.11
N GLN B 537 -0.73 -31.51 2.23
CA GLN B 537 -0.07 -30.35 1.64
C GLN B 537 -0.77 -29.74 0.42
N THR B 538 -1.78 -30.43 -0.10
CA THR B 538 -2.48 -29.92 -1.28
C THR B 538 -3.32 -28.67 -1.04
N TRP B 539 -3.27 -27.76 -2.00
CA TRP B 539 -4.03 -26.52 -1.93
C TRP B 539 -5.50 -26.82 -2.26
N ARG B 540 -6.42 -26.17 -1.53
CA ARG B 540 -7.86 -26.38 -1.73
C ARG B 540 -8.53 -25.19 -2.39
N SER B 541 -9.57 -25.45 -3.17
CA SER B 541 -10.29 -24.36 -3.83
C SER B 541 -11.30 -23.70 -2.91
N GLU B 542 -11.52 -24.25 -1.72
CA GLU B 542 -12.48 -23.65 -0.79
C GLU B 542 -11.97 -22.31 -0.27
N TYR B 543 -12.87 -21.34 -0.18
CA TYR B 543 -12.50 -20.02 0.31
C TYR B 543 -11.96 -20.11 1.73
N ASP B 544 -10.98 -19.26 2.05
CA ASP B 544 -10.42 -19.21 3.38
C ASP B 544 -10.98 -17.97 4.06
N SER B 545 -11.00 -18.00 5.40
CA SER B 545 -11.49 -16.87 6.15
C SER B 545 -10.44 -15.77 6.12
N LEU B 546 -10.85 -14.53 5.91
CA LEU B 546 -9.93 -13.40 5.87
C LEU B 546 -10.16 -12.52 7.09
N LEU B 547 -10.93 -13.04 8.04
CA LEU B 547 -11.23 -12.30 9.27
C LEU B 547 -10.01 -12.21 10.18
N PRO B 548 -9.79 -11.03 10.78
CA PRO B 548 -8.65 -10.87 11.68
C PRO B 548 -9.00 -11.65 12.94
N ASP B 549 -8.00 -12.13 13.66
CA ASP B 549 -8.25 -12.90 14.87
C ASP B 549 -8.68 -11.96 16.00
N VAL B 550 -9.96 -12.01 16.35
CA VAL B 550 -10.50 -11.16 17.41
C VAL B 550 -10.96 -12.02 18.59
N TYR B 551 -10.59 -11.63 19.80
CA TYR B 551 -10.94 -12.38 20.99
C TYR B 551 -10.75 -11.54 22.24
N GLU B 552 -11.45 -11.91 23.31
CA GLU B 552 -11.36 -11.18 24.58
C GLU B 552 -10.16 -11.62 25.38
N TRP B 553 -9.66 -10.71 26.22
CA TRP B 553 -8.54 -10.99 27.09
C TRP B 553 -9.14 -11.30 28.46
N PRO B 554 -8.51 -12.24 29.20
CA PRO B 554 -9.01 -12.61 30.54
C PRO B 554 -9.36 -11.41 31.42
N HIS C 1 13.81 -5.99 -4.78
CA HIS C 1 13.31 -4.70 -5.21
C HIS C 1 12.42 -4.03 -4.16
N ILE C 2 12.23 -2.72 -4.31
CA ILE C 2 11.41 -1.95 -3.38
C ILE C 2 9.98 -1.83 -3.93
N LYS C 3 8.98 -2.24 -3.14
CA LYS C 3 7.59 -2.17 -3.57
C LYS C 3 6.92 -0.88 -3.12
N GLU C 4 7.63 -0.10 -2.32
CA GLU C 4 7.09 1.16 -1.82
C GLU C 4 7.75 2.38 -2.42
N LYS C 5 7.00 3.48 -2.46
CA LYS C 5 7.50 4.75 -2.97
C LYS C 5 6.89 5.85 -2.12
N GLY C 6 7.40 7.06 -2.29
CA GLY C 6 6.88 8.19 -1.53
C GLY C 6 7.24 8.17 -0.06
N LYS C 7 6.48 8.96 0.70
CA LYS C 7 6.67 9.09 2.15
C LYS C 7 6.98 7.78 2.88
N PRO C 8 6.27 6.69 2.54
CA PRO C 8 6.51 5.39 3.19
C PRO C 8 7.97 4.96 3.25
N LEU C 9 8.75 5.31 2.23
CA LEU C 9 10.17 4.94 2.19
C LEU C 9 10.95 5.67 3.28
N MET C 10 10.45 6.83 3.68
CA MET C 10 11.10 7.62 4.71
C MET C 10 10.64 7.20 6.11
N LEU C 11 9.38 6.77 6.21
CA LEU C 11 8.81 6.34 7.48
C LEU C 11 9.32 4.97 7.94
N ASN C 12 9.80 4.17 7.01
CA ASN C 12 10.32 2.85 7.33
C ASN C 12 11.81 2.96 7.56
N PRO C 13 12.26 2.78 8.81
CA PRO C 13 13.69 2.88 9.11
C PRO C 13 14.55 1.91 8.30
N ARG C 14 13.97 0.81 7.84
CA ARG C 14 14.71 -0.17 7.06
C ARG C 14 15.17 0.41 5.72
N THR C 15 14.38 1.32 5.15
CA THR C 15 14.72 1.92 3.87
C THR C 15 15.17 3.38 3.93
N ASN C 16 14.67 4.11 4.91
CA ASN C 16 15.00 5.53 5.05
C ASN C 16 16.49 5.85 5.06
N LYS C 17 16.89 6.78 4.21
CA LYS C 17 18.29 7.18 4.13
C LYS C 17 18.49 8.62 4.57
N GLY C 18 17.40 9.31 4.91
CA GLY C 18 17.53 10.70 5.30
C GLY C 18 18.03 11.47 4.10
N MET C 19 18.93 12.42 4.31
CA MET C 19 19.45 13.21 3.21
C MET C 19 20.42 12.44 2.32
N ALA C 20 20.61 11.15 2.62
CA ALA C 20 21.51 10.32 1.81
C ALA C 20 20.80 9.81 0.56
N PHE C 21 19.50 10.04 0.47
CA PHE C 21 18.76 9.63 -0.73
C PHE C 21 19.36 10.48 -1.85
N THR C 22 19.73 9.87 -2.96
CA THR C 22 20.31 10.61 -4.08
C THR C 22 19.23 11.42 -4.79
N LEU C 23 19.66 12.36 -5.62
CA LEU C 23 18.73 13.19 -6.36
C LEU C 23 17.83 12.32 -7.24
N GLN C 24 18.45 11.34 -7.92
CA GLN C 24 17.72 10.42 -8.79
C GLN C 24 16.69 9.59 -8.02
N GLU C 25 17.08 9.09 -6.85
CA GLU C 25 16.16 8.30 -6.04
C GLU C 25 14.98 9.16 -5.60
N ARG C 26 15.26 10.39 -5.18
CA ARG C 26 14.19 11.29 -4.74
C ARG C 26 13.21 11.60 -5.85
N GLN C 27 13.72 11.92 -7.04
CA GLN C 27 12.87 12.25 -8.17
C GLN C 27 12.04 11.05 -8.65
N MET C 28 12.71 9.92 -8.82
CA MET C 28 12.01 8.72 -9.29
C MET C 28 11.10 8.05 -8.26
N LEU C 29 11.44 8.16 -6.98
CA LEU C 29 10.64 7.54 -5.93
C LEU C 29 9.65 8.49 -5.25
N GLY C 30 9.51 9.69 -5.79
CA GLY C 30 8.56 10.65 -5.26
C GLY C 30 8.90 11.27 -3.91
N LEU C 31 10.19 11.53 -3.69
CA LEU C 31 10.62 12.12 -2.42
C LEU C 31 11.10 13.55 -2.60
N GLN C 32 11.26 13.99 -3.85
CA GLN C 32 11.72 15.35 -4.11
C GLN C 32 10.80 16.33 -3.40
N GLY C 33 11.37 17.20 -2.57
CA GLY C 33 10.58 18.18 -1.84
C GLY C 33 10.33 17.78 -0.38
N LEU C 34 10.38 16.48 -0.12
CA LEU C 34 10.15 15.96 1.23
C LEU C 34 11.46 15.89 2.03
N LEU C 35 12.55 16.19 1.35
CA LEU C 35 13.86 16.21 1.99
C LEU C 35 14.52 17.54 1.69
N PRO C 36 15.43 18.00 2.57
CA PRO C 36 16.11 19.27 2.33
C PRO C 36 16.92 19.11 1.05
N PRO C 37 17.15 20.21 0.32
CA PRO C 37 17.92 20.14 -0.92
C PRO C 37 19.27 19.45 -0.80
N LYS C 38 19.85 19.50 0.38
CA LYS C 38 21.15 18.87 0.63
C LYS C 38 21.19 17.36 0.40
N ILE C 39 22.22 16.89 -0.30
CA ILE C 39 22.43 15.46 -0.55
C ILE C 39 23.64 15.11 0.34
N GLU C 40 23.47 14.18 1.29
CA GLU C 40 24.59 13.84 2.18
C GLU C 40 25.09 12.43 2.01
N THR C 41 26.30 12.18 2.50
CA THR C 41 26.89 10.85 2.45
C THR C 41 26.70 10.28 3.85
N GLN C 42 26.81 8.95 3.96
CA GLN C 42 26.67 8.30 5.26
C GLN C 42 27.77 8.81 6.19
N ASP C 43 28.92 9.17 5.61
CA ASP C 43 30.03 9.69 6.40
C ASP C 43 29.63 10.95 7.15
N ILE C 44 29.00 11.88 6.45
CA ILE C 44 28.56 13.13 7.08
C ILE C 44 27.54 12.83 8.19
N GLN C 45 26.62 11.92 7.90
CA GLN C 45 25.59 11.54 8.87
C GLN C 45 26.24 10.96 10.12
N ALA C 46 27.23 10.10 9.93
CA ALA C 46 27.92 9.50 11.06
C ALA C 46 28.59 10.59 11.87
N LEU C 47 29.13 11.59 11.20
CA LEU C 47 29.79 12.69 11.88
C LEU C 47 28.77 13.44 12.75
N ARG C 48 27.60 13.71 12.18
CA ARG C 48 26.56 14.42 12.92
C ARG C 48 26.27 13.67 14.22
N PHE C 49 26.12 12.36 14.11
CA PHE C 49 25.86 11.53 15.26
C PHE C 49 26.95 11.63 16.32
N HIS C 50 28.20 11.41 15.93
CA HIS C 50 29.32 11.46 16.88
C HIS C 50 29.46 12.83 17.51
N ARG C 51 29.18 13.85 16.73
CA ARG C 51 29.25 15.23 17.21
C ARG C 51 28.24 15.39 18.36
N ASN C 52 27.02 14.89 18.17
CA ASN C 52 25.98 15.01 19.20
C ASN C 52 26.23 14.13 20.42
N LEU C 53 26.68 12.91 20.17
CA LEU C 53 26.95 11.96 21.24
C LEU C 53 27.98 12.54 22.21
N LYS C 54 29.03 13.13 21.64
CA LYS C 54 30.10 13.72 22.41
C LYS C 54 29.61 14.76 23.42
N LYS C 55 28.50 15.41 23.10
CA LYS C 55 27.95 16.44 23.97
C LYS C 55 27.03 15.88 25.06
N MET C 56 26.75 14.59 25.00
CA MET C 56 25.87 13.98 25.99
C MET C 56 26.64 13.54 27.23
N THR C 57 25.94 13.46 28.35
CA THR C 57 26.57 13.10 29.61
C THR C 57 26.29 11.71 30.18
N SER C 58 25.02 11.34 30.32
CA SER C 58 24.68 10.03 30.90
C SER C 58 24.59 8.88 29.90
N PRO C 59 24.98 7.68 30.34
CA PRO C 59 24.94 6.48 29.48
C PRO C 59 23.52 6.21 28.96
N LEU C 60 22.54 6.36 29.85
CA LEU C 60 21.14 6.12 29.49
C LEU C 60 20.66 7.09 28.43
N GLU C 61 21.10 8.34 28.52
CA GLU C 61 20.73 9.37 27.54
C GLU C 61 21.29 8.93 26.18
N LYS C 62 22.52 8.42 26.19
CA LYS C 62 23.17 7.96 24.98
C LYS C 62 22.43 6.75 24.42
N TYR C 63 22.03 5.85 25.31
CA TYR C 63 21.29 4.64 24.93
C TYR C 63 20.03 5.04 24.17
N ILE C 64 19.27 5.98 24.74
CA ILE C 64 18.03 6.44 24.13
C ILE C 64 18.26 7.06 22.76
N TYR C 65 19.34 7.82 22.64
CA TYR C 65 19.68 8.47 21.38
C TYR C 65 20.07 7.43 20.31
N ILE C 66 21.06 6.58 20.58
CA ILE C 66 21.48 5.59 19.58
C ILE C 66 20.38 4.59 19.23
N MET C 67 19.67 4.07 20.23
CA MET C 67 18.62 3.10 19.96
C MET C 67 17.49 3.76 19.17
N GLY C 68 17.37 5.08 19.31
CA GLY C 68 16.35 5.80 18.59
C GLY C 68 16.67 5.81 17.11
N ILE C 69 17.95 5.76 16.77
CA ILE C 69 18.36 5.77 15.38
C ILE C 69 17.99 4.45 14.69
N GLN C 70 17.90 3.38 15.46
CA GLN C 70 17.54 2.09 14.88
C GLN C 70 16.11 2.21 14.33
N GLU C 71 15.30 3.08 14.93
CA GLU C 71 13.93 3.27 14.49
C GLU C 71 13.77 4.39 13.48
N ARG C 72 14.87 5.04 13.11
CA ARG C 72 14.83 6.12 12.13
C ARG C 72 15.55 5.78 10.83
N ASN C 73 16.79 5.34 10.95
CA ASN C 73 17.63 4.97 9.80
C ASN C 73 18.47 3.76 10.22
N GLU C 74 17.98 2.56 9.90
CA GLU C 74 18.68 1.34 10.27
C GLU C 74 20.11 1.27 9.75
N LYS C 75 20.32 1.59 8.48
CA LYS C 75 21.66 1.57 7.90
C LYS C 75 22.63 2.44 8.71
N LEU C 76 22.18 3.65 9.05
CA LEU C 76 23.02 4.57 9.83
C LEU C 76 23.27 4.03 11.24
N PHE C 77 22.24 3.43 11.83
CA PHE C 77 22.34 2.85 13.18
C PHE C 77 23.51 1.86 13.23
N TYR C 78 23.54 0.92 12.30
CA TYR C 78 24.62 -0.05 12.30
C TYR C 78 25.98 0.54 11.90
N ARG C 79 25.97 1.55 11.02
CA ARG C 79 27.19 2.22 10.61
C ARG C 79 27.83 2.83 11.86
N ILE C 80 26.98 3.48 12.66
CA ILE C 80 27.40 4.13 13.90
C ILE C 80 28.03 3.12 14.85
N LEU C 81 27.38 1.98 15.00
CA LEU C 81 27.85 0.93 15.88
C LEU C 81 29.18 0.40 15.36
N GLN C 82 29.26 0.21 14.04
CA GLN C 82 30.47 -0.32 13.43
C GLN C 82 31.65 0.65 13.54
N ASP C 83 31.39 1.95 13.56
CA ASP C 83 32.49 2.92 13.65
C ASP C 83 33.32 2.72 14.92
N ASP C 84 32.67 2.48 16.04
CA ASP C 84 33.38 2.28 17.31
C ASP C 84 32.59 1.38 18.23
N ILE C 85 32.57 0.09 17.89
CA ILE C 85 31.82 -0.87 18.67
C ILE C 85 32.30 -0.97 20.12
N GLU C 86 33.63 -0.85 20.33
CA GLU C 86 34.16 -0.94 21.68
C GLU C 86 33.68 0.17 22.63
N SER C 87 33.60 1.41 22.15
CA SER C 87 33.16 2.48 23.03
C SER C 87 31.64 2.51 23.18
N LEU C 88 30.91 1.95 22.22
CA LEU C 88 29.44 1.95 22.30
C LEU C 88 28.87 0.71 22.98
N MET C 89 29.62 -0.39 22.97
CA MET C 89 29.16 -1.63 23.58
C MET C 89 28.62 -1.42 25.00
N PRO C 90 29.31 -0.63 25.84
CA PRO C 90 28.84 -0.40 27.21
C PRO C 90 27.50 0.34 27.28
N ILE C 91 27.13 0.99 26.18
CA ILE C 91 25.90 1.77 26.13
C ILE C 91 24.72 0.95 25.64
N VAL C 92 24.90 0.27 24.51
CA VAL C 92 23.84 -0.53 23.91
C VAL C 92 23.71 -1.90 24.56
N TYR C 93 24.76 -2.33 25.23
CA TYR C 93 24.83 -3.64 25.90
C TYR C 93 25.12 -3.44 27.39
N THR C 94 25.65 -4.46 28.06
CA THR C 94 25.94 -4.35 29.48
C THR C 94 27.05 -3.33 29.73
N PRO C 95 26.93 -2.52 30.79
CA PRO C 95 25.88 -2.46 31.81
C PRO C 95 24.65 -1.58 31.54
N THR C 96 24.77 -0.61 30.65
CA THR C 96 23.65 0.29 30.38
C THR C 96 22.34 -0.39 29.98
N VAL C 97 22.39 -1.45 29.18
CA VAL C 97 21.16 -2.12 28.80
C VAL C 97 20.42 -2.64 30.03
N GLY C 98 21.17 -2.87 31.11
CA GLY C 98 20.54 -3.34 32.32
C GLY C 98 19.71 -2.22 32.91
N LEU C 99 20.28 -1.02 32.89
CA LEU C 99 19.62 0.16 33.41
C LEU C 99 18.41 0.49 32.53
N ALA C 100 18.60 0.38 31.21
CA ALA C 100 17.53 0.67 30.26
C ALA C 100 16.33 -0.21 30.59
N CYS C 101 16.61 -1.48 30.81
CA CYS C 101 15.58 -2.44 31.13
C CYS C 101 14.83 -2.07 32.42
N SER C 102 15.56 -1.76 33.47
CA SER C 102 14.93 -1.41 34.76
C SER C 102 13.96 -0.23 34.65
N GLN C 103 14.18 0.61 33.65
CA GLN C 103 13.33 1.79 33.42
C GLN C 103 12.71 1.79 32.03
N TYR C 104 12.61 0.61 31.43
CA TYR C 104 12.08 0.47 30.08
C TYR C 104 10.76 1.22 29.85
N GLY C 105 9.83 1.08 30.80
CA GLY C 105 8.55 1.74 30.67
C GLY C 105 8.62 3.26 30.74
N HIS C 106 9.68 3.78 31.35
CA HIS C 106 9.84 5.21 31.49
C HIS C 106 10.49 5.87 30.27
N ILE C 107 11.36 5.14 29.59
CA ILE C 107 12.06 5.66 28.42
C ILE C 107 11.40 5.24 27.11
N PHE C 108 10.31 4.50 27.21
CA PHE C 108 9.58 4.02 26.04
C PHE C 108 9.21 5.11 25.05
N ARG C 109 9.41 4.81 23.76
CA ARG C 109 9.06 5.74 22.70
C ARG C 109 8.34 4.94 21.62
N ARG C 110 9.04 3.95 21.06
CA ARG C 110 8.45 3.09 20.05
C ARG C 110 8.68 1.64 20.46
N PRO C 111 7.73 0.76 20.17
CA PRO C 111 7.93 -0.64 20.55
C PRO C 111 8.94 -1.29 19.61
N LYS C 112 9.67 -2.27 20.12
CA LYS C 112 10.64 -3.01 19.33
C LYS C 112 10.38 -4.49 19.62
N GLY C 113 10.34 -5.30 18.56
CA GLY C 113 10.12 -6.73 18.76
C GLY C 113 8.67 -7.18 18.81
N LEU C 114 8.50 -8.49 19.01
CA LEU C 114 7.20 -9.12 19.06
C LEU C 114 6.85 -9.49 20.51
N PHE C 115 5.63 -9.17 20.93
CA PHE C 115 5.18 -9.47 22.28
C PHE C 115 4.08 -10.54 22.27
N ILE C 116 4.29 -11.62 23.03
CA ILE C 116 3.30 -12.69 23.12
C ILE C 116 2.94 -12.88 24.60
N SER C 117 1.69 -12.62 24.96
CA SER C 117 1.29 -12.77 26.36
C SER C 117 0.41 -14.00 26.60
N ILE C 118 0.38 -14.42 27.86
CA ILE C 118 -0.41 -15.58 28.26
C ILE C 118 -1.90 -15.37 27.89
N SER C 119 -2.33 -14.10 27.86
CA SER C 119 -3.71 -13.77 27.51
C SER C 119 -3.96 -14.00 26.02
N ASP C 120 -2.89 -14.26 25.27
CA ASP C 120 -3.00 -14.51 23.84
C ASP C 120 -2.94 -16.02 23.55
N ARG C 121 -2.93 -16.82 24.61
CA ARG C 121 -2.87 -18.28 24.46
C ARG C 121 -3.92 -18.78 23.46
N GLY C 122 -3.48 -19.59 22.51
CA GLY C 122 -4.39 -20.11 21.50
C GLY C 122 -4.48 -19.22 20.28
N HIS C 123 -3.82 -18.06 20.34
CA HIS C 123 -3.85 -17.11 19.23
C HIS C 123 -2.44 -16.62 18.87
N VAL C 124 -1.43 -17.38 19.27
CA VAL C 124 -0.06 -16.98 18.99
C VAL C 124 0.25 -16.89 17.49
N ARG C 125 -0.22 -17.85 16.70
CA ARG C 125 0.07 -17.80 15.29
C ARG C 125 -0.38 -16.50 14.64
N SER C 126 -1.54 -15.98 15.05
CA SER C 126 -2.03 -14.73 14.49
C SER C 126 -1.09 -13.58 14.87
N ILE C 127 -0.49 -13.65 16.04
CA ILE C 127 0.44 -12.62 16.46
C ILE C 127 1.72 -12.75 15.62
N VAL C 128 2.18 -13.98 15.43
CA VAL C 128 3.37 -14.21 14.62
C VAL C 128 3.11 -13.74 13.19
N ASP C 129 1.87 -13.92 12.73
CA ASP C 129 1.52 -13.50 11.38
C ASP C 129 1.50 -11.99 11.24
N ASN C 130 1.50 -11.26 12.34
CA ASN C 130 1.51 -9.80 12.24
C ASN C 130 2.92 -9.23 12.02
N TRP C 131 3.95 -10.00 12.31
CA TRP C 131 5.32 -9.50 12.10
C TRP C 131 5.47 -9.23 10.61
N PRO C 132 5.92 -8.02 10.25
CA PRO C 132 6.12 -7.55 8.88
C PRO C 132 7.12 -8.29 7.99
N GLU C 133 8.15 -8.89 8.57
CA GLU C 133 9.17 -9.60 7.78
C GLU C 133 8.81 -11.06 7.52
N ASN C 134 8.99 -11.48 6.27
CA ASN C 134 8.65 -12.83 5.84
C ASN C 134 9.79 -13.84 5.89
N HIS C 135 11.02 -13.36 6.02
CA HIS C 135 12.18 -14.26 6.00
C HIS C 135 12.98 -14.36 7.30
N VAL C 136 12.30 -14.38 8.44
CA VAL C 136 12.99 -14.48 9.72
C VAL C 136 13.82 -15.75 9.77
N LYS C 137 15.06 -15.65 10.25
CA LYS C 137 15.95 -16.80 10.35
C LYS C 137 16.40 -17.02 11.78
N ALA C 138 16.33 -15.96 12.60
CA ALA C 138 16.75 -16.06 13.99
C ALA C 138 15.84 -15.32 14.96
N VAL C 139 15.64 -15.94 16.11
CA VAL C 139 14.82 -15.38 17.16
C VAL C 139 15.54 -15.45 18.50
N VAL C 140 15.46 -14.36 19.26
CA VAL C 140 16.02 -14.35 20.60
C VAL C 140 14.79 -14.04 21.45
N VAL C 141 14.46 -14.95 22.36
CA VAL C 141 13.28 -14.78 23.18
C VAL C 141 13.58 -14.87 24.66
N THR C 142 12.86 -14.06 25.44
CA THR C 142 13.01 -14.05 26.89
C THR C 142 11.61 -13.95 27.50
N ASP C 143 11.50 -14.32 28.77
CA ASP C 143 10.22 -14.20 29.49
C ASP C 143 10.48 -13.22 30.63
N GLY C 144 11.68 -12.63 30.60
CA GLY C 144 12.09 -11.64 31.57
C GLY C 144 12.22 -12.02 33.03
N GLU C 145 12.24 -13.31 33.35
CA GLU C 145 12.35 -13.73 34.74
C GLU C 145 13.77 -13.60 35.31
N ARG C 146 14.77 -13.80 34.48
CA ARG C 146 16.15 -13.67 34.94
C ARG C 146 16.93 -12.77 33.99
N ILE C 147 16.68 -11.47 34.08
CA ILE C 147 17.36 -10.50 33.23
C ILE C 147 18.71 -10.17 33.86
N LEU C 148 19.78 -10.67 33.24
CA LEU C 148 21.12 -10.45 33.75
C LEU C 148 21.08 -10.94 35.20
N GLY C 149 21.63 -10.14 36.12
CA GLY C 149 21.61 -10.51 37.52
C GLY C 149 20.62 -9.62 38.26
N LEU C 150 19.72 -9.01 37.49
CA LEU C 150 18.72 -8.08 38.02
C LEU C 150 17.42 -8.75 38.47
N GLY C 151 17.21 -10.00 38.09
CA GLY C 151 15.99 -10.68 38.50
C GLY C 151 14.82 -10.56 37.51
N ASP C 152 13.61 -10.61 38.06
CA ASP C 152 12.38 -10.56 37.27
C ASP C 152 11.99 -9.13 36.88
N LEU C 153 12.18 -8.80 35.60
CA LEU C 153 11.82 -7.46 35.12
C LEU C 153 10.64 -7.52 34.16
N GLY C 154 10.03 -8.69 34.04
CA GLY C 154 8.90 -8.85 33.16
C GLY C 154 9.14 -8.34 31.74
N VAL C 155 8.11 -7.71 31.19
CA VAL C 155 8.16 -7.17 29.84
C VAL C 155 9.26 -6.13 29.65
N TYR C 156 9.72 -5.51 30.75
CA TYR C 156 10.79 -4.53 30.65
C TYR C 156 12.05 -5.26 30.15
N GLY C 157 12.05 -6.58 30.26
CA GLY C 157 13.19 -7.37 29.81
C GLY C 157 13.38 -7.43 28.30
N MET C 158 12.38 -6.93 27.55
CA MET C 158 12.46 -6.94 26.10
C MET C 158 13.73 -6.25 25.63
N GLY C 159 14.26 -5.33 26.44
CA GLY C 159 15.48 -4.64 26.07
C GLY C 159 16.61 -5.59 25.78
N ILE C 160 16.59 -6.76 26.44
CA ILE C 160 17.64 -7.77 26.26
C ILE C 160 17.64 -8.38 24.86
N PRO C 161 16.53 -9.02 24.45
CA PRO C 161 16.47 -9.62 23.11
C PRO C 161 16.78 -8.57 22.03
N VAL C 162 16.31 -7.35 22.24
CA VAL C 162 16.56 -6.27 21.31
C VAL C 162 18.06 -6.00 21.19
N GLY C 163 18.72 -5.89 22.34
CA GLY C 163 20.15 -5.64 22.35
C GLY C 163 20.93 -6.79 21.76
N LYS C 164 20.58 -8.00 22.16
CA LYS C 164 21.26 -9.19 21.67
C LYS C 164 21.20 -9.24 20.12
N LEU C 165 20.02 -9.00 19.56
CA LEU C 165 19.89 -9.03 18.11
C LEU C 165 20.61 -7.87 17.41
N CYS C 166 20.73 -6.72 18.08
CA CYS C 166 21.46 -5.61 17.48
C CYS C 166 22.88 -6.11 17.26
N LEU C 167 23.36 -6.93 18.20
CA LEU C 167 24.71 -7.47 18.14
C LEU C 167 24.85 -8.59 17.10
N TYR C 168 23.75 -9.25 16.77
CA TYR C 168 23.77 -10.31 15.76
C TYR C 168 24.31 -9.63 14.51
N THR C 169 23.70 -8.49 14.19
CA THR C 169 24.05 -7.70 13.02
C THR C 169 25.39 -6.98 13.16
N ALA C 170 25.54 -6.17 14.20
CA ALA C 170 26.76 -5.40 14.41
C ALA C 170 28.03 -6.25 14.47
N CYS C 171 27.94 -7.41 15.12
CA CYS C 171 29.11 -8.28 15.26
C CYS C 171 29.28 -9.35 14.17
N ALA C 172 28.20 -10.00 13.76
CA ALA C 172 28.31 -11.06 12.75
C ALA C 172 27.77 -10.73 11.36
N GLY C 173 27.25 -9.53 11.17
CA GLY C 173 26.74 -9.18 9.85
C GLY C 173 25.49 -9.94 9.45
N ILE C 174 24.72 -10.40 10.44
CA ILE C 174 23.49 -11.10 10.16
C ILE C 174 22.47 -10.03 9.77
N ARG C 175 21.66 -10.31 8.75
CA ARG C 175 20.67 -9.37 8.30
C ARG C 175 19.66 -9.01 9.40
N PRO C 176 19.42 -7.71 9.60
CA PRO C 176 18.47 -7.25 10.62
C PRO C 176 17.02 -7.66 10.34
N ASP C 177 16.65 -7.67 9.06
CA ASP C 177 15.29 -8.04 8.68
C ASP C 177 15.04 -9.53 8.92
N GLN C 178 16.11 -10.28 9.15
CA GLN C 178 15.97 -11.72 9.40
C GLN C 178 15.95 -12.04 10.89
N CYS C 179 16.03 -11.01 11.73
CA CYS C 179 16.04 -11.18 13.18
C CYS C 179 14.72 -10.75 13.83
N LEU C 180 14.29 -11.52 14.83
CA LEU C 180 13.04 -11.23 15.53
C LEU C 180 13.14 -11.31 17.04
N PRO C 181 13.06 -10.15 17.72
CA PRO C 181 13.15 -10.14 19.19
C PRO C 181 11.78 -10.54 19.75
N VAL C 182 11.76 -11.43 20.72
CA VAL C 182 10.50 -11.85 21.29
C VAL C 182 10.45 -11.82 22.79
N CYS C 183 9.36 -11.29 23.32
CA CYS C 183 9.16 -11.25 24.76
C CYS C 183 7.88 -12.01 25.10
N ILE C 184 8.02 -13.05 25.92
CA ILE C 184 6.89 -13.85 26.34
C ILE C 184 6.43 -13.30 27.68
N ASP C 185 5.20 -12.79 27.73
CA ASP C 185 4.69 -12.21 28.96
C ASP C 185 3.62 -13.05 29.63
N VAL C 186 3.98 -13.69 30.74
CA VAL C 186 3.05 -14.52 31.50
C VAL C 186 2.82 -13.89 32.86
N GLY C 187 3.18 -12.60 32.95
CA GLY C 187 3.05 -11.87 34.20
C GLY C 187 4.42 -11.68 34.81
N THR C 188 4.47 -11.09 36.00
CA THR C 188 5.74 -10.86 36.69
C THR C 188 5.53 -10.90 38.21
N ASP C 189 6.55 -11.35 38.94
CA ASP C 189 6.44 -11.42 40.39
C ASP C 189 7.11 -10.21 41.05
N ASN C 190 7.61 -9.28 40.23
CA ASN C 190 8.26 -8.08 40.74
C ASN C 190 7.17 -7.12 41.23
N ILE C 191 7.00 -7.07 42.55
CA ILE C 191 5.99 -6.22 43.18
C ILE C 191 6.05 -4.76 42.72
N ALA C 192 7.25 -4.19 42.64
CA ALA C 192 7.40 -2.80 42.22
C ALA C 192 6.79 -2.56 40.83
N LEU C 193 7.03 -3.48 39.90
CA LEU C 193 6.50 -3.32 38.54
C LEU C 193 4.99 -3.41 38.51
N LEU C 194 4.43 -4.30 39.32
CA LEU C 194 2.98 -4.47 39.38
C LEU C 194 2.28 -3.21 39.86
N LYS C 195 3.02 -2.30 40.48
CA LYS C 195 2.43 -1.06 40.95
C LYS C 195 2.90 0.14 40.13
N ASP C 196 3.69 -0.14 39.10
CA ASP C 196 4.22 0.89 38.22
C ASP C 196 3.22 1.20 37.11
N PRO C 197 2.71 2.44 37.04
CA PRO C 197 1.75 2.82 36.01
C PRO C 197 2.31 2.85 34.59
N PHE C 198 3.63 2.74 34.47
CA PHE C 198 4.25 2.75 33.16
C PHE C 198 4.67 1.33 32.75
N TYR C 199 4.32 0.35 33.56
CA TYR C 199 4.67 -1.04 33.26
C TYR C 199 4.10 -1.42 31.90
N MET C 200 4.87 -2.17 31.12
CA MET C 200 4.47 -2.57 29.77
C MET C 200 3.89 -3.98 29.62
N GLY C 201 3.69 -4.68 30.73
CA GLY C 201 3.16 -6.02 30.63
C GLY C 201 1.84 -6.22 31.36
N LEU C 202 1.37 -7.47 31.38
CA LEU C 202 0.14 -7.79 32.08
C LEU C 202 0.34 -7.58 33.59
N TYR C 203 -0.67 -7.03 34.25
CA TYR C 203 -0.57 -6.80 35.69
C TYR C 203 -1.03 -8.01 36.48
N GLN C 204 -0.20 -9.04 36.49
CA GLN C 204 -0.50 -10.28 37.20
C GLN C 204 0.82 -10.94 37.54
N LYS C 205 0.82 -11.78 38.57
CA LYS C 205 2.03 -12.49 38.94
C LYS C 205 2.25 -13.57 37.89
N ARG C 206 3.47 -14.10 37.82
CA ARG C 206 3.77 -15.13 36.84
C ARG C 206 2.86 -16.34 36.91
N ASP C 207 2.39 -16.76 35.74
CA ASP C 207 1.53 -17.94 35.61
C ASP C 207 2.51 -19.11 35.54
N ARG C 208 2.52 -19.95 36.57
CA ARG C 208 3.44 -21.10 36.59
C ARG C 208 2.69 -22.42 36.43
N THR C 209 1.49 -22.34 35.87
CA THR C 209 0.66 -23.51 35.65
C THR C 209 1.02 -24.16 34.33
N GLN C 210 0.32 -25.22 33.99
CA GLN C 210 0.53 -25.94 32.76
C GLN C 210 0.38 -25.00 31.56
N GLN C 211 -0.40 -23.94 31.76
CA GLN C 211 -0.64 -22.95 30.71
C GLN C 211 0.64 -22.28 30.24
N TYR C 212 1.64 -22.22 31.13
CA TYR C 212 2.92 -21.61 30.79
C TYR C 212 3.65 -22.47 29.77
N ASP C 213 3.83 -23.74 30.09
CA ASP C 213 4.50 -24.66 29.18
C ASP C 213 3.76 -24.71 27.85
N ASP C 214 2.43 -24.73 27.91
CA ASP C 214 1.63 -24.78 26.69
C ASP C 214 1.91 -23.55 25.81
N LEU C 215 1.97 -22.37 26.43
CA LEU C 215 2.23 -21.14 25.70
C LEU C 215 3.58 -21.18 24.98
N ILE C 216 4.62 -21.64 25.68
CA ILE C 216 5.95 -21.73 25.09
C ILE C 216 5.92 -22.71 23.91
N ASP C 217 5.17 -23.79 24.09
CA ASP C 217 5.05 -24.80 23.02
C ASP C 217 4.39 -24.15 21.81
N GLU C 218 3.31 -23.42 22.05
CA GLU C 218 2.58 -22.77 20.96
C GLU C 218 3.52 -21.78 20.26
N PHE C 219 4.35 -21.11 21.06
CA PHE C 219 5.31 -20.14 20.54
C PHE C 219 6.30 -20.81 19.58
N MET C 220 6.92 -21.91 20.04
CA MET C 220 7.88 -22.64 19.22
C MET C 220 7.22 -23.09 17.92
N LYS C 221 6.04 -23.70 18.04
CA LYS C 221 5.32 -24.20 16.87
C LYS C 221 4.92 -23.10 15.89
N ALA C 222 4.43 -21.99 16.41
CA ALA C 222 4.00 -20.88 15.56
C ALA C 222 5.18 -20.28 14.78
N ILE C 223 6.30 -20.09 15.47
CA ILE C 223 7.48 -19.52 14.85
C ILE C 223 7.97 -20.39 13.71
N THR C 224 8.10 -21.69 13.97
CA THR C 224 8.58 -22.60 12.95
C THR C 224 7.53 -22.88 11.86
N ASP C 225 6.25 -22.82 12.22
CA ASP C 225 5.20 -23.04 11.22
C ASP C 225 5.30 -21.98 10.13
N ARG C 226 5.47 -20.74 10.53
CA ARG C 226 5.57 -19.65 9.56
C ARG C 226 6.93 -19.53 8.90
N TYR C 227 8.01 -19.58 9.69
CA TYR C 227 9.35 -19.40 9.14
C TYR C 227 10.21 -20.60 8.79
N GLY C 228 9.81 -21.79 9.23
CA GLY C 228 10.60 -22.97 8.95
C GLY C 228 11.08 -23.71 10.19
N ARG C 229 11.19 -25.02 10.07
CA ARG C 229 11.61 -25.87 11.17
C ARG C 229 13.04 -25.60 11.68
N ASN C 230 13.89 -25.02 10.83
CA ASN C 230 15.26 -24.75 11.24
C ASN C 230 15.48 -23.32 11.76
N THR C 231 14.40 -22.56 11.94
CA THR C 231 14.51 -21.20 12.44
C THR C 231 15.29 -21.23 13.75
N LEU C 232 16.34 -20.43 13.84
CA LEU C 232 17.16 -20.40 15.05
C LEU C 232 16.39 -19.71 16.16
N ILE C 233 16.30 -20.37 17.31
CA ILE C 233 15.60 -19.81 18.46
C ILE C 233 16.52 -19.81 19.68
N GLN C 234 17.00 -18.62 20.03
CA GLN C 234 17.90 -18.43 21.15
C GLN C 234 17.16 -18.04 22.43
N PHE C 235 17.14 -18.93 23.42
CA PHE C 235 16.47 -18.60 24.66
C PHE C 235 17.40 -17.72 25.46
N GLU C 236 16.87 -16.65 26.00
CA GLU C 236 17.68 -15.71 26.74
C GLU C 236 17.00 -15.22 28.02
N ASP C 237 17.75 -15.22 29.11
CA ASP C 237 17.27 -14.74 30.40
C ASP C 237 15.99 -15.35 30.95
N PHE C 238 15.90 -16.67 30.88
CA PHE C 238 14.77 -17.42 31.43
C PHE C 238 15.24 -17.86 32.82
N GLY C 239 14.30 -18.08 33.73
CA GLY C 239 14.67 -18.51 35.07
C GLY C 239 15.34 -19.86 35.03
N ASN C 240 16.17 -20.14 36.04
CA ASN C 240 16.91 -21.40 36.12
C ASN C 240 16.10 -22.65 35.75
N HIS C 241 15.05 -22.92 36.51
CA HIS C 241 14.23 -24.11 36.26
C HIS C 241 13.80 -24.25 34.79
N ASN C 242 13.15 -23.21 34.27
CA ASN C 242 12.68 -23.21 32.88
C ASN C 242 13.79 -23.29 31.85
N ALA C 243 14.90 -22.60 32.12
CA ALA C 243 16.03 -22.57 31.19
C ALA C 243 16.48 -23.97 30.78
N PHE C 244 16.81 -24.81 31.76
CA PHE C 244 17.26 -26.17 31.48
C PHE C 244 16.16 -27.04 30.88
N ARG C 245 14.99 -26.98 31.50
CA ARG C 245 13.83 -27.75 31.09
C ARG C 245 13.53 -27.56 29.59
N PHE C 246 13.49 -26.31 29.14
CA PHE C 246 13.21 -26.01 27.75
C PHE C 246 14.36 -26.35 26.81
N LEU C 247 15.59 -26.27 27.32
CA LEU C 247 16.74 -26.61 26.49
C LEU C 247 16.69 -28.12 26.22
N ARG C 248 16.52 -28.90 27.28
CA ARG C 248 16.43 -30.35 27.15
C ARG C 248 15.24 -30.76 26.30
N LYS C 249 14.11 -30.08 26.51
CA LYS C 249 12.88 -30.40 25.79
C LYS C 249 12.89 -30.07 24.30
N TYR C 250 13.54 -28.97 23.92
CA TYR C 250 13.54 -28.57 22.53
C TYR C 250 14.79 -28.73 21.68
N ARG C 251 15.95 -28.96 22.30
CA ARG C 251 17.18 -29.06 21.51
C ARG C 251 17.27 -30.13 20.43
N GLU C 252 16.52 -31.22 20.56
CA GLU C 252 16.55 -32.27 19.55
C GLU C 252 15.37 -32.16 18.58
N LYS C 253 14.45 -31.26 18.89
CA LYS C 253 13.25 -31.05 18.08
C LYS C 253 13.37 -29.80 17.21
N TYR C 254 14.05 -28.79 17.75
CA TYR C 254 14.22 -27.53 17.04
C TYR C 254 15.67 -27.08 16.97
N CYS C 255 15.92 -25.97 16.27
CA CYS C 255 17.25 -25.41 16.17
C CYS C 255 17.29 -24.37 17.27
N THR C 256 17.73 -24.78 18.45
CA THR C 256 17.72 -23.88 19.59
C THR C 256 18.82 -24.10 20.62
N PHE C 257 19.15 -23.03 21.34
CA PHE C 257 20.15 -23.08 22.38
C PHE C 257 19.83 -22.00 23.40
N ASN C 258 20.42 -22.13 24.58
CA ASN C 258 20.21 -21.16 25.64
C ASN C 258 21.53 -20.43 25.79
N ASP C 259 21.50 -19.12 25.52
CA ASP C 259 22.68 -18.28 25.59
C ASP C 259 23.36 -18.28 26.97
N ASP C 260 22.53 -18.24 28.01
CA ASP C 260 23.02 -18.20 29.38
C ASP C 260 23.67 -19.48 29.89
N ILE C 261 23.29 -20.62 29.31
CA ILE C 261 23.86 -21.90 29.70
C ILE C 261 25.01 -22.29 28.77
N GLN C 262 24.75 -22.20 27.47
CA GLN C 262 25.73 -22.60 26.47
C GLN C 262 26.63 -21.46 25.98
N GLY C 263 26.05 -20.31 25.69
CA GLY C 263 26.84 -19.18 25.23
C GLY C 263 27.87 -18.78 26.27
N THR C 264 27.42 -18.61 27.50
CA THR C 264 28.29 -18.24 28.61
C THR C 264 29.33 -19.34 28.87
N ALA C 265 28.93 -20.59 28.62
CA ALA C 265 29.81 -21.72 28.83
C ALA C 265 31.01 -21.65 27.90
N ALA C 266 30.75 -21.34 26.63
CA ALA C 266 31.80 -21.25 25.63
C ALA C 266 32.77 -20.09 25.86
N VAL C 267 32.26 -18.90 26.19
CA VAL C 267 33.16 -17.77 26.40
C VAL C 267 34.03 -17.99 27.64
N ALA C 268 33.44 -18.58 28.68
CA ALA C 268 34.19 -18.87 29.91
C ALA C 268 35.31 -19.87 29.61
N LEU C 269 34.97 -20.96 28.93
CA LEU C 269 35.94 -21.98 28.57
C LEU C 269 37.08 -21.35 27.78
N ALA C 270 36.72 -20.51 26.81
CA ALA C 270 37.69 -19.83 25.97
C ALA C 270 38.68 -19.05 26.83
N GLY C 271 38.17 -18.42 27.89
CA GLY C 271 39.04 -17.66 28.77
C GLY C 271 40.01 -18.57 29.48
N LEU C 272 39.50 -19.71 29.94
CA LEU C 272 40.31 -20.70 30.63
C LEU C 272 41.34 -21.28 29.67
N LEU C 273 40.92 -21.53 28.44
CA LEU C 273 41.83 -22.08 27.42
C LEU C 273 42.95 -21.09 27.15
N ALA C 274 42.64 -19.79 27.19
CA ALA C 274 43.65 -18.77 26.97
C ALA C 274 44.60 -18.73 28.16
N ALA C 275 44.05 -18.79 29.37
CA ALA C 275 44.85 -18.77 30.58
C ALA C 275 45.82 -19.96 30.56
N GLN C 276 45.34 -21.09 30.04
CA GLN C 276 46.12 -22.32 29.91
C GLN C 276 47.44 -21.99 29.21
N LYS C 277 47.35 -21.22 28.14
CA LYS C 277 48.51 -20.86 27.36
C LYS C 277 49.47 -19.89 28.03
N VAL C 278 48.94 -18.98 28.86
CA VAL C 278 49.80 -18.01 29.53
C VAL C 278 50.55 -18.59 30.72
N ILE C 279 50.00 -19.61 31.37
CA ILE C 279 50.68 -20.20 32.52
C ILE C 279 51.09 -21.67 32.36
N SER C 280 50.73 -22.27 31.22
CA SER C 280 51.06 -23.67 30.95
C SER C 280 50.79 -24.55 32.16
N LYS C 281 49.55 -24.54 32.66
CA LYS C 281 49.23 -25.35 33.84
C LYS C 281 48.63 -26.72 33.52
N PRO C 282 49.13 -27.79 34.20
CA PRO C 282 48.67 -29.17 34.02
C PRO C 282 47.24 -29.39 34.54
N ILE C 283 46.40 -29.87 33.63
CA ILE C 283 44.99 -30.14 33.88
C ILE C 283 44.73 -30.98 35.12
N SER C 284 45.75 -31.72 35.56
CA SER C 284 45.66 -32.56 36.75
C SER C 284 45.72 -31.69 38.01
N GLU C 285 46.45 -30.59 37.89
CA GLU C 285 46.58 -29.63 38.99
C GLU C 285 45.52 -28.54 38.92
N HIS C 286 44.59 -28.69 37.97
CA HIS C 286 43.48 -27.74 37.81
C HIS C 286 42.44 -28.03 38.90
N LYS C 287 42.22 -27.08 39.82
CA LYS C 287 41.20 -27.26 40.87
C LYS C 287 40.26 -26.07 40.71
N ILE C 288 39.06 -26.32 40.20
CA ILE C 288 38.09 -25.26 39.94
C ILE C 288 36.90 -25.17 40.89
N LEU C 289 36.68 -23.98 41.44
CA LEU C 289 35.57 -23.74 42.35
C LEU C 289 34.63 -22.66 41.83
N PHE C 290 33.38 -23.05 41.62
CA PHE C 290 32.35 -22.14 41.13
C PHE C 290 31.60 -21.49 42.27
N LEU C 291 31.33 -20.19 42.13
CA LEU C 291 30.53 -19.47 43.10
C LEU C 291 29.19 -19.49 42.35
N GLY C 292 28.32 -20.41 42.74
CA GLY C 292 27.04 -20.55 42.07
C GLY C 292 26.97 -21.96 41.50
N ALA C 293 25.77 -22.41 41.19
CA ALA C 293 25.59 -23.76 40.66
C ALA C 293 24.36 -23.81 39.77
N GLY C 294 24.13 -22.75 38.99
CA GLY C 294 22.97 -22.68 38.12
C GLY C 294 23.26 -22.76 36.63
N GLU C 295 22.52 -21.96 35.87
CA GLU C 295 22.65 -21.91 34.41
C GLU C 295 24.09 -21.81 33.90
N ALA C 296 24.81 -20.79 34.34
CA ALA C 296 26.19 -20.60 33.90
C ALA C 296 27.15 -21.62 34.45
N ALA C 297 27.14 -21.81 35.76
CA ALA C 297 28.04 -22.77 36.41
C ALA C 297 27.93 -24.14 35.75
N LEU C 298 26.72 -24.69 35.68
CA LEU C 298 26.53 -26.02 35.08
C LEU C 298 26.93 -26.04 33.61
N GLY C 299 26.61 -24.97 32.87
CA GLY C 299 26.97 -24.90 31.47
C GLY C 299 28.49 -24.91 31.30
N ILE C 300 29.17 -24.04 32.03
CA ILE C 300 30.62 -23.95 31.97
C ILE C 300 31.30 -25.25 32.40
N ALA C 301 30.85 -25.81 33.52
CA ALA C 301 31.43 -27.04 34.04
C ALA C 301 31.35 -28.19 33.03
N ASN C 302 30.20 -28.31 32.38
CA ASN C 302 30.00 -29.36 31.40
C ASN C 302 30.93 -29.22 30.20
N LEU C 303 31.14 -27.98 29.77
CA LEU C 303 32.02 -27.71 28.64
C LEU C 303 33.47 -27.92 29.03
N ILE C 304 33.81 -27.58 30.27
CA ILE C 304 35.18 -27.76 30.74
C ILE C 304 35.49 -29.26 30.77
N VAL C 305 34.52 -30.05 31.24
CA VAL C 305 34.70 -31.49 31.29
C VAL C 305 34.95 -32.04 29.89
N MET C 306 34.14 -31.61 28.94
CA MET C 306 34.29 -32.07 27.55
C MET C 306 35.69 -31.72 27.05
N SER C 307 36.22 -30.58 27.47
CA SER C 307 37.55 -30.16 27.05
C SER C 307 38.63 -31.05 27.65
N MET C 308 38.51 -31.37 28.94
CA MET C 308 39.49 -32.21 29.61
C MET C 308 39.44 -33.64 29.08
N VAL C 309 38.23 -34.10 28.77
CA VAL C 309 38.04 -35.46 28.25
C VAL C 309 38.72 -35.60 26.89
N GLU C 310 38.54 -34.60 26.06
CA GLU C 310 39.11 -34.56 24.73
C GLU C 310 40.63 -34.49 24.83
N ASN C 311 41.11 -34.17 26.04
CA ASN C 311 42.54 -34.04 26.28
C ASN C 311 43.17 -35.13 27.14
N GLY C 312 42.58 -36.32 27.12
CA GLY C 312 43.15 -37.43 27.87
C GLY C 312 42.63 -37.74 29.26
N LEU C 313 41.56 -37.10 29.71
CA LEU C 313 41.02 -37.39 31.04
C LEU C 313 39.67 -38.06 30.91
N SER C 314 39.34 -38.90 31.88
CA SER C 314 38.05 -39.57 31.87
C SER C 314 37.03 -38.57 32.41
N GLU C 315 35.78 -38.73 32.00
CA GLU C 315 34.71 -37.85 32.43
C GLU C 315 34.76 -37.72 33.95
N GLN C 316 34.84 -38.85 34.65
CA GLN C 316 34.88 -38.86 36.10
C GLN C 316 36.05 -38.08 36.67
N GLU C 317 37.25 -38.31 36.14
CA GLU C 317 38.44 -37.61 36.61
C GLU C 317 38.27 -36.09 36.49
N ALA C 318 37.76 -35.67 35.34
CA ALA C 318 37.56 -34.26 35.06
C ALA C 318 36.56 -33.62 36.00
N GLN C 319 35.41 -34.28 36.21
CA GLN C 319 34.37 -33.76 37.09
C GLN C 319 34.85 -33.65 38.54
N LYS C 320 35.81 -34.51 38.90
CA LYS C 320 36.36 -34.52 40.25
C LYS C 320 37.12 -33.24 40.57
N LYS C 321 37.58 -32.54 39.54
CA LYS C 321 38.34 -31.31 39.72
C LYS C 321 37.46 -30.07 39.84
N ILE C 322 36.15 -30.27 39.76
CA ILE C 322 35.21 -29.17 39.81
C ILE C 322 34.28 -29.17 41.03
N TRP C 323 34.32 -28.07 41.78
CA TRP C 323 33.47 -27.91 42.96
C TRP C 323 32.56 -26.69 42.76
N MET C 324 31.38 -26.72 43.39
CA MET C 324 30.44 -25.61 43.29
C MET C 324 29.92 -25.22 44.68
N PHE C 325 29.73 -23.92 44.87
CA PHE C 325 29.27 -23.36 46.13
C PHE C 325 28.11 -22.42 45.81
N ASP C 326 26.89 -22.86 46.03
CA ASP C 326 25.73 -22.01 45.75
C ASP C 326 25.28 -21.22 46.99
N LYS C 327 24.09 -20.63 46.95
CA LYS C 327 23.64 -19.83 48.09
C LYS C 327 23.52 -20.59 49.40
N TYR C 328 23.45 -21.91 49.35
CA TYR C 328 23.34 -22.68 50.58
C TYR C 328 24.70 -23.21 51.02
N GLY C 329 25.70 -23.04 50.16
CA GLY C 329 27.03 -23.50 50.52
C GLY C 329 27.63 -24.49 49.52
N LEU C 330 28.61 -25.25 49.98
CA LEU C 330 29.28 -26.22 49.13
C LEU C 330 28.40 -27.41 48.76
N LEU C 331 28.38 -27.74 47.47
CA LEU C 331 27.60 -28.87 46.99
C LEU C 331 28.36 -30.14 47.40
N VAL C 332 27.89 -30.80 48.45
CA VAL C 332 28.54 -32.03 48.91
C VAL C 332 27.48 -33.08 49.18
N LYS C 333 27.83 -34.34 48.91
CA LYS C 333 26.93 -35.47 49.12
C LYS C 333 26.30 -35.47 50.51
N GLY C 334 24.97 -35.51 50.55
CA GLY C 334 24.27 -35.52 51.81
C GLY C 334 23.96 -34.19 52.47
N ARG C 335 24.23 -33.07 51.80
CA ARG C 335 23.93 -31.77 52.39
C ARG C 335 22.41 -31.61 52.42
N LYS C 336 21.91 -30.70 53.25
CA LYS C 336 20.46 -30.51 53.32
C LYS C 336 19.87 -29.87 52.07
N ALA C 337 20.50 -28.84 51.54
CA ALA C 337 20.00 -28.15 50.35
C ALA C 337 19.91 -29.11 49.16
N LYS C 338 18.89 -28.92 48.32
CA LYS C 338 18.66 -29.75 47.15
C LYS C 338 19.83 -29.85 46.17
N ILE C 339 19.91 -30.99 45.50
CA ILE C 339 20.94 -31.30 44.50
C ILE C 339 20.23 -32.05 43.38
N ASP C 340 20.10 -31.45 42.21
CA ASP C 340 19.42 -32.14 41.11
C ASP C 340 20.38 -32.97 40.27
N SER C 341 19.86 -33.60 39.22
CA SER C 341 20.66 -34.45 38.35
C SER C 341 21.83 -33.74 37.68
N TYR C 342 21.64 -32.48 37.30
CA TYR C 342 22.71 -31.73 36.65
C TYR C 342 23.88 -31.44 37.58
N GLN C 343 23.59 -31.22 38.85
CA GLN C 343 24.62 -30.89 39.84
C GLN C 343 25.33 -32.10 40.44
N GLU C 344 24.63 -33.24 40.46
CA GLU C 344 25.17 -34.48 41.00
C GLU C 344 26.63 -34.77 40.61
N PRO C 345 26.96 -34.67 39.32
CA PRO C 345 28.33 -34.94 38.85
C PRO C 345 29.41 -34.06 39.48
N PHE C 346 29.01 -32.94 40.07
CA PHE C 346 29.96 -32.04 40.69
C PHE C 346 29.78 -31.94 42.20
N THR C 347 28.98 -32.85 42.74
CA THR C 347 28.69 -32.93 44.17
C THR C 347 29.54 -34.06 44.73
N HIS C 348 30.63 -33.69 45.40
CA HIS C 348 31.55 -34.68 45.94
C HIS C 348 31.41 -34.92 47.45
N SER C 349 32.07 -35.97 47.93
CA SER C 349 32.04 -36.30 49.35
C SER C 349 32.57 -35.09 50.09
N ALA C 350 31.89 -34.71 51.17
CA ALA C 350 32.28 -33.55 51.98
C ALA C 350 33.75 -33.61 52.39
N PRO C 351 34.46 -32.47 52.27
CA PRO C 351 35.87 -32.41 52.66
C PRO C 351 36.03 -32.47 54.18
N GLU C 352 37.29 -32.38 54.63
CA GLU C 352 37.62 -32.42 56.06
C GLU C 352 36.63 -31.58 56.86
N SER C 353 36.60 -30.30 56.55
CA SER C 353 35.70 -29.36 57.23
C SER C 353 34.73 -28.80 56.19
N ILE C 354 33.54 -28.39 56.64
CA ILE C 354 32.54 -27.82 55.76
C ILE C 354 32.61 -26.31 55.89
N PRO C 355 32.82 -25.60 54.77
CA PRO C 355 32.93 -24.15 54.75
C PRO C 355 31.59 -23.42 54.95
N ASP C 356 31.64 -22.28 55.63
CA ASP C 356 30.46 -21.47 55.86
C ASP C 356 30.33 -20.48 54.69
N THR C 357 31.42 -19.76 54.44
CA THR C 357 31.47 -18.76 53.38
C THR C 357 32.32 -19.20 52.20
N PHE C 358 32.22 -18.48 51.10
CA PHE C 358 33.02 -18.82 49.92
C PHE C 358 34.49 -18.69 50.30
N GLU C 359 34.79 -17.75 51.18
CA GLU C 359 36.17 -17.56 51.63
C GLU C 359 36.66 -18.85 52.28
N ASP C 360 35.83 -19.45 53.12
CA ASP C 360 36.19 -20.71 53.79
C ASP C 360 36.42 -21.79 52.76
N ALA C 361 35.54 -21.84 51.76
CA ALA C 361 35.63 -22.81 50.69
C ALA C 361 36.97 -22.72 49.97
N VAL C 362 37.42 -21.50 49.73
CA VAL C 362 38.70 -21.28 49.06
C VAL C 362 39.86 -21.78 49.92
N ASN C 363 39.81 -21.49 51.21
CA ASN C 363 40.88 -21.91 52.12
C ASN C 363 40.90 -23.42 52.36
N ILE C 364 39.73 -24.03 52.37
CA ILE C 364 39.65 -25.47 52.60
C ILE C 364 39.99 -26.27 51.34
N LEU C 365 39.44 -25.85 50.21
CA LEU C 365 39.66 -26.56 48.95
C LEU C 365 40.94 -26.14 48.24
N LYS C 366 41.37 -24.89 48.45
CA LYS C 366 42.57 -24.38 47.81
C LYS C 366 42.51 -24.49 46.28
N PRO C 367 41.43 -23.97 45.68
CA PRO C 367 41.26 -24.01 44.23
C PRO C 367 42.29 -23.12 43.53
N SER C 368 42.60 -23.43 42.28
CA SER C 368 43.55 -22.62 41.52
C SER C 368 42.77 -21.67 40.62
N THR C 369 41.49 -21.99 40.41
CA THR C 369 40.63 -21.16 39.58
C THR C 369 39.31 -20.90 40.28
N ILE C 370 38.87 -19.64 40.26
CA ILE C 370 37.62 -19.27 40.88
C ILE C 370 36.73 -18.58 39.84
N ILE C 371 35.51 -19.11 39.64
CA ILE C 371 34.58 -18.57 38.66
C ILE C 371 33.29 -18.07 39.32
N GLY C 372 33.10 -16.75 39.32
CA GLY C 372 31.94 -16.16 39.95
C GLY C 372 30.77 -16.06 38.99
N VAL C 373 29.70 -16.76 39.33
CA VAL C 373 28.54 -16.75 38.46
C VAL C 373 27.25 -16.93 39.26
N ALA C 374 27.10 -16.10 40.28
CA ALA C 374 25.94 -16.15 41.17
C ALA C 374 25.00 -14.97 41.00
N GLY C 375 25.35 -14.04 40.12
CA GLY C 375 24.52 -12.87 39.91
C GLY C 375 24.04 -12.25 41.21
N ALA C 376 24.90 -12.21 42.22
CA ALA C 376 24.51 -11.68 43.52
C ALA C 376 25.39 -10.60 44.13
N GLY C 377 26.18 -9.90 43.32
CA GLY C 377 27.04 -8.86 43.89
C GLY C 377 28.47 -9.27 44.19
N ARG C 378 29.17 -8.39 44.90
CA ARG C 378 30.59 -8.59 45.26
C ARG C 378 30.93 -9.75 46.20
N LEU C 379 30.61 -10.97 45.81
CA LEU C 379 30.90 -12.13 46.65
C LEU C 379 32.39 -12.51 46.70
N PHE C 380 33.17 -12.01 45.75
CA PHE C 380 34.61 -12.25 45.73
C PHE C 380 35.17 -11.07 46.50
N THR C 381 35.06 -11.16 47.82
CA THR C 381 35.53 -10.13 48.74
C THR C 381 37.06 -9.99 48.70
N PRO C 382 37.58 -8.88 49.23
CA PRO C 382 39.03 -8.64 49.25
C PRO C 382 39.75 -9.82 49.88
N ASP C 383 39.15 -10.41 50.91
CA ASP C 383 39.77 -11.55 51.58
C ASP C 383 39.75 -12.79 50.71
N VAL C 384 38.70 -12.96 49.91
CA VAL C 384 38.63 -14.10 49.01
C VAL C 384 39.77 -13.96 47.98
N ILE C 385 39.93 -12.74 47.47
CA ILE C 385 40.95 -12.46 46.47
C ILE C 385 42.36 -12.66 47.04
N ARG C 386 42.58 -12.24 48.28
CA ARG C 386 43.88 -12.41 48.91
C ARG C 386 44.18 -13.89 49.13
N ALA C 387 43.15 -14.64 49.50
CA ALA C 387 43.30 -16.06 49.75
C ALA C 387 43.76 -16.76 48.46
N MET C 388 43.17 -16.38 47.34
CA MET C 388 43.55 -16.96 46.05
C MET C 388 44.99 -16.61 45.70
N ALA C 389 45.43 -15.41 46.07
CA ALA C 389 46.78 -14.96 45.78
C ALA C 389 47.84 -15.59 46.67
N SER C 390 47.43 -15.97 47.88
CA SER C 390 48.32 -16.58 48.84
C SER C 390 48.47 -18.06 48.55
N ILE C 391 47.37 -18.66 48.06
CA ILE C 391 47.35 -20.07 47.72
C ILE C 391 47.95 -20.36 46.33
N ASN C 392 47.77 -19.42 45.40
CA ASN C 392 48.27 -19.63 44.04
C ASN C 392 49.23 -18.56 43.55
N GLU C 393 50.22 -18.97 42.76
CA GLU C 393 51.17 -18.02 42.22
C GLU C 393 50.46 -17.16 41.18
N ARG C 394 49.66 -17.79 40.33
CA ARG C 394 48.90 -17.09 39.29
C ARG C 394 47.44 -17.55 39.33
N PRO C 395 46.67 -17.03 40.29
CA PRO C 395 45.26 -17.40 40.42
C PRO C 395 44.42 -16.92 39.25
N VAL C 396 43.45 -17.74 38.86
CA VAL C 396 42.54 -17.40 37.78
C VAL C 396 41.25 -16.97 38.46
N ILE C 397 40.86 -15.72 38.26
CA ILE C 397 39.66 -15.20 38.87
C ILE C 397 38.69 -14.62 37.82
N PHE C 398 37.52 -15.23 37.72
CA PHE C 398 36.48 -14.81 36.76
C PHE C 398 35.23 -14.32 37.51
N ALA C 399 34.88 -13.05 37.31
CA ALA C 399 33.70 -12.46 37.92
C ALA C 399 32.78 -12.15 36.75
N LEU C 400 32.00 -13.16 36.35
CA LEU C 400 31.13 -13.06 35.19
C LEU C 400 29.71 -12.50 35.31
N SER C 401 29.22 -12.29 36.53
CA SER C 401 27.85 -11.78 36.68
C SER C 401 27.64 -10.35 36.21
N ASN C 402 26.55 -10.13 35.48
CA ASN C 402 26.20 -8.82 34.95
C ASN C 402 24.89 -8.36 35.60
N PRO C 403 24.66 -7.04 35.65
CA PRO C 403 25.54 -5.99 35.12
C PRO C 403 26.68 -5.73 36.12
N THR C 404 27.41 -4.64 35.91
CA THR C 404 28.55 -4.28 36.75
C THR C 404 28.33 -4.41 38.27
N ALA C 405 27.26 -3.79 38.77
CA ALA C 405 26.99 -3.83 40.21
C ALA C 405 26.79 -5.26 40.74
N GLN C 406 26.50 -6.19 39.85
CA GLN C 406 26.27 -7.55 40.27
C GLN C 406 27.54 -8.41 40.18
N ALA C 407 28.60 -7.86 39.59
CA ALA C 407 29.87 -8.57 39.45
C ALA C 407 30.44 -9.01 40.79
N GLU C 408 31.10 -10.16 40.81
CA GLU C 408 31.70 -10.70 42.02
C GLU C 408 32.80 -9.80 42.58
N CYS C 409 33.46 -9.05 41.70
CA CYS C 409 34.50 -8.11 42.09
C CYS C 409 34.91 -7.30 40.85
N THR C 410 35.63 -6.20 41.09
CA THR C 410 36.09 -5.33 40.01
C THR C 410 37.50 -5.75 39.59
N ALA C 411 37.92 -5.31 38.41
CA ALA C 411 39.25 -5.61 37.91
C ALA C 411 40.28 -4.96 38.83
N GLU C 412 39.99 -3.75 39.30
CA GLU C 412 40.92 -3.05 40.17
C GLU C 412 41.20 -3.90 41.41
N GLU C 413 40.13 -4.41 42.02
CA GLU C 413 40.25 -5.23 43.20
C GLU C 413 41.13 -6.45 42.93
N ALA C 414 40.82 -7.16 41.85
CA ALA C 414 41.53 -8.36 41.47
C ALA C 414 43.04 -8.16 41.28
N TYR C 415 43.42 -7.24 40.40
CA TYR C 415 44.82 -6.98 40.12
C TYR C 415 45.62 -6.41 41.28
N THR C 416 45.04 -5.47 42.02
CA THR C 416 45.77 -4.88 43.13
C THR C 416 45.96 -5.85 44.30
N LEU C 417 44.89 -6.52 44.71
CA LEU C 417 44.96 -7.46 45.83
C LEU C 417 45.81 -8.71 45.55
N THR C 418 46.07 -9.02 44.28
CA THR C 418 46.89 -10.17 43.95
C THR C 418 48.24 -9.70 43.44
N GLU C 419 48.48 -8.40 43.56
CA GLU C 419 49.74 -7.82 43.12
C GLU C 419 50.05 -8.11 41.66
N GLY C 420 49.01 -8.06 40.83
CA GLY C 420 49.15 -8.29 39.40
C GLY C 420 49.46 -9.71 38.97
N ARG C 421 49.25 -10.68 39.84
CA ARG C 421 49.54 -12.07 39.52
C ARG C 421 48.33 -12.86 39.02
N CYS C 422 47.13 -12.32 39.23
CA CYS C 422 45.93 -13.02 38.79
C CYS C 422 45.65 -12.88 37.30
N LEU C 423 44.91 -13.84 36.76
CA LEU C 423 44.48 -13.82 35.38
C LEU C 423 43.00 -13.53 35.61
N PHE C 424 42.56 -12.32 35.24
CA PHE C 424 41.19 -11.88 35.48
C PHE C 424 40.34 -11.59 34.23
N ALA C 425 39.05 -11.88 34.34
CA ALA C 425 38.08 -11.63 33.28
C ALA C 425 36.74 -11.34 33.95
N SER C 426 35.91 -10.53 33.32
CA SER C 426 34.61 -10.22 33.88
C SER C 426 33.54 -10.22 32.80
N GLY C 427 32.28 -10.30 33.22
CA GLY C 427 31.19 -10.27 32.27
C GLY C 427 30.97 -8.83 31.82
N SER C 428 31.03 -7.92 32.78
CA SER C 428 30.84 -6.50 32.47
C SER C 428 32.20 -5.82 32.30
N PRO C 429 32.27 -4.78 31.46
CA PRO C 429 33.49 -4.03 31.16
C PRO C 429 34.11 -3.18 32.26
N PHE C 430 35.43 -3.30 32.39
CA PHE C 430 36.21 -2.53 33.34
C PHE C 430 37.37 -1.97 32.53
N GLY C 431 37.79 -0.75 32.85
CA GLY C 431 38.91 -0.16 32.13
C GLY C 431 40.22 -0.77 32.62
N PRO C 432 41.35 -0.43 31.98
CA PRO C 432 42.64 -0.97 32.40
C PRO C 432 42.99 -0.52 33.83
N VAL C 433 43.78 -1.35 34.50
CA VAL C 433 44.19 -1.06 35.88
C VAL C 433 45.71 -0.88 35.95
N LYS C 434 46.14 0.20 36.61
CA LYS C 434 47.56 0.45 36.79
C LYS C 434 47.92 0.31 38.26
N LEU C 435 48.90 -0.53 38.54
CA LEU C 435 49.35 -0.74 39.91
C LEU C 435 50.34 0.35 40.29
N THR C 436 50.73 0.38 41.57
CA THR C 436 51.67 1.38 42.05
C THR C 436 53.07 1.24 41.44
N ASP C 437 53.41 0.05 40.94
CA ASP C 437 54.72 -0.15 40.32
C ASP C 437 54.67 0.35 38.89
N GLY C 438 53.47 0.79 38.48
CA GLY C 438 53.29 1.30 37.14
C GLY C 438 52.81 0.29 36.10
N ARG C 439 52.76 -0.99 36.43
CA ARG C 439 52.31 -2.00 35.48
C ARG C 439 50.83 -1.82 35.13
N VAL C 440 50.50 -1.96 33.86
CA VAL C 440 49.12 -1.82 33.41
C VAL C 440 48.54 -3.17 33.02
N PHE C 441 47.34 -3.46 33.51
CA PHE C 441 46.67 -4.72 33.20
C PHE C 441 45.35 -4.43 32.49
N THR C 442 45.13 -5.10 31.37
CA THR C 442 43.91 -4.92 30.59
C THR C 442 43.00 -6.14 30.78
N PRO C 443 41.92 -5.98 31.57
CA PRO C 443 41.00 -7.09 31.82
C PRO C 443 40.18 -7.44 30.60
N GLY C 444 40.03 -8.74 30.36
CA GLY C 444 39.25 -9.21 29.23
C GLY C 444 37.81 -9.34 29.68
N GLN C 445 36.89 -9.32 28.72
CA GLN C 445 35.48 -9.43 29.07
C GLN C 445 34.94 -10.77 28.63
N GLY C 446 34.81 -11.69 29.58
CA GLY C 446 34.26 -12.99 29.28
C GLY C 446 32.75 -12.92 29.25
N ASN C 447 32.22 -12.32 28.18
CA ASN C 447 30.79 -12.16 28.02
C ASN C 447 30.38 -12.94 26.76
N ASN C 448 29.23 -13.60 26.79
CA ASN C 448 28.79 -14.39 25.65
C ASN C 448 28.64 -13.62 24.33
N VAL C 449 28.82 -12.30 24.35
CA VAL C 449 28.72 -11.53 23.12
C VAL C 449 29.82 -11.97 22.14
N TYR C 450 30.89 -12.55 22.68
CA TYR C 450 31.99 -13.02 21.83
C TYR C 450 31.60 -14.34 21.14
N ILE C 451 30.54 -14.97 21.62
CA ILE C 451 30.11 -16.24 21.07
C ILE C 451 28.81 -16.32 20.26
N PHE C 452 27.69 -15.85 20.81
CA PHE C 452 26.43 -16.01 20.08
C PHE C 452 26.34 -15.41 18.68
N PRO C 453 27.06 -14.31 18.41
CA PRO C 453 26.99 -13.74 17.07
C PRO C 453 27.59 -14.68 16.01
N GLY C 454 28.80 -15.17 16.28
CA GLY C 454 29.46 -16.08 15.36
C GLY C 454 28.73 -17.40 15.23
N VAL C 455 28.27 -17.95 16.35
CA VAL C 455 27.55 -19.21 16.30
C VAL C 455 26.23 -19.05 15.54
N ALA C 456 25.52 -17.95 15.78
CA ALA C 456 24.26 -17.71 15.09
C ALA C 456 24.48 -17.65 13.57
N LEU C 457 25.48 -16.88 13.14
CA LEU C 457 25.78 -16.76 11.72
C LEU C 457 26.03 -18.12 11.07
N ALA C 458 26.87 -18.95 11.71
CA ALA C 458 27.18 -20.28 11.18
C ALA C 458 25.93 -21.16 11.09
N VAL C 459 25.17 -21.24 12.17
CA VAL C 459 23.95 -22.04 12.21
C VAL C 459 22.95 -21.60 11.14
N ILE C 460 22.86 -20.29 10.92
CA ILE C 460 21.94 -19.77 9.91
C ILE C 460 22.41 -20.09 8.49
N LEU C 461 23.66 -19.79 8.19
CA LEU C 461 24.19 -20.04 6.85
C LEU C 461 24.23 -21.52 6.45
N CYS C 462 24.37 -22.39 7.44
CA CYS C 462 24.45 -23.82 7.17
C CYS C 462 23.09 -24.50 7.26
N ASN C 463 22.05 -23.74 7.63
CA ASN C 463 20.71 -24.30 7.78
C ASN C 463 20.77 -25.47 8.73
N THR C 464 21.56 -25.33 9.79
CA THR C 464 21.72 -26.38 10.80
C THR C 464 20.38 -26.60 11.48
N ARG C 465 20.08 -27.87 11.77
CA ARG C 465 18.81 -28.24 12.40
C ARG C 465 18.84 -28.26 13.92
N HIS C 466 19.94 -28.73 14.51
CA HIS C 466 20.06 -28.78 15.95
C HIS C 466 21.48 -28.42 16.36
N ILE C 467 21.65 -27.90 17.57
CA ILE C 467 22.96 -27.48 18.04
C ILE C 467 23.44 -28.34 19.21
N SER C 468 24.54 -29.07 18.99
CA SER C 468 25.10 -29.94 20.02
C SER C 468 26.06 -29.15 20.91
N ASP C 469 26.41 -29.72 22.05
CA ASP C 469 27.34 -29.05 22.95
C ASP C 469 28.68 -28.86 22.26
N SER C 470 29.07 -29.84 21.45
CA SER C 470 30.35 -29.78 20.76
C SER C 470 30.49 -28.54 19.88
N VAL C 471 29.37 -27.99 19.42
CA VAL C 471 29.42 -26.79 18.61
C VAL C 471 29.93 -25.62 19.45
N PHE C 472 29.58 -25.60 20.73
CA PHE C 472 30.04 -24.54 21.61
C PHE C 472 31.50 -24.75 22.03
N LEU C 473 31.90 -26.01 22.13
CA LEU C 473 33.27 -26.33 22.49
C LEU C 473 34.13 -25.78 21.34
N GLU C 474 33.69 -26.01 20.11
CA GLU C 474 34.39 -25.55 18.92
C GLU C 474 34.46 -24.01 18.89
N ALA C 475 33.34 -23.36 19.21
CA ALA C 475 33.28 -21.91 19.22
C ALA C 475 34.29 -21.36 20.21
N ALA C 476 34.40 -22.05 21.35
CA ALA C 476 35.34 -21.66 22.39
C ALA C 476 36.78 -21.73 21.87
N LYS C 477 37.11 -22.82 21.18
CA LYS C 477 38.46 -22.97 20.64
C LYS C 477 38.69 -21.91 19.57
N ALA C 478 37.67 -21.67 18.74
CA ALA C 478 37.76 -20.70 17.66
C ALA C 478 38.03 -19.31 18.23
N LEU C 479 37.39 -18.99 19.33
CA LEU C 479 37.58 -17.69 19.95
C LEU C 479 39.00 -17.50 20.45
N THR C 480 39.45 -18.42 21.29
CA THR C 480 40.79 -18.34 21.86
C THR C 480 41.92 -18.47 20.83
N SER C 481 41.69 -19.20 19.75
CA SER C 481 42.73 -19.37 18.73
C SER C 481 43.00 -18.04 18.02
N GLN C 482 42.14 -17.06 18.26
CA GLN C 482 42.29 -15.73 17.66
C GLN C 482 43.31 -14.86 18.37
N LEU C 483 43.67 -15.24 19.59
CA LEU C 483 44.63 -14.47 20.37
C LEU C 483 46.05 -14.65 19.85
N THR C 484 46.79 -13.55 19.82
CA THR C 484 48.18 -13.58 19.38
C THR C 484 49.03 -13.63 20.66
N ASP C 485 50.22 -14.22 20.56
CA ASP C 485 51.09 -14.32 21.72
C ASP C 485 51.36 -12.95 22.33
N GLU C 486 51.47 -11.94 21.46
CA GLU C 486 51.70 -10.59 21.90
C GLU C 486 50.60 -10.19 22.87
N GLU C 487 49.36 -10.45 22.47
CA GLU C 487 48.23 -10.11 23.31
C GLU C 487 48.20 -10.90 24.62
N LEU C 488 48.56 -12.17 24.58
CA LEU C 488 48.57 -13.02 25.79
C LEU C 488 49.41 -12.41 26.92
N ALA C 489 50.55 -11.83 26.54
CA ALA C 489 51.45 -11.23 27.51
C ALA C 489 50.87 -9.95 28.13
N GLN C 490 49.87 -9.39 27.47
CA GLN C 490 49.25 -8.14 27.91
C GLN C 490 48.14 -8.37 28.94
N GLY C 491 48.00 -9.63 29.31
CA GLY C 491 46.98 -10.05 30.26
C GLY C 491 45.72 -10.48 29.52
N ARG C 492 45.81 -10.46 28.19
CA ARG C 492 44.67 -10.78 27.33
C ARG C 492 44.21 -12.22 27.34
N LEU C 493 42.96 -12.43 27.75
CA LEU C 493 42.36 -13.75 27.78
C LEU C 493 41.33 -13.84 26.66
N TYR C 494 41.15 -12.72 25.95
CA TYR C 494 40.21 -12.63 24.84
C TYR C 494 40.70 -11.61 23.82
N PRO C 495 40.35 -11.81 22.54
CA PRO C 495 40.79 -10.88 21.50
C PRO C 495 40.18 -9.52 21.86
N PRO C 496 40.80 -8.42 21.39
CA PRO C 496 40.28 -7.08 21.67
C PRO C 496 38.82 -6.94 21.26
N LEU C 497 38.04 -6.26 22.11
CA LEU C 497 36.63 -6.04 21.83
C LEU C 497 36.46 -5.22 20.55
N ALA C 498 37.44 -4.37 20.27
CA ALA C 498 37.41 -3.54 19.07
C ALA C 498 37.43 -4.37 17.81
N ASN C 499 37.88 -5.63 17.92
CA ASN C 499 37.96 -6.54 16.77
C ASN C 499 36.84 -7.57 16.76
N ILE C 500 35.82 -7.34 17.59
CA ILE C 500 34.71 -8.28 17.70
C ILE C 500 34.07 -8.68 16.36
N GLN C 501 34.04 -7.77 15.40
CA GLN C 501 33.45 -8.09 14.09
C GLN C 501 34.22 -9.18 13.35
N GLU C 502 35.53 -9.01 13.21
CA GLU C 502 36.31 -10.03 12.51
C GLU C 502 36.42 -11.29 13.34
N VAL C 503 36.39 -11.14 14.66
CA VAL C 503 36.48 -12.29 15.54
C VAL C 503 35.25 -13.17 15.37
N SER C 504 34.09 -12.53 15.29
CA SER C 504 32.82 -13.25 15.12
C SER C 504 32.74 -13.96 13.77
N ILE C 505 33.17 -13.28 12.72
CA ILE C 505 33.15 -13.86 11.39
C ILE C 505 34.02 -15.10 11.38
N ASN C 506 35.23 -14.97 11.95
CA ASN C 506 36.16 -16.10 12.01
C ASN C 506 35.59 -17.25 12.82
N ILE C 507 34.89 -16.93 13.90
CA ILE C 507 34.29 -17.98 14.70
C ILE C 507 33.21 -18.63 13.83
N ALA C 508 32.49 -17.81 13.09
CA ALA C 508 31.43 -18.28 12.20
C ALA C 508 32.02 -19.24 11.16
N ILE C 509 33.18 -18.88 10.62
CA ILE C 509 33.83 -19.73 9.62
C ILE C 509 34.28 -21.08 10.20
N LYS C 510 34.92 -21.05 11.37
CA LYS C 510 35.37 -22.27 12.00
C LYS C 510 34.21 -23.19 12.38
N VAL C 511 33.12 -22.60 12.85
CA VAL C 511 31.96 -23.41 13.23
C VAL C 511 31.28 -24.02 12.01
N THR C 512 31.19 -23.26 10.92
CA THR C 512 30.57 -23.79 9.72
C THR C 512 31.39 -24.99 9.20
N GLU C 513 32.71 -24.85 9.20
CA GLU C 513 33.57 -25.94 8.74
C GLU C 513 33.39 -27.15 9.64
N TYR C 514 33.11 -26.89 10.92
CA TYR C 514 32.89 -27.97 11.88
C TYR C 514 31.55 -28.63 11.58
N LEU C 515 30.55 -27.82 11.25
CA LEU C 515 29.22 -28.34 10.95
C LEU C 515 29.24 -29.21 9.70
N TYR C 516 29.95 -28.77 8.67
CA TYR C 516 30.04 -29.57 7.45
C TYR C 516 30.76 -30.88 7.68
N ALA C 517 31.88 -30.82 8.40
CA ALA C 517 32.68 -32.00 8.68
C ALA C 517 31.92 -33.02 9.52
N ASN C 518 30.87 -32.57 10.20
CA ASN C 518 30.10 -33.48 11.05
C ASN C 518 28.65 -33.65 10.61
N LYS C 519 28.44 -33.48 9.30
CA LYS C 519 27.12 -33.64 8.69
C LYS C 519 25.99 -32.91 9.40
N MET C 520 26.21 -31.64 9.74
CA MET C 520 25.18 -30.85 10.42
C MET C 520 24.78 -29.65 9.57
N ALA C 521 25.35 -29.57 8.37
CA ALA C 521 25.04 -28.47 7.47
C ALA C 521 24.16 -29.01 6.34
N PHE C 522 23.17 -28.23 5.92
CA PHE C 522 22.28 -28.68 4.85
C PHE C 522 22.03 -27.59 3.82
N VAL C 523 23.11 -27.08 3.24
CA VAL C 523 22.99 -26.03 2.23
C VAL C 523 23.52 -26.59 0.92
N TYR C 524 22.89 -26.23 -0.19
CA TYR C 524 23.38 -26.72 -1.45
C TYR C 524 23.25 -25.68 -2.58
N PRO C 525 24.23 -25.69 -3.49
CA PRO C 525 25.32 -26.66 -3.33
C PRO C 525 26.26 -26.24 -2.22
N GLU C 526 27.05 -27.19 -1.71
CA GLU C 526 28.02 -26.88 -0.67
C GLU C 526 29.13 -26.01 -1.24
N PRO C 527 29.32 -24.81 -0.67
CA PRO C 527 30.39 -23.97 -1.20
C PRO C 527 31.75 -24.64 -1.02
N GLU C 528 32.63 -24.46 -2.00
CA GLU C 528 33.97 -25.04 -1.93
C GLU C 528 34.82 -24.32 -0.88
N ASP C 529 34.71 -22.99 -0.85
CA ASP C 529 35.47 -22.16 0.09
C ASP C 529 34.54 -21.57 1.16
N LYS C 530 34.47 -22.23 2.32
CA LYS C 530 33.61 -21.78 3.40
C LYS C 530 33.90 -20.35 3.88
N ALA C 531 35.17 -20.03 4.06
CA ALA C 531 35.54 -18.69 4.51
C ALA C 531 34.98 -17.66 3.54
N LYS C 532 35.20 -17.90 2.25
CA LYS C 532 34.73 -16.97 1.22
C LYS C 532 33.20 -16.90 1.22
N TYR C 533 32.55 -18.04 1.41
CA TYR C 533 31.10 -18.08 1.43
C TYR C 533 30.53 -17.23 2.56
N VAL C 534 31.02 -17.45 3.78
CA VAL C 534 30.53 -16.69 4.94
C VAL C 534 30.71 -15.19 4.77
N LYS C 535 31.90 -14.77 4.33
CA LYS C 535 32.18 -13.36 4.15
C LYS C 535 31.31 -12.69 3.09
N GLU C 536 30.90 -13.45 2.08
CA GLU C 536 30.07 -12.91 1.00
C GLU C 536 28.61 -12.76 1.43
N GLN C 537 28.20 -13.54 2.42
CA GLN C 537 26.83 -13.50 2.88
C GLN C 537 26.51 -12.42 3.92
N THR C 538 27.54 -11.81 4.50
CA THR C 538 27.32 -10.80 5.52
C THR C 538 26.63 -9.53 5.04
N TRP C 539 25.70 -9.05 5.85
CA TRP C 539 24.96 -7.84 5.56
C TRP C 539 25.90 -6.67 5.83
N ARG C 540 25.87 -5.67 4.96
CA ARG C 540 26.71 -4.48 5.07
C ARG C 540 25.89 -3.21 5.42
N SER C 541 26.49 -2.33 6.20
CA SER C 541 25.81 -1.10 6.61
C SER C 541 25.79 -0.03 5.51
N GLU C 542 26.48 -0.27 4.40
CA GLU C 542 26.49 0.70 3.31
C GLU C 542 25.12 0.78 2.65
N TYR C 543 24.69 1.98 2.30
CA TYR C 543 23.41 2.17 1.65
C TYR C 543 23.39 1.42 0.33
N ASP C 544 22.21 0.93 -0.07
CA ASP C 544 22.05 0.24 -1.34
C ASP C 544 21.28 1.18 -2.25
N SER C 545 21.44 1.00 -3.56
CA SER C 545 20.71 1.83 -4.52
C SER C 545 19.25 1.39 -4.47
N LEU C 546 18.34 2.35 -4.56
CA LEU C 546 16.91 2.07 -4.55
C LEU C 546 16.34 2.45 -5.91
N LEU C 547 17.22 2.75 -6.85
CA LEU C 547 16.82 3.14 -8.21
C LEU C 547 16.25 2.00 -9.02
N PRO C 548 15.15 2.24 -9.74
CA PRO C 548 14.58 1.16 -10.54
C PRO C 548 15.54 0.93 -11.70
N ASP C 549 15.57 -0.28 -12.23
CA ASP C 549 16.46 -0.61 -13.34
C ASP C 549 15.91 0.01 -14.65
N VAL C 550 16.52 1.11 -15.07
CA VAL C 550 16.11 1.80 -16.28
C VAL C 550 17.22 1.62 -17.31
N TYR C 551 16.84 1.28 -18.53
CA TYR C 551 17.79 1.05 -19.60
C TYR C 551 17.15 1.07 -20.97
N GLU C 552 17.96 1.32 -21.97
CA GLU C 552 17.50 1.40 -23.35
C GLU C 552 17.40 0.03 -24.01
N TRP C 553 16.42 -0.13 -24.90
CA TRP C 553 16.24 -1.39 -25.62
C TRP C 553 16.93 -1.25 -26.97
N PRO C 554 17.52 -2.34 -27.48
CA PRO C 554 18.20 -2.28 -28.78
C PRO C 554 17.23 -2.36 -29.94
N HIS D 1 -12.81 5.45 7.89
CA HIS D 1 -11.58 6.19 7.64
C HIS D 1 -10.35 5.33 7.90
N ILE D 2 -9.19 5.83 7.46
CA ILE D 2 -7.92 5.13 7.62
C ILE D 2 -7.88 3.88 6.76
N LYS D 3 -7.23 3.96 5.61
CA LYS D 3 -7.15 2.82 4.70
C LYS D 3 -6.03 1.85 5.08
N GLU D 4 -5.04 2.37 5.80
CA GLU D 4 -3.90 1.56 6.20
C GLU D 4 -4.17 0.65 7.40
N LYS D 5 -3.45 -0.48 7.45
CA LYS D 5 -3.56 -1.43 8.56
C LYS D 5 -2.17 -2.02 8.79
N GLY D 6 -1.96 -2.65 9.95
CA GLY D 6 -0.65 -3.22 10.23
C GLY D 6 0.37 -2.16 10.63
N LYS D 7 1.65 -2.54 10.62
CA LYS D 7 2.76 -1.67 11.00
C LYS D 7 2.67 -0.21 10.53
N PRO D 8 2.27 0.00 9.26
CA PRO D 8 2.16 1.37 8.74
C PRO D 8 1.34 2.35 9.60
N LEU D 9 0.40 1.81 10.40
CA LEU D 9 -0.43 2.67 11.27
C LEU D 9 0.41 3.19 12.43
N MET D 10 1.43 2.43 12.78
CA MET D 10 2.34 2.80 13.87
C MET D 10 3.46 3.69 13.33
N LEU D 11 3.89 3.45 12.10
CA LEU D 11 4.96 4.25 11.51
C LEU D 11 4.53 5.68 11.16
N ASN D 12 3.24 5.87 10.91
CA ASN D 12 2.72 7.20 10.56
C ASN D 12 2.30 7.92 11.84
N PRO D 13 3.01 9.00 12.21
CA PRO D 13 2.67 9.76 13.42
C PRO D 13 1.24 10.29 13.47
N ARG D 14 0.64 10.49 12.30
CA ARG D 14 -0.73 11.01 12.24
C ARG D 14 -1.72 10.01 12.85
N THR D 15 -1.48 8.72 12.65
CA THR D 15 -2.35 7.67 13.16
C THR D 15 -1.81 6.92 14.37
N ASN D 16 -0.49 6.85 14.51
CA ASN D 16 0.09 6.11 15.62
C ASN D 16 -0.37 6.57 17.01
N LYS D 17 -0.83 5.62 17.81
CA LYS D 17 -1.29 5.91 19.16
C LYS D 17 -0.39 5.27 20.22
N GLY D 18 0.61 4.51 19.78
CA GLY D 18 1.48 3.87 20.75
C GLY D 18 0.62 2.88 21.53
N MET D 19 0.87 2.72 22.83
CA MET D 19 0.10 1.80 23.65
C MET D 19 -1.34 2.26 23.90
N ALA D 20 -1.75 3.34 23.25
CA ALA D 20 -3.11 3.85 23.40
C ALA D 20 -4.06 3.12 22.46
N PHE D 21 -3.50 2.35 21.53
CA PHE D 21 -4.32 1.56 20.61
C PHE D 21 -5.09 0.57 21.48
N THR D 22 -6.42 0.55 21.32
CA THR D 22 -7.24 -0.36 22.13
C THR D 22 -6.98 -1.81 21.74
N LEU D 23 -7.35 -2.75 22.61
CA LEU D 23 -7.17 -4.15 22.31
C LEU D 23 -7.89 -4.51 21.01
N GLN D 24 -9.11 -3.99 20.87
CA GLN D 24 -9.92 -4.28 19.69
C GLN D 24 -9.31 -3.69 18.43
N GLU D 25 -8.79 -2.47 18.51
CA GLU D 25 -8.16 -1.87 17.35
C GLU D 25 -6.95 -2.69 16.91
N ARG D 26 -6.16 -3.16 17.89
CA ARG D 26 -4.95 -3.93 17.62
C ARG D 26 -5.24 -5.26 16.92
N GLN D 27 -6.25 -5.97 17.40
CA GLN D 27 -6.61 -7.25 16.82
C GLN D 27 -7.20 -7.07 15.42
N MET D 28 -8.11 -6.12 15.27
CA MET D 28 -8.74 -5.86 13.98
C MET D 28 -7.83 -5.18 12.96
N LEU D 29 -6.88 -4.36 13.41
CA LEU D 29 -6.01 -3.67 12.47
C LEU D 29 -4.64 -4.36 12.32
N GLY D 30 -4.53 -5.58 12.83
CA GLY D 30 -3.28 -6.32 12.73
C GLY D 30 -2.08 -5.79 13.50
N LEU D 31 -2.31 -5.26 14.71
CA LEU D 31 -1.24 -4.71 15.53
C LEU D 31 -0.92 -5.56 16.76
N GLN D 32 -1.79 -6.53 17.05
CA GLN D 32 -1.59 -7.40 18.21
C GLN D 32 -0.19 -8.03 18.11
N GLY D 33 0.60 -7.91 19.18
CA GLY D 33 1.94 -8.47 19.16
C GLY D 33 3.01 -7.43 18.84
N LEU D 34 2.63 -6.39 18.12
CA LEU D 34 3.55 -5.33 17.73
C LEU D 34 3.70 -4.29 18.82
N LEU D 35 2.81 -4.36 19.81
CA LEU D 35 2.82 -3.44 20.92
C LEU D 35 2.86 -4.23 22.23
N PRO D 36 3.38 -3.63 23.30
CA PRO D 36 3.42 -4.37 24.58
C PRO D 36 1.96 -4.65 24.98
N PRO D 37 1.73 -5.71 25.78
CA PRO D 37 0.38 -6.05 26.22
C PRO D 37 -0.38 -4.89 26.88
N LYS D 38 0.35 -4.02 27.54
CA LYS D 38 -0.24 -2.86 28.21
C LYS D 38 -1.08 -1.97 27.29
N ILE D 39 -2.25 -1.57 27.79
CA ILE D 39 -3.15 -0.67 27.08
C ILE D 39 -3.10 0.62 27.91
N GLU D 40 -2.66 1.73 27.31
CA GLU D 40 -2.56 3.00 28.04
C GLU D 40 -3.55 4.07 27.61
N THR D 41 -3.74 5.06 28.47
CA THR D 41 -4.62 6.18 28.17
C THR D 41 -3.70 7.32 27.76
N GLN D 42 -4.25 8.34 27.12
CA GLN D 42 -3.43 9.47 26.71
C GLN D 42 -2.88 10.18 27.94
N ASP D 43 -3.65 10.12 29.04
CA ASP D 43 -3.23 10.74 30.29
C ASP D 43 -1.91 10.15 30.77
N ILE D 44 -1.85 8.82 30.78
CA ILE D 44 -0.66 8.10 31.20
C ILE D 44 0.53 8.49 30.31
N GLN D 45 0.27 8.58 29.01
CA GLN D 45 1.31 8.95 28.05
C GLN D 45 1.81 10.36 28.32
N ALA D 46 0.89 11.28 28.57
CA ALA D 46 1.25 12.66 28.85
C ALA D 46 2.06 12.71 30.14
N LEU D 47 1.72 11.86 31.10
CA LEU D 47 2.44 11.81 32.36
C LEU D 47 3.88 11.37 32.13
N ARG D 48 4.04 10.34 31.30
CA ARG D 48 5.37 9.83 30.97
C ARG D 48 6.21 10.94 30.39
N PHE D 49 5.60 11.74 29.52
CA PHE D 49 6.32 12.85 28.90
C PHE D 49 6.75 13.89 29.92
N HIS D 50 5.82 14.39 30.73
CA HIS D 50 6.15 15.40 31.72
C HIS D 50 7.17 14.92 32.73
N ARG D 51 7.12 13.63 33.04
CA ARG D 51 8.08 13.04 33.97
C ARG D 51 9.47 13.17 33.36
N ASN D 52 9.61 12.84 32.08
CA ASN D 52 10.92 12.92 31.40
C ASN D 52 11.39 14.36 31.16
N LEU D 53 10.47 15.22 30.78
CA LEU D 53 10.82 16.62 30.51
C LEU D 53 11.44 17.26 31.74
N LYS D 54 10.83 17.01 32.89
CA LYS D 54 11.27 17.56 34.17
C LYS D 54 12.72 17.21 34.49
N LYS D 55 13.20 16.08 33.99
CA LYS D 55 14.57 15.67 34.24
C LYS D 55 15.57 16.29 33.27
N MET D 56 15.09 16.97 32.25
CA MET D 56 15.99 17.58 31.28
C MET D 56 16.47 18.95 31.74
N THR D 57 17.63 19.38 31.24
CA THR D 57 18.20 20.66 31.65
C THR D 57 18.24 21.79 30.62
N SER D 58 18.64 21.51 29.38
CA SER D 58 18.71 22.59 28.40
C SER D 58 17.45 22.74 27.55
N PRO D 59 17.08 23.99 27.21
CA PRO D 59 15.90 24.25 26.39
C PRO D 59 15.98 23.54 25.03
N LEU D 60 17.16 23.51 24.44
CA LEU D 60 17.33 22.87 23.13
C LEU D 60 17.08 21.38 23.25
N GLU D 61 17.56 20.78 24.33
CA GLU D 61 17.35 19.35 24.57
C GLU D 61 15.83 19.11 24.63
N LYS D 62 15.12 20.02 25.31
CA LYS D 62 13.68 19.89 25.44
C LYS D 62 12.99 20.07 24.08
N TYR D 63 13.51 20.98 23.28
CA TYR D 63 12.97 21.25 21.95
C TYR D 63 13.10 19.98 21.09
N ILE D 64 14.27 19.34 21.13
CA ILE D 64 14.52 18.13 20.36
C ILE D 64 13.58 17.01 20.76
N TYR D 65 13.33 16.91 22.06
CA TYR D 65 12.45 15.89 22.60
C TYR D 65 10.98 16.12 22.21
N ILE D 66 10.42 17.28 22.51
CA ILE D 66 9.01 17.51 22.18
C ILE D 66 8.75 17.51 20.67
N MET D 67 9.61 18.18 19.89
CA MET D 67 9.42 18.21 18.44
C MET D 67 9.55 16.80 17.88
N GLY D 68 10.32 15.96 18.57
CA GLY D 68 10.49 14.59 18.12
C GLY D 68 9.18 13.83 18.25
N ILE D 69 8.36 14.21 19.22
CA ILE D 69 7.07 13.54 19.42
C ILE D 69 6.12 13.85 18.26
N GLN D 70 6.27 15.02 17.64
CA GLN D 70 5.43 15.38 16.51
C GLN D 70 5.65 14.36 15.38
N GLU D 71 6.81 13.72 15.37
CA GLU D 71 7.12 12.73 14.34
C GLU D 71 6.85 11.30 14.80
N ARG D 72 6.31 11.13 16.01
CA ARG D 72 6.01 9.79 16.51
C ARG D 72 4.53 9.59 16.77
N ASN D 73 3.94 10.53 17.50
CA ASN D 73 2.53 10.49 17.85
C ASN D 73 2.02 11.94 17.84
N GLU D 74 1.41 12.32 16.73
CA GLU D 74 0.89 13.68 16.57
C GLU D 74 -0.14 14.07 17.61
N LYS D 75 -1.10 13.19 17.86
CA LYS D 75 -2.13 13.47 18.85
C LYS D 75 -1.49 13.79 20.20
N LEU D 76 -0.58 12.93 20.63
CA LEU D 76 0.08 13.12 21.91
C LEU D 76 0.87 14.42 21.92
N PHE D 77 1.55 14.69 20.82
CA PHE D 77 2.35 15.90 20.67
C PHE D 77 1.52 17.14 21.02
N TYR D 78 0.32 17.26 20.44
CA TYR D 78 -0.54 18.39 20.70
C TYR D 78 -1.19 18.33 22.08
N ARG D 79 -1.44 17.13 22.59
CA ARG D 79 -2.01 17.00 23.93
C ARG D 79 -1.00 17.59 24.90
N ILE D 80 0.27 17.24 24.70
CA ILE D 80 1.37 17.72 25.52
C ILE D 80 1.48 19.24 25.51
N LEU D 81 1.44 19.81 24.31
CA LEU D 81 1.53 21.25 24.13
C LEU D 81 0.33 21.93 24.81
N GLN D 82 -0.85 21.34 24.65
CA GLN D 82 -2.07 21.87 25.25
C GLN D 82 -2.12 21.74 26.78
N ASP D 83 -1.41 20.77 27.35
CA ASP D 83 -1.40 20.63 28.80
C ASP D 83 -0.88 21.88 29.50
N ASP D 84 0.14 22.52 28.94
CA ASP D 84 0.72 23.74 29.52
C ASP D 84 1.45 24.50 28.41
N ILE D 85 0.68 25.22 27.60
CA ILE D 85 1.23 25.97 26.48
C ILE D 85 2.16 27.10 26.91
N GLU D 86 1.87 27.70 28.05
CA GLU D 86 2.68 28.81 28.54
C GLU D 86 4.11 28.39 28.88
N SER D 87 4.26 27.29 29.60
CA SER D 87 5.60 26.86 29.96
C SER D 87 6.38 26.24 28.80
N LEU D 88 5.68 25.74 27.78
CA LEU D 88 6.37 25.14 26.64
C LEU D 88 6.59 26.11 25.46
N MET D 89 5.87 27.22 25.47
CA MET D 89 5.99 28.21 24.42
C MET D 89 7.43 28.66 24.20
N PRO D 90 8.15 28.99 25.29
CA PRO D 90 9.55 29.42 25.15
C PRO D 90 10.45 28.34 24.53
N ILE D 91 10.00 27.09 24.61
CA ILE D 91 10.77 25.95 24.09
C ILE D 91 10.54 25.71 22.59
N VAL D 92 9.28 25.56 22.23
CA VAL D 92 8.89 25.30 20.85
C VAL D 92 8.87 26.56 20.00
N TYR D 93 8.79 27.70 20.66
CA TYR D 93 8.72 28.98 19.98
C TYR D 93 9.88 29.86 20.46
N THR D 94 9.76 31.17 20.28
CA THR D 94 10.83 32.08 20.70
C THR D 94 11.01 31.99 22.23
N PRO D 95 12.26 32.03 22.71
CA PRO D 95 13.52 32.16 21.97
C PRO D 95 14.20 30.87 21.51
N THR D 96 13.86 29.74 22.11
CA THR D 96 14.51 28.48 21.75
C THR D 96 14.42 28.07 20.28
N VAL D 97 13.34 28.43 19.59
CA VAL D 97 13.22 28.07 18.18
C VAL D 97 14.30 28.81 17.37
N GLY D 98 14.74 29.95 17.89
CA GLY D 98 15.80 30.70 17.23
C GLY D 98 17.11 29.93 17.35
N LEU D 99 17.32 29.33 18.52
CA LEU D 99 18.53 28.54 18.77
C LEU D 99 18.50 27.28 17.90
N ALA D 100 17.33 26.65 17.83
CA ALA D 100 17.16 25.43 17.03
C ALA D 100 17.49 25.70 15.56
N CYS D 101 17.05 26.83 15.04
CA CYS D 101 17.33 27.17 13.65
C CYS D 101 18.81 27.39 13.40
N SER D 102 19.49 28.05 14.33
CA SER D 102 20.92 28.32 14.15
C SER D 102 21.75 27.04 14.13
N GLN D 103 21.18 25.96 14.67
CA GLN D 103 21.85 24.65 14.71
C GLN D 103 20.96 23.58 14.09
N TYR D 104 20.10 23.98 13.17
CA TYR D 104 19.18 23.05 12.54
C TYR D 104 19.86 21.84 11.91
N GLY D 105 20.96 22.08 11.22
CA GLY D 105 21.65 20.98 10.56
C GLY D 105 22.34 20.04 11.51
N HIS D 106 22.55 20.49 12.74
CA HIS D 106 23.24 19.69 13.74
C HIS D 106 22.29 18.83 14.57
N ILE D 107 21.04 19.26 14.68
CA ILE D 107 20.05 18.52 15.47
C ILE D 107 19.08 17.77 14.57
N PHE D 108 19.35 17.78 13.27
CA PHE D 108 18.49 17.10 12.30
C PHE D 108 18.31 15.62 12.59
N ARG D 109 17.08 15.14 12.45
CA ARG D 109 16.76 13.75 12.67
C ARG D 109 15.85 13.31 11.53
N ARG D 110 14.69 13.97 11.43
CA ARG D 110 13.73 13.69 10.37
C ARG D 110 13.37 15.02 9.73
N PRO D 111 13.10 15.01 8.41
CA PRO D 111 12.73 16.27 7.78
C PRO D 111 11.29 16.64 8.12
N LYS D 112 10.99 17.93 8.10
CA LYS D 112 9.63 18.40 8.37
C LYS D 112 9.33 19.44 7.30
N GLY D 113 8.18 19.32 6.65
CA GLY D 113 7.83 20.30 5.64
C GLY D 113 8.26 20.00 4.21
N LEU D 114 7.92 20.95 3.33
CA LEU D 114 8.22 20.87 1.91
C LEU D 114 9.37 21.79 1.54
N PHE D 115 10.36 21.25 0.84
CA PHE D 115 11.50 22.06 0.43
C PHE D 115 11.51 22.27 -1.09
N ILE D 116 11.60 23.53 -1.50
CA ILE D 116 11.61 23.88 -2.91
C ILE D 116 12.85 24.74 -3.21
N SER D 117 13.77 24.22 -4.01
CA SER D 117 14.98 24.98 -4.31
C SER D 117 14.99 25.59 -5.69
N ILE D 118 15.87 26.56 -5.89
CA ILE D 118 15.98 27.21 -7.19
C ILE D 118 16.41 26.19 -8.26
N SER D 119 17.06 25.12 -7.84
CA SER D 119 17.48 24.08 -8.79
C SER D 119 16.28 23.26 -9.26
N ASP D 120 15.13 23.46 -8.63
CA ASP D 120 13.91 22.76 -8.99
C ASP D 120 13.02 23.64 -9.85
N ARG D 121 13.53 24.79 -10.26
CA ARG D 121 12.75 25.71 -11.07
C ARG D 121 12.19 24.98 -12.29
N GLY D 122 10.91 25.21 -12.55
CA GLY D 122 10.25 24.57 -13.67
C GLY D 122 9.66 23.22 -13.29
N HIS D 123 9.96 22.76 -12.08
CA HIS D 123 9.45 21.45 -11.63
C HIS D 123 8.83 21.52 -10.23
N VAL D 124 8.39 22.71 -9.83
CA VAL D 124 7.80 22.88 -8.51
C VAL D 124 6.52 22.08 -8.32
N ARG D 125 5.67 22.04 -9.35
CA ARG D 125 4.42 21.31 -9.24
C ARG D 125 4.64 19.85 -8.87
N SER D 126 5.65 19.22 -9.47
CA SER D 126 5.93 17.81 -9.16
C SER D 126 6.33 17.69 -7.68
N ILE D 127 7.01 18.70 -7.15
CA ILE D 127 7.40 18.67 -5.75
C ILE D 127 6.13 18.83 -4.91
N VAL D 128 5.29 19.80 -5.28
CA VAL D 128 4.05 20.02 -4.56
C VAL D 128 3.17 18.76 -4.59
N ASP D 129 3.23 18.02 -5.70
CA ASP D 129 2.45 16.79 -5.82
C ASP D 129 2.96 15.63 -4.98
N ASN D 130 4.19 15.74 -4.47
CA ASN D 130 4.75 14.69 -3.62
C ASN D 130 4.28 14.83 -2.16
N TRP D 131 3.71 15.99 -1.80
CA TRP D 131 3.23 16.16 -0.43
C TRP D 131 2.09 15.16 -0.26
N PRO D 132 2.16 14.33 0.79
CA PRO D 132 1.18 13.28 1.14
C PRO D 132 -0.28 13.68 1.37
N GLU D 133 -0.50 14.88 1.89
CA GLU D 133 -1.87 15.35 2.19
C GLU D 133 -2.57 16.00 1.00
N ASN D 134 -3.83 15.64 0.80
CA ASN D 134 -4.60 16.19 -0.33
C ASN D 134 -5.44 17.40 0.00
N HIS D 135 -5.65 17.67 1.29
CA HIS D 135 -6.52 18.77 1.67
C HIS D 135 -5.86 19.96 2.38
N VAL D 136 -4.67 20.35 1.92
CA VAL D 136 -3.98 21.47 2.53
C VAL D 136 -4.84 22.74 2.46
N LYS D 137 -4.91 23.47 3.56
CA LYS D 137 -5.69 24.70 3.61
C LYS D 137 -4.82 25.91 3.94
N ALA D 138 -3.68 25.65 4.58
CA ALA D 138 -2.79 26.74 4.98
C ALA D 138 -1.31 26.43 4.77
N VAL D 139 -0.58 27.46 4.36
CA VAL D 139 0.84 27.33 4.10
C VAL D 139 1.62 28.47 4.76
N VAL D 140 2.71 28.13 5.44
CA VAL D 140 3.57 29.16 6.02
C VAL D 140 4.88 28.90 5.29
N VAL D 141 5.34 29.90 4.55
CA VAL D 141 6.55 29.77 3.77
C VAL D 141 7.60 30.84 4.09
N THR D 142 8.86 30.42 4.10
CA THR D 142 9.97 31.35 4.35
C THR D 142 11.08 31.03 3.36
N ASP D 143 11.99 31.97 3.16
CA ASP D 143 13.14 31.71 2.29
C ASP D 143 14.40 31.80 3.16
N GLY D 144 14.18 31.94 4.47
CA GLY D 144 15.27 32.01 5.42
C GLY D 144 16.17 33.24 5.43
N GLU D 145 15.78 34.30 4.74
CA GLU D 145 16.62 35.49 4.68
C GLU D 145 16.56 36.37 5.93
N ARG D 146 15.38 36.45 6.56
CA ARG D 146 15.24 37.25 7.78
C ARG D 146 14.59 36.41 8.88
N ILE D 147 15.35 35.48 9.44
CA ILE D 147 14.84 34.61 10.49
C ILE D 147 14.90 35.37 11.80
N LEU D 148 13.72 35.79 12.28
CA LEU D 148 13.62 36.56 13.53
C LEU D 148 14.58 37.73 13.34
N GLY D 149 15.46 37.93 14.31
CA GLY D 149 16.44 39.01 14.23
C GLY D 149 17.81 38.39 14.08
N LEU D 150 17.84 37.13 13.66
CA LEU D 150 19.08 36.38 13.48
C LEU D 150 19.71 36.55 12.10
N GLY D 151 18.94 37.07 11.15
CA GLY D 151 19.49 37.25 9.81
C GLY D 151 19.21 36.09 8.86
N ASP D 152 20.12 35.91 7.91
CA ASP D 152 20.03 34.89 6.89
C ASP D 152 20.49 33.52 7.40
N LEU D 153 19.54 32.61 7.60
CA LEU D 153 19.88 31.26 8.07
C LEU D 153 19.57 30.20 7.02
N GLY D 154 19.26 30.65 5.81
CA GLY D 154 18.96 29.72 4.72
C GLY D 154 17.94 28.65 5.07
N VAL D 155 18.22 27.42 4.64
CA VAL D 155 17.32 26.31 4.89
C VAL D 155 17.18 25.96 6.38
N TYR D 156 18.09 26.45 7.21
CA TYR D 156 17.99 26.22 8.66
C TYR D 156 16.74 26.97 9.16
N GLY D 157 16.25 27.90 8.35
CA GLY D 157 15.08 28.67 8.72
C GLY D 157 13.78 27.88 8.71
N MET D 158 13.83 26.67 8.16
CA MET D 158 12.64 25.83 8.10
C MET D 158 12.00 25.64 9.48
N GLY D 159 12.81 25.73 10.52
CA GLY D 159 12.29 25.55 11.87
C GLY D 159 11.20 26.57 12.19
N ILE D 160 11.24 27.71 11.51
CA ILE D 160 10.25 28.76 11.74
C ILE D 160 8.85 28.38 11.22
N PRO D 161 8.72 28.05 9.93
CA PRO D 161 7.38 27.68 9.43
C PRO D 161 6.85 26.45 10.19
N VAL D 162 7.75 25.53 10.53
CA VAL D 162 7.32 24.35 11.28
C VAL D 162 6.72 24.82 12.59
N GLY D 163 7.45 25.67 13.32
CA GLY D 163 6.98 26.18 14.59
C GLY D 163 5.68 26.96 14.49
N LYS D 164 5.58 27.84 13.50
CA LYS D 164 4.37 28.63 13.31
C LYS D 164 3.17 27.73 13.11
N LEU D 165 3.32 26.73 12.24
CA LEU D 165 2.21 25.82 11.99
C LEU D 165 1.83 24.98 13.22
N CYS D 166 2.83 24.62 14.03
CA CYS D 166 2.52 23.88 15.25
C CYS D 166 1.56 24.72 16.08
N LEU D 167 1.77 26.03 16.05
CA LEU D 167 0.94 26.96 16.81
C LEU D 167 -0.43 27.17 16.17
N TYR D 168 -0.53 26.90 14.86
CA TYR D 168 -1.80 27.02 14.15
C TYR D 168 -2.74 26.04 14.86
N THR D 169 -2.24 24.83 15.04
CA THR D 169 -2.99 23.77 15.66
C THR D 169 -3.15 23.95 17.17
N ALA D 170 -2.04 24.10 17.88
CA ALA D 170 -2.06 24.26 19.33
C ALA D 170 -2.88 25.45 19.84
N CYS D 171 -2.82 26.57 19.12
CA CYS D 171 -3.55 27.76 19.53
C CYS D 171 -4.96 27.92 18.95
N ALA D 172 -5.15 27.59 17.68
CA ALA D 172 -6.46 27.77 17.07
C ALA D 172 -7.17 26.48 16.67
N GLY D 173 -6.56 25.34 16.98
CA GLY D 173 -7.17 24.06 16.67
C GLY D 173 -7.32 23.78 15.17
N ILE D 174 -6.45 24.37 14.36
CA ILE D 174 -6.50 24.13 12.92
C ILE D 174 -5.96 22.71 12.70
N ARG D 175 -6.60 21.97 11.81
CA ARG D 175 -6.19 20.60 11.52
C ARG D 175 -4.74 20.51 11.04
N PRO D 176 -3.91 19.69 11.71
CA PRO D 176 -2.51 19.50 11.37
C PRO D 176 -2.33 19.05 9.92
N ASP D 177 -3.14 18.08 9.51
CA ASP D 177 -3.04 17.55 8.15
C ASP D 177 -3.41 18.57 7.08
N GLN D 178 -3.93 19.73 7.48
CA GLN D 178 -4.29 20.77 6.51
C GLN D 178 -3.22 21.86 6.47
N CYS D 179 -2.13 21.65 7.22
CA CYS D 179 -1.04 22.63 7.27
C CYS D 179 0.22 22.16 6.54
N LEU D 180 0.85 23.08 5.82
CA LEU D 180 2.04 22.76 5.04
C LEU D 180 3.17 23.77 5.20
N PRO D 181 4.23 23.40 5.93
CA PRO D 181 5.39 24.29 6.13
C PRO D 181 6.21 24.21 4.85
N VAL D 182 6.63 25.36 4.33
CA VAL D 182 7.41 25.38 3.10
C VAL D 182 8.67 26.22 3.19
N CYS D 183 9.78 25.69 2.69
CA CYS D 183 11.03 26.43 2.68
C CYS D 183 11.53 26.59 1.26
N ILE D 184 11.67 27.85 0.83
CA ILE D 184 12.17 28.12 -0.51
C ILE D 184 13.66 28.32 -0.37
N ASP D 185 14.45 27.49 -1.05
CA ASP D 185 15.90 27.60 -0.97
C ASP D 185 16.50 28.12 -2.26
N VAL D 186 16.92 29.38 -2.26
CA VAL D 186 17.55 29.97 -3.44
C VAL D 186 19.02 30.26 -3.13
N GLY D 187 19.51 29.62 -2.07
CA GLY D 187 20.88 29.80 -1.65
C GLY D 187 20.92 30.61 -0.37
N THR D 188 22.11 30.96 0.10
CA THR D 188 22.25 31.74 1.31
C THR D 188 23.53 32.56 1.28
N ASP D 189 23.48 33.77 1.83
CA ASP D 189 24.67 34.62 1.87
C ASP D 189 25.46 34.45 3.16
N ASN D 190 24.97 33.61 4.08
CA ASN D 190 25.65 33.38 5.35
C ASN D 190 26.91 32.55 5.11
N ILE D 191 28.06 33.21 5.15
CA ILE D 191 29.35 32.56 4.93
C ILE D 191 29.60 31.35 5.82
N ALA D 192 29.11 31.41 7.06
CA ALA D 192 29.30 30.31 7.99
C ALA D 192 28.55 29.07 7.55
N LEU D 193 27.34 29.25 7.03
CA LEU D 193 26.54 28.10 6.59
C LEU D 193 27.14 27.49 5.33
N LEU D 194 27.72 28.33 4.48
CA LEU D 194 28.31 27.87 3.24
C LEU D 194 29.53 27.00 3.47
N LYS D 195 30.07 27.02 4.68
CA LYS D 195 31.23 26.20 4.99
C LYS D 195 30.90 25.18 6.08
N ASP D 196 29.60 25.05 6.35
CA ASP D 196 29.11 24.11 7.36
C ASP D 196 28.75 22.80 6.66
N PRO D 197 29.47 21.71 6.97
CA PRO D 197 29.22 20.41 6.35
C PRO D 197 27.86 19.81 6.68
N PHE D 198 27.14 20.40 7.63
CA PHE D 198 25.83 19.90 8.00
C PHE D 198 24.72 20.78 7.45
N TYR D 199 25.07 21.81 6.70
CA TYR D 199 24.07 22.72 6.14
C TYR D 199 23.05 21.89 5.34
N MET D 200 21.78 22.25 5.46
CA MET D 200 20.69 21.54 4.80
C MET D 200 20.24 22.15 3.47
N GLY D 201 20.98 23.13 2.96
CA GLY D 201 20.58 23.74 1.71
C GLY D 201 21.64 23.68 0.62
N LEU D 202 21.35 24.36 -0.49
CA LEU D 202 22.27 24.44 -1.62
C LEU D 202 23.47 25.29 -1.22
N TYR D 203 24.66 24.86 -1.63
CA TYR D 203 25.86 25.62 -1.33
C TYR D 203 26.13 26.70 -2.36
N GLN D 204 25.36 27.79 -2.31
CA GLN D 204 25.52 28.90 -3.22
C GLN D 204 24.97 30.16 -2.53
N LYS D 205 25.42 31.32 -2.96
CA LYS D 205 24.92 32.56 -2.38
C LYS D 205 23.51 32.71 -2.95
N ARG D 206 22.70 33.55 -2.33
CA ARG D 206 21.31 33.76 -2.79
C ARG D 206 21.21 34.24 -4.23
N ASP D 207 20.31 33.61 -4.96
CA ASP D 207 20.05 33.97 -6.35
C ASP D 207 19.12 35.17 -6.27
N ARG D 208 19.59 36.33 -6.67
CA ARG D 208 18.76 37.52 -6.64
C ARG D 208 18.36 37.99 -8.05
N THR D 209 18.48 37.10 -9.02
CA THR D 209 18.12 37.41 -10.39
C THR D 209 16.62 37.24 -10.59
N GLN D 210 16.17 37.40 -11.83
CA GLN D 210 14.76 37.27 -12.15
C GLN D 210 14.28 35.85 -11.84
N GLN D 211 15.21 34.89 -11.82
CA GLN D 211 14.84 33.50 -11.53
C GLN D 211 14.23 33.38 -10.14
N TYR D 212 14.61 34.28 -9.23
CA TYR D 212 14.07 34.26 -7.88
C TYR D 212 12.57 34.54 -7.91
N ASP D 213 12.20 35.66 -8.53
CA ASP D 213 10.79 36.03 -8.62
C ASP D 213 9.98 34.98 -9.38
N ASP D 214 10.60 34.39 -10.39
CA ASP D 214 9.90 33.37 -11.18
C ASP D 214 9.61 32.14 -10.33
N LEU D 215 10.58 31.75 -9.50
CA LEU D 215 10.42 30.60 -8.62
C LEU D 215 9.27 30.85 -7.65
N ILE D 216 9.27 32.00 -7.00
CA ILE D 216 8.20 32.35 -6.06
C ILE D 216 6.85 32.30 -6.79
N ASP D 217 6.80 32.85 -8.00
CA ASP D 217 5.58 32.83 -8.81
C ASP D 217 5.15 31.38 -9.07
N GLU D 218 6.11 30.54 -9.44
CA GLU D 218 5.82 29.12 -9.71
C GLU D 218 5.29 28.47 -8.44
N PHE D 219 5.86 28.85 -7.30
CA PHE D 219 5.46 28.30 -6.01
C PHE D 219 3.99 28.62 -5.75
N MET D 220 3.65 29.90 -5.83
CA MET D 220 2.29 30.36 -5.60
C MET D 220 1.31 29.63 -6.53
N LYS D 221 1.68 29.51 -7.81
CA LYS D 221 0.80 28.83 -8.76
C LYS D 221 0.66 27.33 -8.49
N ALA D 222 1.77 26.65 -8.22
CA ALA D 222 1.73 25.21 -7.96
C ALA D 222 0.88 24.88 -6.73
N ILE D 223 1.04 25.66 -5.67
CA ILE D 223 0.28 25.45 -4.44
C ILE D 223 -1.22 25.60 -4.68
N THR D 224 -1.61 26.70 -5.32
CA THR D 224 -3.03 26.94 -5.57
C THR D 224 -3.60 26.01 -6.65
N ASP D 225 -2.79 25.62 -7.63
CA ASP D 225 -3.25 24.70 -8.67
C ASP D 225 -3.71 23.40 -8.06
N ARG D 226 -2.92 22.84 -7.14
CA ARG D 226 -3.30 21.59 -6.51
C ARG D 226 -4.33 21.72 -5.41
N TYR D 227 -4.17 22.70 -4.55
CA TYR D 227 -5.07 22.84 -3.41
C TYR D 227 -6.22 23.82 -3.48
N GLY D 228 -6.19 24.74 -4.45
CA GLY D 228 -7.26 25.71 -4.58
C GLY D 228 -6.73 27.15 -4.50
N ARG D 229 -7.33 28.05 -5.27
CA ARG D 229 -6.89 29.44 -5.27
C ARG D 229 -7.09 30.17 -3.95
N ASN D 230 -7.90 29.61 -3.06
CA ASN D 230 -8.15 30.25 -1.78
C ASN D 230 -7.24 29.72 -0.65
N THR D 231 -6.29 28.87 -1.00
CA THR D 231 -5.35 28.32 -0.04
C THR D 231 -4.65 29.47 0.69
N LEU D 232 -4.64 29.43 2.02
CA LEU D 232 -4.00 30.49 2.79
C LEU D 232 -2.48 30.32 2.68
N ILE D 233 -1.81 31.40 2.28
CA ILE D 233 -0.37 31.40 2.15
C ILE D 233 0.18 32.55 3.00
N GLN D 234 0.83 32.18 4.11
CA GLN D 234 1.41 33.14 5.03
C GLN D 234 2.90 33.24 4.80
N PHE D 235 3.37 34.38 4.29
CA PHE D 235 4.78 34.60 4.07
C PHE D 235 5.40 34.89 5.44
N GLU D 236 6.56 34.30 5.72
CA GLU D 236 7.20 34.49 7.00
C GLU D 236 8.72 34.60 6.89
N ASP D 237 9.29 35.58 7.58
CA ASP D 237 10.74 35.80 7.62
C ASP D 237 11.46 35.98 6.31
N PHE D 238 10.86 36.78 5.43
CA PHE D 238 11.48 37.11 4.16
C PHE D 238 12.20 38.42 4.39
N GLY D 239 13.24 38.69 3.61
CA GLY D 239 13.97 39.93 3.75
C GLY D 239 13.07 41.12 3.44
N ASN D 240 13.41 42.28 3.99
CA ASN D 240 12.66 43.50 3.81
C ASN D 240 12.18 43.79 2.38
N HIS D 241 13.11 43.83 1.43
CA HIS D 241 12.75 44.11 0.04
C HIS D 241 11.69 43.15 -0.51
N ASN D 242 11.97 41.85 -0.41
CA ASN D 242 11.04 40.83 -0.91
C ASN D 242 9.71 40.79 -0.16
N ALA D 243 9.75 40.97 1.16
CA ALA D 243 8.54 40.91 1.98
C ALA D 243 7.43 41.81 1.47
N PHE D 244 7.75 43.09 1.27
CA PHE D 244 6.77 44.07 0.81
C PHE D 244 6.30 43.84 -0.60
N ARG D 245 7.24 43.72 -1.54
CA ARG D 245 6.85 43.55 -2.92
C ARG D 245 6.04 42.28 -3.17
N PHE D 246 6.29 41.22 -2.43
CA PHE D 246 5.51 40.00 -2.61
C PHE D 246 4.11 40.17 -2.03
N LEU D 247 4.00 40.96 -0.95
CA LEU D 247 2.70 41.20 -0.32
C LEU D 247 1.87 42.03 -1.30
N ARG D 248 2.45 43.11 -1.81
CA ARG D 248 1.73 43.95 -2.75
C ARG D 248 1.40 43.18 -4.00
N LYS D 249 2.37 42.42 -4.51
CA LYS D 249 2.13 41.65 -5.74
C LYS D 249 1.05 40.58 -5.64
N TYR D 250 0.95 39.90 -4.49
CA TYR D 250 -0.02 38.81 -4.36
C TYR D 250 -1.28 38.98 -3.51
N ARG D 251 -1.36 40.02 -2.70
CA ARG D 251 -2.52 40.17 -1.82
C ARG D 251 -3.89 40.28 -2.50
N GLU D 252 -3.92 40.76 -3.75
CA GLU D 252 -5.18 40.90 -4.48
C GLU D 252 -5.42 39.70 -5.39
N LYS D 253 -4.39 38.89 -5.59
CA LYS D 253 -4.51 37.72 -6.46
C LYS D 253 -4.69 36.43 -5.68
N TYR D 254 -4.04 36.34 -4.52
CA TYR D 254 -4.14 35.14 -3.69
C TYR D 254 -4.59 35.45 -2.27
N CYS D 255 -4.87 34.39 -1.50
CA CYS D 255 -5.25 34.54 -0.11
C CYS D 255 -3.93 34.55 0.65
N THR D 256 -3.36 35.74 0.83
CA THR D 256 -2.07 35.80 1.48
C THR D 256 -1.81 37.04 2.31
N PHE D 257 -0.89 36.92 3.25
CA PHE D 257 -0.49 38.02 4.10
C PHE D 257 0.92 37.73 4.59
N ASN D 258 1.55 38.74 5.15
CA ASN D 258 2.90 38.58 5.67
C ASN D 258 2.81 38.76 7.18
N ASP D 259 3.21 37.72 7.90
CA ASP D 259 3.16 37.71 9.37
C ASP D 259 4.00 38.81 10.02
N ASP D 260 5.18 39.05 9.47
CA ASP D 260 6.09 40.05 10.00
C ASP D 260 5.65 41.49 9.81
N ILE D 261 4.90 41.75 8.75
CA ILE D 261 4.42 43.08 8.45
C ILE D 261 3.03 43.30 9.05
N GLN D 262 2.11 42.40 8.74
CA GLN D 262 0.73 42.52 9.18
C GLN D 262 0.40 41.88 10.53
N GLY D 263 0.90 40.67 10.77
CA GLY D 263 0.62 40.02 12.04
C GLY D 263 1.22 40.78 13.22
N THR D 264 2.47 41.18 13.06
CA THR D 264 3.17 41.93 14.11
C THR D 264 2.51 43.30 14.30
N ALA D 265 1.95 43.82 13.21
CA ALA D 265 1.29 45.11 13.26
C ALA D 265 0.06 45.03 14.16
N ALA D 266 -0.69 43.95 14.02
CA ALA D 266 -1.90 43.75 14.80
C ALA D 266 -1.61 43.55 16.29
N VAL D 267 -0.58 42.77 16.63
CA VAL D 267 -0.27 42.55 18.05
C VAL D 267 0.21 43.84 18.70
N ALA D 268 1.08 44.55 17.99
CA ALA D 268 1.61 45.80 18.53
C ALA D 268 0.46 46.77 18.79
N LEU D 269 -0.40 46.96 17.78
CA LEU D 269 -1.53 47.87 17.93
C LEU D 269 -2.36 47.48 19.15
N ALA D 270 -2.68 46.19 19.25
CA ALA D 270 -3.46 45.67 20.37
C ALA D 270 -2.86 46.10 21.71
N GLY D 271 -1.54 46.01 21.84
CA GLY D 271 -0.88 46.40 23.06
C GLY D 271 -1.04 47.89 23.32
N LEU D 272 -0.85 48.69 22.26
CA LEU D 272 -1.01 50.14 22.35
C LEU D 272 -2.43 50.48 22.79
N LEU D 273 -3.40 49.77 22.23
CA LEU D 273 -4.81 49.98 22.58
C LEU D 273 -5.02 49.71 24.07
N ALA D 274 -4.39 48.65 24.58
CA ALA D 274 -4.52 48.31 26.00
C ALA D 274 -3.90 49.41 26.86
N ALA D 275 -2.72 49.87 26.45
CA ALA D 275 -2.03 50.93 27.19
C ALA D 275 -2.88 52.21 27.25
N GLN D 276 -3.56 52.52 26.15
CA GLN D 276 -4.39 53.70 26.08
C GLN D 276 -5.53 53.60 27.10
N LYS D 277 -6.01 52.38 27.35
CA LYS D 277 -7.08 52.15 28.32
C LYS D 277 -6.63 52.46 29.74
N VAL D 278 -5.39 52.10 30.06
CA VAL D 278 -4.89 52.33 31.41
C VAL D 278 -4.41 53.76 31.63
N ILE D 279 -3.92 54.39 30.56
CA ILE D 279 -3.40 55.74 30.62
C ILE D 279 -4.42 56.81 30.21
N SER D 280 -5.39 56.42 29.38
CA SER D 280 -6.41 57.35 28.90
C SER D 280 -5.72 58.62 28.39
N LYS D 281 -4.75 58.44 27.50
CA LYS D 281 -4.02 59.58 26.96
C LYS D 281 -4.63 60.04 25.63
N PRO D 282 -4.77 61.36 25.45
CA PRO D 282 -5.32 61.96 24.23
C PRO D 282 -4.58 61.64 22.94
N ILE D 283 -5.29 61.06 21.98
CA ILE D 283 -4.73 60.69 20.68
C ILE D 283 -3.92 61.83 20.07
N SER D 284 -4.21 63.05 20.51
CA SER D 284 -3.53 64.24 20.01
C SER D 284 -2.18 64.45 20.68
N GLU D 285 -2.06 63.96 21.91
CA GLU D 285 -0.82 64.10 22.65
C GLU D 285 0.12 62.94 22.38
N HIS D 286 -0.31 62.02 21.53
CA HIS D 286 0.49 60.85 21.20
C HIS D 286 1.61 61.19 20.22
N LYS D 287 2.82 60.81 20.60
CA LYS D 287 4.00 61.03 19.76
C LYS D 287 4.73 59.68 19.75
N ILE D 288 4.68 58.98 18.62
CA ILE D 288 5.30 57.67 18.51
C ILE D 288 6.60 57.60 17.73
N LEU D 289 7.65 57.13 18.40
CA LEU D 289 8.95 56.99 17.77
C LEU D 289 9.32 55.53 17.60
N PHE D 290 9.58 55.14 16.37
CA PHE D 290 9.96 53.77 16.04
C PHE D 290 11.48 53.63 15.91
N LEU D 291 12.02 52.55 16.46
CA LEU D 291 13.45 52.26 16.33
C LEU D 291 13.41 51.23 15.23
N GLY D 292 13.67 51.69 14.00
CA GLY D 292 13.62 50.81 12.85
C GLY D 292 12.59 51.40 11.92
N ALA D 293 12.65 51.03 10.65
CA ALA D 293 11.69 51.56 9.68
C ALA D 293 11.46 50.51 8.62
N GLY D 294 11.37 49.25 9.05
CA GLY D 294 11.17 48.17 8.10
C GLY D 294 9.84 47.47 8.16
N GLU D 295 9.87 46.16 7.92
CA GLU D 295 8.66 45.34 7.91
C GLU D 295 7.72 45.61 9.08
N ALA D 296 8.22 45.48 10.30
CA ALA D 296 7.39 45.71 11.48
C ALA D 296 6.98 47.17 11.65
N ALA D 297 7.96 48.07 11.69
CA ALA D 297 7.69 49.49 11.87
C ALA D 297 6.61 50.02 10.92
N LEU D 298 6.81 49.78 9.63
CA LEU D 298 5.86 50.22 8.61
C LEU D 298 4.51 49.52 8.78
N GLY D 299 4.55 48.24 9.16
CA GLY D 299 3.31 47.51 9.36
C GLY D 299 2.53 48.10 10.51
N ILE D 300 3.19 48.24 11.66
CA ILE D 300 2.56 48.79 12.85
C ILE D 300 2.08 50.23 12.62
N ALA D 301 2.94 51.05 12.00
CA ALA D 301 2.59 52.44 11.73
C ALA D 301 1.31 52.58 10.92
N ASN D 302 1.19 51.81 9.85
CA ASN D 302 0.01 51.88 9.01
C ASN D 302 -1.26 51.44 9.74
N LEU D 303 -1.13 50.47 10.64
CA LEU D 303 -2.31 50.00 11.36
C LEU D 303 -2.69 51.04 12.39
N ILE D 304 -1.69 51.69 12.98
CA ILE D 304 -1.93 52.73 13.95
C ILE D 304 -2.70 53.87 13.28
N VAL D 305 -2.28 54.22 12.07
CA VAL D 305 -2.93 55.29 11.33
C VAL D 305 -4.39 54.95 11.09
N MET D 306 -4.62 53.72 10.63
CA MET D 306 -5.98 53.26 10.35
C MET D 306 -6.83 53.38 11.61
N SER D 307 -6.23 53.11 12.77
CA SER D 307 -6.94 53.19 14.04
C SER D 307 -7.27 54.64 14.39
N MET D 308 -6.29 55.53 14.22
CA MET D 308 -6.49 56.93 14.52
C MET D 308 -7.52 57.56 13.58
N VAL D 309 -7.50 57.13 12.31
CA VAL D 309 -8.43 57.67 11.33
C VAL D 309 -9.86 57.30 11.64
N GLU D 310 -10.11 56.06 12.03
CA GLU D 310 -11.48 55.69 12.31
C GLU D 310 -11.91 56.25 13.67
N ASN D 311 -10.98 56.93 14.33
CA ASN D 311 -11.24 57.54 15.62
C ASN D 311 -11.30 59.07 15.53
N GLY D 312 -11.61 59.56 14.33
CA GLY D 312 -11.74 61.00 14.13
C GLY D 312 -10.51 61.82 13.78
N LEU D 313 -9.49 61.19 13.23
CA LEU D 313 -8.30 61.93 12.88
C LEU D 313 -8.05 61.74 11.39
N SER D 314 -7.52 62.76 10.72
CA SER D 314 -7.25 62.62 9.30
C SER D 314 -5.99 61.78 9.13
N GLU D 315 -5.87 61.13 7.99
CA GLU D 315 -4.71 60.29 7.70
C GLU D 315 -3.44 61.11 7.86
N GLN D 316 -3.45 62.34 7.35
CA GLN D 316 -2.29 63.21 7.43
C GLN D 316 -1.95 63.57 8.87
N GLU D 317 -2.97 63.89 9.68
CA GLU D 317 -2.73 64.23 11.09
C GLU D 317 -2.14 63.03 11.83
N ALA D 318 -2.71 61.87 11.61
CA ALA D 318 -2.27 60.64 12.25
C ALA D 318 -0.82 60.31 11.93
N GLN D 319 -0.46 60.41 10.66
CA GLN D 319 0.89 60.10 10.23
C GLN D 319 1.92 61.04 10.87
N LYS D 320 1.52 62.29 11.10
CA LYS D 320 2.44 63.27 11.68
C LYS D 320 2.86 62.96 13.12
N LYS D 321 2.10 62.10 13.80
CA LYS D 321 2.44 61.75 15.17
C LYS D 321 3.45 60.60 15.21
N ILE D 322 3.81 60.10 14.04
CA ILE D 322 4.73 58.97 13.96
C ILE D 322 6.09 59.26 13.32
N TRP D 323 7.15 58.98 14.07
CA TRP D 323 8.51 59.18 13.59
C TRP D 323 9.25 57.85 13.58
N MET D 324 10.25 57.74 12.70
CA MET D 324 11.03 56.53 12.62
C MET D 324 12.53 56.85 12.58
N PHE D 325 13.32 55.98 13.21
CA PHE D 325 14.76 56.13 13.31
C PHE D 325 15.39 54.78 12.91
N ASP D 326 15.94 54.68 11.70
CA ASP D 326 16.54 53.42 11.29
C ASP D 326 18.05 53.42 11.51
N LYS D 327 18.73 52.44 10.93
CA LYS D 327 20.19 52.32 11.09
C LYS D 327 20.98 53.57 10.68
N TYR D 328 20.38 54.42 9.86
CA TYR D 328 21.07 55.63 9.42
C TYR D 328 20.65 56.87 10.23
N GLY D 329 19.60 56.73 11.01
CA GLY D 329 19.13 57.85 11.82
C GLY D 329 17.67 58.18 11.62
N LEU D 330 17.29 59.39 12.02
CA LEU D 330 15.91 59.84 11.90
C LEU D 330 15.46 60.03 10.44
N LEU D 331 14.30 59.49 10.11
CA LEU D 331 13.78 59.65 8.76
C LEU D 331 13.24 61.06 8.62
N VAL D 332 14.03 61.94 8.01
CA VAL D 332 13.62 63.31 7.80
C VAL D 332 13.76 63.69 6.32
N LYS D 333 12.86 64.52 5.83
CA LYS D 333 12.89 64.93 4.43
C LYS D 333 14.27 65.47 4.10
N GLY D 334 14.82 65.02 2.98
CA GLY D 334 16.12 65.48 2.54
C GLY D 334 17.34 64.83 3.16
N ARG D 335 17.17 63.75 3.92
CA ARG D 335 18.34 63.08 4.51
C ARG D 335 19.09 62.32 3.42
N LYS D 336 20.35 61.97 3.72
CA LYS D 336 21.20 61.25 2.79
C LYS D 336 20.70 59.83 2.51
N ALA D 337 20.40 59.10 3.58
CA ALA D 337 19.92 57.72 3.47
C ALA D 337 18.58 57.63 2.73
N LYS D 338 18.43 56.58 1.95
CA LYS D 338 17.22 56.36 1.15
C LYS D 338 15.91 56.29 1.90
N ILE D 339 14.85 56.69 1.22
CA ILE D 339 13.49 56.70 1.73
C ILE D 339 12.54 56.29 0.62
N ASP D 340 11.94 55.11 0.76
CA ASP D 340 11.02 54.61 -0.24
C ASP D 340 9.60 55.15 -0.05
N SER D 341 8.69 54.72 -0.94
CA SER D 341 7.30 55.15 -0.90
C SER D 341 6.57 54.77 0.39
N TYR D 342 6.96 53.68 1.01
CA TYR D 342 6.30 53.25 2.24
C TYR D 342 6.70 54.11 3.44
N GLN D 343 7.92 54.59 3.45
CA GLN D 343 8.43 55.40 4.55
C GLN D 343 8.12 56.89 4.42
N GLU D 344 7.86 57.33 3.18
CA GLU D 344 7.59 58.73 2.90
C GLU D 344 6.58 59.39 3.84
N PRO D 345 5.40 58.74 4.04
CA PRO D 345 4.37 59.30 4.92
C PRO D 345 4.83 59.54 6.36
N PHE D 346 5.92 58.90 6.76
CA PHE D 346 6.40 59.06 8.12
C PHE D 346 7.72 59.82 8.19
N THR D 347 8.15 60.35 7.03
CA THR D 347 9.37 61.13 6.95
C THR D 347 8.96 62.59 7.00
N HIS D 348 9.24 63.26 8.11
CA HIS D 348 8.85 64.66 8.28
C HIS D 348 10.02 65.65 8.16
N SER D 349 9.67 66.94 8.12
CA SER D 349 10.68 68.00 8.02
C SER D 349 11.58 67.83 9.23
N ALA D 350 12.88 67.93 9.00
CA ALA D 350 13.86 67.78 10.08
C ALA D 350 13.53 68.69 11.27
N PRO D 351 13.71 68.17 12.49
CA PRO D 351 13.43 68.97 13.69
C PRO D 351 14.49 70.03 13.87
N GLU D 352 14.38 70.80 14.94
CA GLU D 352 15.34 71.87 15.26
C GLU D 352 16.75 71.32 15.08
N SER D 353 17.06 70.26 15.80
CA SER D 353 18.37 69.63 15.69
C SER D 353 18.21 68.19 15.24
N ILE D 354 19.23 67.64 14.58
CA ILE D 354 19.21 66.26 14.13
C ILE D 354 19.89 65.35 15.14
N PRO D 355 19.20 64.28 15.56
CA PRO D 355 19.77 63.35 16.53
C PRO D 355 20.80 62.41 15.92
N ASP D 356 21.78 62.02 16.72
CA ASP D 356 22.82 61.10 16.25
C ASP D 356 22.46 59.68 16.72
N THR D 357 22.00 59.58 17.97
CA THR D 357 21.62 58.30 18.53
C THR D 357 20.12 58.28 18.79
N PHE D 358 19.57 57.09 19.08
CA PHE D 358 18.15 56.98 19.36
C PHE D 358 17.87 57.80 20.62
N GLU D 359 18.85 57.86 21.51
CA GLU D 359 18.71 58.62 22.74
C GLU D 359 18.48 60.09 22.41
N ASP D 360 19.25 60.63 21.47
CA ASP D 360 19.10 62.03 21.08
C ASP D 360 17.69 62.24 20.52
N ALA D 361 17.25 61.26 19.73
CA ALA D 361 15.94 61.29 19.10
C ALA D 361 14.83 61.36 20.16
N VAL D 362 14.98 60.59 21.22
CA VAL D 362 14.01 60.59 22.32
C VAL D 362 14.01 61.96 23.01
N ASN D 363 15.19 62.51 23.26
CA ASN D 363 15.27 63.81 23.93
C ASN D 363 14.78 64.96 23.06
N ILE D 364 15.04 64.89 21.77
CA ILE D 364 14.62 65.94 20.85
C ILE D 364 13.12 65.89 20.52
N LEU D 365 12.63 64.70 20.24
CA LEU D 365 11.22 64.53 19.89
C LEU D 365 10.29 64.41 21.08
N LYS D 366 10.81 63.94 22.21
CA LYS D 366 10.02 63.76 23.42
C LYS D 366 8.79 62.89 23.14
N PRO D 367 9.00 61.70 22.58
CA PRO D 367 7.89 60.79 22.26
C PRO D 367 7.24 60.24 23.53
N SER D 368 5.96 59.89 23.41
CA SER D 368 5.20 59.34 24.53
C SER D 368 5.26 57.82 24.46
N THR D 369 5.56 57.31 23.26
CA THR D 369 5.67 55.86 23.04
C THR D 369 6.91 55.53 22.23
N ILE D 370 7.60 54.47 22.63
CA ILE D 370 8.80 54.05 21.93
C ILE D 370 8.65 52.57 21.56
N ILE D 371 8.79 52.26 20.28
CA ILE D 371 8.64 50.89 19.78
C ILE D 371 9.91 50.36 19.10
N GLY D 372 10.50 49.33 19.68
CA GLY D 372 11.72 48.75 19.15
C GLY D 372 11.49 47.58 18.22
N VAL D 373 11.85 47.78 16.95
CA VAL D 373 11.68 46.74 15.94
C VAL D 373 12.83 46.84 14.95
N ALA D 374 14.05 46.77 15.46
CA ALA D 374 15.24 46.85 14.62
C ALA D 374 15.99 45.52 14.54
N GLY D 375 15.58 44.56 15.36
CA GLY D 375 16.25 43.27 15.39
C GLY D 375 17.75 43.42 15.49
N ALA D 376 18.22 44.40 16.26
CA ALA D 376 19.66 44.64 16.38
C ALA D 376 20.24 44.70 17.79
N GLY D 377 19.58 44.09 18.76
CA GLY D 377 20.12 44.12 20.11
C GLY D 377 19.53 45.15 21.05
N ARG D 378 20.18 45.33 22.20
CA ARG D 378 19.75 46.24 23.25
C ARG D 378 19.89 47.73 22.94
N LEU D 379 19.23 48.19 21.88
CA LEU D 379 19.32 49.60 21.50
C LEU D 379 18.54 50.56 22.42
N PHE D 380 17.65 50.03 23.25
CA PHE D 380 16.93 50.87 24.21
C PHE D 380 17.80 50.82 25.48
N THR D 381 18.90 51.56 25.45
CA THR D 381 19.86 51.63 26.55
C THR D 381 19.27 52.21 27.83
N PRO D 382 19.93 51.97 28.98
CA PRO D 382 19.43 52.51 30.24
C PRO D 382 19.18 54.02 30.11
N ASP D 383 20.04 54.71 29.38
CA ASP D 383 19.86 56.16 29.18
C ASP D 383 18.62 56.45 28.33
N VAL D 384 18.31 55.58 27.39
CA VAL D 384 17.13 55.76 26.55
C VAL D 384 15.89 55.61 27.44
N ILE D 385 15.91 54.56 28.25
CA ILE D 385 14.81 54.27 29.15
C ILE D 385 14.61 55.39 30.18
N ARG D 386 15.69 55.85 30.79
CA ARG D 386 15.59 56.94 31.77
C ARG D 386 14.98 58.19 31.14
N ALA D 387 15.40 58.48 29.91
CA ALA D 387 14.91 59.66 29.18
C ALA D 387 13.39 59.56 29.01
N MET D 388 12.90 58.39 28.62
CA MET D 388 11.47 58.16 28.45
C MET D 388 10.71 58.35 29.77
N ALA D 389 11.33 57.96 30.88
CA ALA D 389 10.72 58.06 32.21
C ALA D 389 10.73 59.49 32.76
N SER D 390 11.67 60.30 32.29
CA SER D 390 11.79 61.68 32.73
C SER D 390 10.90 62.58 31.89
N ILE D 391 10.65 62.16 30.65
CA ILE D 391 9.81 62.90 29.72
C ILE D 391 8.33 62.58 29.89
N ASN D 392 8.04 61.33 30.25
CA ASN D 392 6.67 60.89 30.42
C ASN D 392 6.37 60.33 31.80
N GLU D 393 5.15 60.56 32.27
CA GLU D 393 4.73 60.03 33.57
C GLU D 393 4.56 58.52 33.42
N ARG D 394 3.98 58.09 32.31
CA ARG D 394 3.77 56.66 32.04
C ARG D 394 4.26 56.37 30.62
N PRO D 395 5.58 56.24 30.43
CA PRO D 395 6.09 55.97 29.08
C PRO D 395 5.72 54.56 28.62
N VAL D 396 5.44 54.44 27.31
CA VAL D 396 5.10 53.17 26.70
C VAL D 396 6.36 52.68 25.99
N ILE D 397 6.89 51.55 26.42
CA ILE D 397 8.10 51.00 25.81
C ILE D 397 7.87 49.58 25.35
N PHE D 398 8.01 49.37 24.04
CA PHE D 398 7.85 48.07 23.39
C PHE D 398 9.18 47.61 22.78
N ALA D 399 9.70 46.49 23.27
CA ALA D 399 10.94 45.92 22.75
C ALA D 399 10.51 44.63 22.06
N LEU D 400 10.16 44.73 20.78
CA LEU D 400 9.63 43.58 20.05
C LEU D 400 10.56 42.62 19.30
N SER D 401 11.82 43.00 19.10
CA SER D 401 12.74 42.13 18.37
C SER D 401 12.98 40.78 19.05
N ASN D 402 12.97 39.72 18.24
CA ASN D 402 13.20 38.36 18.71
C ASN D 402 14.46 37.85 18.02
N PRO D 403 15.17 36.89 18.65
CA PRO D 403 14.85 36.28 19.93
C PRO D 403 15.33 37.20 21.05
N THR D 404 15.25 36.72 22.30
CA THR D 404 15.65 37.51 23.48
C THR D 404 16.93 38.35 23.38
N ALA D 405 18.01 37.78 22.87
CA ALA D 405 19.26 38.53 22.76
C ALA D 405 19.16 39.71 21.80
N GLN D 406 18.17 39.68 20.91
CA GLN D 406 18.01 40.76 19.96
C GLN D 406 17.04 41.84 20.48
N ALA D 407 16.40 41.56 21.61
CA ALA D 407 15.44 42.50 22.19
C ALA D 407 16.10 43.83 22.54
N GLU D 408 15.38 44.92 22.31
CA GLU D 408 15.91 46.27 22.59
C GLU D 408 16.24 46.50 24.07
N CYS D 409 15.53 45.80 24.95
CA CYS D 409 15.77 45.91 26.39
C CYS D 409 14.98 44.85 27.10
N THR D 410 15.28 44.61 28.37
CA THR D 410 14.60 43.58 29.15
C THR D 410 13.48 44.20 29.97
N ALA D 411 12.60 43.35 30.49
CA ALA D 411 11.52 43.81 31.34
C ALA D 411 12.13 44.44 32.60
N GLU D 412 13.13 43.76 33.16
CA GLU D 412 13.84 44.22 34.34
C GLU D 412 14.30 45.67 34.16
N GLU D 413 14.99 45.92 33.06
CA GLU D 413 15.50 47.26 32.76
C GLU D 413 14.39 48.30 32.62
N ALA D 414 13.36 47.95 31.87
CA ALA D 414 12.24 48.86 31.66
C ALA D 414 11.53 49.23 32.95
N TYR D 415 11.09 48.24 33.72
CA TYR D 415 10.38 48.51 34.96
C TYR D 415 11.21 49.20 36.03
N THR D 416 12.45 48.73 36.20
CA THR D 416 13.32 49.32 37.21
C THR D 416 13.74 50.76 36.87
N LEU D 417 14.25 50.96 35.66
CA LEU D 417 14.71 52.29 35.27
C LEU D 417 13.60 53.34 35.14
N THR D 418 12.34 52.91 35.06
CA THR D 418 11.23 53.85 34.99
C THR D 418 10.46 53.87 36.30
N GLU D 419 11.05 53.30 37.34
CA GLU D 419 10.42 53.28 38.66
C GLU D 419 9.02 52.65 38.58
N GLY D 420 8.85 51.70 37.68
CA GLY D 420 7.57 51.02 37.51
C GLY D 420 6.45 51.84 36.91
N ARG D 421 6.80 52.91 36.22
CA ARG D 421 5.81 53.78 35.60
C ARG D 421 5.56 53.45 34.14
N CYS D 422 6.44 52.66 33.54
CA CYS D 422 6.29 52.32 32.13
C CYS D 422 5.26 51.23 31.86
N LEU D 423 4.77 51.20 30.63
CA LEU D 423 3.85 50.17 30.17
C LEU D 423 4.73 49.44 29.15
N PHE D 424 5.16 48.23 29.53
CA PHE D 424 6.08 47.45 28.72
C PHE D 424 5.53 46.16 28.13
N ALA D 425 6.07 45.82 26.97
CA ALA D 425 5.73 44.60 26.25
C ALA D 425 6.94 44.22 25.41
N SER D 426 7.15 42.92 25.21
CA SER D 426 8.27 42.46 24.42
C SER D 426 7.83 41.33 23.50
N GLY D 427 8.65 41.05 22.49
CA GLY D 427 8.33 39.97 21.57
C GLY D 427 8.70 38.64 22.20
N SER D 428 9.83 38.62 22.89
CA SER D 428 10.29 37.40 23.54
C SER D 428 9.90 37.47 25.02
N PRO D 429 9.63 36.30 25.63
CA PRO D 429 9.22 36.18 27.04
C PRO D 429 10.23 36.56 28.13
N PHE D 430 9.72 37.28 29.13
CA PHE D 430 10.48 37.71 30.29
C PHE D 430 9.63 37.37 31.51
N GLY D 431 10.25 36.95 32.60
CA GLY D 431 9.50 36.63 33.79
C GLY D 431 9.04 37.90 34.50
N PRO D 432 8.20 37.78 35.53
CA PRO D 432 7.73 38.96 36.26
C PRO D 432 8.87 39.71 36.96
N VAL D 433 8.70 41.02 37.14
CA VAL D 433 9.72 41.84 37.77
C VAL D 433 9.25 42.44 39.09
N LYS D 434 10.05 42.25 40.13
CA LYS D 434 9.72 42.77 41.46
C LYS D 434 10.68 43.90 41.81
N LEU D 435 10.12 45.08 42.09
CA LEU D 435 10.93 46.25 42.43
C LEU D 435 11.17 46.29 43.93
N THR D 436 12.16 47.07 44.35
CA THR D 436 12.53 47.21 45.76
C THR D 436 11.32 47.54 46.65
N ASP D 437 10.35 48.26 46.12
CA ASP D 437 9.18 48.62 46.89
C ASP D 437 8.17 47.46 47.00
N GLY D 438 8.52 46.31 46.43
CA GLY D 438 7.62 45.16 46.51
C GLY D 438 6.60 44.97 45.39
N ARG D 439 6.44 45.97 44.52
CA ARG D 439 5.49 45.86 43.42
C ARG D 439 5.99 44.87 42.36
N VAL D 440 5.10 43.99 41.92
CA VAL D 440 5.43 42.98 40.93
C VAL D 440 4.78 43.31 39.59
N PHE D 441 5.60 43.38 38.54
CA PHE D 441 5.10 43.69 37.20
C PHE D 441 5.20 42.47 36.29
N THR D 442 4.11 42.15 35.61
CA THR D 442 4.09 41.00 34.72
C THR D 442 4.04 41.48 33.25
N PRO D 443 5.21 41.48 32.59
CA PRO D 443 5.34 41.91 31.19
C PRO D 443 4.57 41.05 30.20
N GLY D 444 3.86 41.71 29.30
CA GLY D 444 3.10 40.99 28.29
C GLY D 444 3.98 40.75 27.07
N GLN D 445 3.61 39.76 26.28
CA GLN D 445 4.40 39.44 25.09
C GLN D 445 3.67 39.89 23.83
N GLY D 446 4.14 40.99 23.25
CA GLY D 446 3.55 41.50 22.01
C GLY D 446 4.17 40.76 20.85
N ASN D 447 3.82 39.48 20.73
CA ASN D 447 4.33 38.63 19.67
C ASN D 447 3.16 38.24 18.78
N ASN D 448 3.39 38.12 17.46
CA ASN D 448 2.30 37.78 16.55
C ASN D 448 1.61 36.43 16.77
N VAL D 449 2.14 35.61 17.66
CA VAL D 449 1.51 34.32 17.95
C VAL D 449 0.09 34.56 18.50
N TYR D 450 -0.16 35.76 19.00
CA TYR D 450 -1.47 36.11 19.52
C TYR D 450 -2.45 36.40 18.38
N ILE D 451 -1.90 36.66 17.20
CA ILE D 451 -2.69 37.02 16.02
C ILE D 451 -2.83 36.03 14.85
N PHE D 452 -1.73 35.50 14.31
CA PHE D 452 -1.88 34.62 13.17
C PHE D 452 -2.74 33.36 13.38
N PRO D 453 -2.73 32.79 14.60
CA PRO D 453 -3.56 31.60 14.79
C PRO D 453 -5.06 31.86 14.60
N GLY D 454 -5.56 32.90 15.26
CA GLY D 454 -6.97 33.23 15.14
C GLY D 454 -7.37 33.72 13.76
N VAL D 455 -6.52 34.53 13.15
CA VAL D 455 -6.76 35.05 11.81
C VAL D 455 -6.74 33.91 10.78
N ALA D 456 -5.81 32.98 10.94
CA ALA D 456 -5.73 31.86 10.02
C ALA D 456 -7.02 31.02 10.09
N LEU D 457 -7.47 30.74 11.30
CA LEU D 457 -8.68 29.94 11.50
C LEU D 457 -9.92 30.58 10.87
N ALA D 458 -10.06 31.89 11.01
CA ALA D 458 -11.21 32.59 10.45
C ALA D 458 -11.17 32.60 8.92
N VAL D 459 -10.01 32.91 8.36
CA VAL D 459 -9.85 32.95 6.91
C VAL D 459 -10.14 31.58 6.30
N ILE D 460 -9.61 30.54 6.92
CA ILE D 460 -9.81 29.18 6.43
C ILE D 460 -11.27 28.75 6.51
N LEU D 461 -11.91 28.94 7.67
CA LEU D 461 -13.30 28.53 7.82
C LEU D 461 -14.27 29.30 6.93
N CYS D 462 -13.94 30.56 6.67
CA CYS D 462 -14.79 31.39 5.82
C CYS D 462 -14.46 31.26 4.35
N ASN D 463 -13.41 30.53 4.02
CA ASN D 463 -12.99 30.37 2.63
C ASN D 463 -12.73 31.74 2.02
N THR D 464 -12.20 32.64 2.85
CA THR D 464 -11.89 34.00 2.41
C THR D 464 -10.87 33.94 1.29
N ARG D 465 -11.01 34.85 0.33
CA ARG D 465 -10.14 34.88 -0.83
C ARG D 465 -8.95 35.81 -0.73
N HIS D 466 -9.14 36.94 -0.06
CA HIS D 466 -8.07 37.92 0.11
C HIS D 466 -8.18 38.57 1.49
N ILE D 467 -7.05 39.00 2.04
CA ILE D 467 -7.02 39.59 3.37
C ILE D 467 -6.66 41.07 3.36
N SER D 468 -7.62 41.90 3.72
CA SER D 468 -7.39 43.35 3.76
C SER D 468 -6.73 43.73 5.08
N ASP D 469 -6.21 44.94 5.15
CA ASP D 469 -5.57 45.44 6.36
C ASP D 469 -6.61 45.59 7.47
N SER D 470 -7.84 45.90 7.09
CA SER D 470 -8.91 46.08 8.05
C SER D 470 -9.14 44.80 8.85
N VAL D 471 -8.78 43.65 8.26
CA VAL D 471 -8.93 42.37 8.95
C VAL D 471 -7.99 42.34 10.16
N PHE D 472 -6.79 42.89 9.99
CA PHE D 472 -5.83 42.90 11.09
C PHE D 472 -6.21 43.94 12.14
N LEU D 473 -6.87 45.00 11.70
CA LEU D 473 -7.30 46.04 12.62
C LEU D 473 -8.33 45.38 13.54
N GLU D 474 -9.22 44.60 12.95
CA GLU D 474 -10.25 43.91 13.70
C GLU D 474 -9.63 42.89 14.68
N ALA D 475 -8.64 42.15 14.21
CA ALA D 475 -7.98 41.16 15.05
C ALA D 475 -7.36 41.88 16.26
N ALA D 476 -6.70 43.01 16.00
CA ALA D 476 -6.08 43.77 17.07
C ALA D 476 -7.13 44.15 18.13
N LYS D 477 -8.29 44.62 17.68
CA LYS D 477 -9.37 44.99 18.60
C LYS D 477 -9.92 43.77 19.33
N ALA D 478 -10.01 42.65 18.62
CA ALA D 478 -10.51 41.41 19.20
C ALA D 478 -9.56 40.89 20.29
N LEU D 479 -8.26 41.05 20.08
CA LEU D 479 -7.28 40.61 21.06
C LEU D 479 -7.39 41.45 22.33
N THR D 480 -7.30 42.75 22.18
CA THR D 480 -7.35 43.65 23.32
C THR D 480 -8.68 43.66 24.07
N SER D 481 -9.77 43.37 23.36
CA SER D 481 -11.07 43.36 24.00
C SER D 481 -11.22 42.22 24.99
N GLN D 482 -10.30 41.25 24.95
CA GLN D 482 -10.35 40.11 25.85
C GLN D 482 -9.62 40.35 27.18
N LEU D 483 -8.99 41.51 27.32
CA LEU D 483 -8.30 41.86 28.56
C LEU D 483 -9.32 42.27 29.61
N THR D 484 -9.18 41.72 30.81
CA THR D 484 -10.09 42.05 31.90
C THR D 484 -9.52 43.22 32.70
N ASP D 485 -10.39 43.98 33.35
CA ASP D 485 -9.91 45.12 34.13
C ASP D 485 -8.85 44.71 35.14
N GLU D 486 -9.04 43.56 35.77
CA GLU D 486 -8.08 43.08 36.77
C GLU D 486 -6.71 42.90 36.14
N GLU D 487 -6.68 42.35 34.92
CA GLU D 487 -5.44 42.11 34.19
C GLU D 487 -4.78 43.41 33.77
N LEU D 488 -5.58 44.43 33.50
CA LEU D 488 -5.01 45.71 33.12
C LEU D 488 -4.21 46.23 34.31
N ALA D 489 -4.81 46.21 35.50
CA ALA D 489 -4.16 46.69 36.72
C ALA D 489 -2.85 45.96 37.01
N GLN D 490 -2.75 44.73 36.54
CA GLN D 490 -1.55 43.91 36.73
C GLN D 490 -0.42 44.36 35.82
N GLY D 491 -0.74 45.26 34.91
CA GLY D 491 0.27 45.74 33.97
C GLY D 491 0.29 44.86 32.73
N ARG D 492 -0.74 44.03 32.59
CA ARG D 492 -0.82 43.14 31.44
C ARG D 492 -1.46 43.87 30.28
N LEU D 493 -0.74 43.93 29.16
CA LEU D 493 -1.23 44.58 27.96
C LEU D 493 -1.85 43.55 27.02
N TYR D 494 -1.74 42.27 27.39
CA TYR D 494 -2.28 41.17 26.60
C TYR D 494 -2.87 40.09 27.49
N PRO D 495 -3.89 39.36 26.98
CA PRO D 495 -4.47 38.30 27.81
C PRO D 495 -3.34 37.33 28.17
N PRO D 496 -3.44 36.67 29.32
CA PRO D 496 -2.40 35.72 29.73
C PRO D 496 -2.11 34.68 28.65
N LEU D 497 -0.85 34.33 28.51
CA LEU D 497 -0.44 33.36 27.49
C LEU D 497 -1.07 31.99 27.75
N ALA D 498 -1.32 31.68 29.00
CA ALA D 498 -1.92 30.40 29.34
C ALA D 498 -3.32 30.25 28.76
N ASN D 499 -3.93 31.36 28.35
CA ASN D 499 -5.28 31.34 27.79
C ASN D 499 -5.24 31.60 26.29
N ILE D 500 -4.08 31.39 25.67
CA ILE D 500 -3.93 31.65 24.24
C ILE D 500 -4.92 30.89 23.36
N GLN D 501 -5.29 29.68 23.76
CA GLN D 501 -6.23 28.88 22.98
C GLN D 501 -7.60 29.57 22.86
N GLU D 502 -8.22 29.87 24.00
CA GLU D 502 -9.53 30.50 23.96
C GLU D 502 -9.45 31.91 23.39
N VAL D 503 -8.33 32.57 23.59
CA VAL D 503 -8.15 33.91 23.05
C VAL D 503 -8.13 33.85 21.53
N SER D 504 -7.42 32.85 20.99
CA SER D 504 -7.31 32.70 19.55
C SER D 504 -8.65 32.33 18.92
N ILE D 505 -9.41 31.48 19.60
CA ILE D 505 -10.71 31.07 19.10
C ILE D 505 -11.63 32.27 19.06
N ASN D 506 -11.61 33.06 20.13
CA ASN D 506 -12.43 34.26 20.20
C ASN D 506 -12.05 35.23 19.10
N ILE D 507 -10.75 35.35 18.82
CA ILE D 507 -10.33 36.26 17.75
C ILE D 507 -10.88 35.71 16.44
N ALA D 508 -10.78 34.39 16.27
CA ALA D 508 -11.28 33.75 15.07
C ALA D 508 -12.76 34.09 14.86
N ILE D 509 -13.55 33.96 15.92
CA ILE D 509 -14.97 34.25 15.84
C ILE D 509 -15.24 35.69 15.46
N LYS D 510 -14.54 36.61 16.12
CA LYS D 510 -14.67 38.04 15.86
C LYS D 510 -14.31 38.36 14.41
N VAL D 511 -13.27 37.71 13.89
CA VAL D 511 -12.84 37.96 12.52
C VAL D 511 -13.81 37.36 11.51
N THR D 512 -14.34 36.18 11.81
CA THR D 512 -15.28 35.57 10.87
C THR D 512 -16.54 36.44 10.80
N GLU D 513 -16.97 36.98 11.94
CA GLU D 513 -18.15 37.84 11.96
C GLU D 513 -17.87 39.08 11.12
N TYR D 514 -16.64 39.56 11.17
CA TYR D 514 -16.25 40.73 10.39
C TYR D 514 -16.23 40.38 8.90
N LEU D 515 -15.70 39.20 8.57
CA LEU D 515 -15.63 38.74 7.18
C LEU D 515 -17.02 38.63 6.56
N TYR D 516 -17.96 38.08 7.31
CA TYR D 516 -19.32 37.94 6.81
C TYR D 516 -19.97 39.31 6.62
N ALA D 517 -19.83 40.18 7.61
CA ALA D 517 -20.42 41.51 7.54
C ALA D 517 -19.90 42.31 6.36
N ASN D 518 -18.70 41.97 5.90
CA ASN D 518 -18.11 42.69 4.77
C ASN D 518 -17.98 41.86 3.50
N LYS D 519 -18.88 40.88 3.35
CA LYS D 519 -18.91 40.01 2.17
C LYS D 519 -17.56 39.42 1.77
N MET D 520 -16.81 38.92 2.74
CA MET D 520 -15.50 38.34 2.46
C MET D 520 -15.48 36.86 2.81
N ALA D 521 -16.65 36.30 3.11
CA ALA D 521 -16.78 34.89 3.47
C ALA D 521 -17.58 34.19 2.37
N PHE D 522 -17.19 32.98 2.03
CA PHE D 522 -17.86 32.22 0.97
C PHE D 522 -18.11 30.77 1.35
N VAL D 523 -18.89 30.56 2.41
CA VAL D 523 -19.20 29.21 2.87
C VAL D 523 -20.70 28.93 2.73
N TYR D 524 -21.03 27.75 2.25
CA TYR D 524 -22.41 27.37 2.06
C TYR D 524 -22.70 25.98 2.64
N PRO D 525 -23.76 25.88 3.47
CA PRO D 525 -24.64 26.99 3.84
C PRO D 525 -23.98 27.87 4.89
N GLU D 526 -24.43 29.12 4.99
CA GLU D 526 -23.89 30.05 5.96
C GLU D 526 -24.41 29.71 7.36
N PRO D 527 -23.51 29.33 8.28
CA PRO D 527 -23.91 28.99 9.65
C PRO D 527 -24.64 30.16 10.30
N GLU D 528 -25.68 29.88 11.09
CA GLU D 528 -26.45 30.94 11.74
C GLU D 528 -25.71 31.45 12.98
N ASP D 529 -25.11 30.52 13.70
CA ASP D 529 -24.35 30.83 14.91
C ASP D 529 -22.86 30.72 14.55
N LYS D 530 -22.23 31.85 14.23
CA LYS D 530 -20.81 31.87 13.87
C LYS D 530 -19.91 31.33 14.97
N ALA D 531 -20.18 31.74 16.21
CA ALA D 531 -19.39 31.30 17.35
C ALA D 531 -19.43 29.78 17.47
N LYS D 532 -20.62 29.20 17.42
CA LYS D 532 -20.77 27.76 17.54
C LYS D 532 -20.12 27.02 16.37
N TYR D 533 -20.19 27.62 15.18
CA TYR D 533 -19.59 27.00 14.00
C TYR D 533 -18.07 26.89 14.16
N VAL D 534 -17.43 28.00 14.50
CA VAL D 534 -15.98 28.01 14.68
C VAL D 534 -15.53 26.96 15.69
N LYS D 535 -16.21 26.92 16.84
CA LYS D 535 -15.86 25.98 17.90
C LYS D 535 -16.07 24.53 17.51
N GLU D 536 -17.08 24.27 16.69
CA GLU D 536 -17.36 22.91 16.27
C GLU D 536 -16.36 22.42 15.22
N GLN D 537 -15.73 23.35 14.52
CA GLN D 537 -14.77 22.99 13.48
C GLN D 537 -13.34 22.73 13.95
N THR D 538 -13.03 23.05 15.21
CA THR D 538 -11.65 22.86 15.69
C THR D 538 -11.20 21.42 15.92
N TRP D 539 -9.95 21.17 15.55
CA TRP D 539 -9.35 19.85 15.70
C TRP D 539 -9.06 19.60 17.18
N ARG D 540 -9.27 18.36 17.62
CA ARG D 540 -9.07 18.00 19.01
C ARG D 540 -7.91 17.01 19.16
N SER D 541 -7.14 17.15 20.23
CA SER D 541 -6.01 16.27 20.45
C SER D 541 -6.43 14.92 21.01
N GLU D 542 -7.73 14.73 21.25
CA GLU D 542 -8.20 13.47 21.79
C GLU D 542 -8.11 12.39 20.70
N TYR D 543 -7.75 11.17 21.09
CA TYR D 543 -7.63 10.07 20.14
C TYR D 543 -8.98 9.74 19.49
N ASP D 544 -8.95 9.37 18.22
CA ASP D 544 -10.17 9.00 17.52
C ASP D 544 -10.18 7.48 17.45
N SER D 545 -11.37 6.89 17.35
CA SER D 545 -11.49 5.44 17.22
C SER D 545 -11.11 5.07 15.79
N LEU D 546 -10.28 4.05 15.63
CA LEU D 546 -9.87 3.63 14.30
C LEU D 546 -10.56 2.31 13.95
N LEU D 547 -11.55 1.94 14.76
CA LEU D 547 -12.28 0.71 14.55
C LEU D 547 -13.21 0.75 13.35
N PRO D 548 -13.21 -0.33 12.56
CA PRO D 548 -14.10 -0.38 11.39
C PRO D 548 -15.53 -0.49 11.93
N ASP D 549 -16.50 -0.03 11.17
CA ASP D 549 -17.88 -0.09 11.61
C ASP D 549 -18.44 -1.51 11.47
N VAL D 550 -18.55 -2.22 12.59
CA VAL D 550 -19.07 -3.58 12.56
C VAL D 550 -20.44 -3.61 13.22
N TYR D 551 -21.41 -4.24 12.56
CA TYR D 551 -22.77 -4.30 13.08
C TYR D 551 -23.61 -5.46 12.55
N GLU D 552 -24.65 -5.78 13.30
CA GLU D 552 -25.56 -6.87 13.00
C GLU D 552 -26.56 -6.53 11.88
N TRP D 553 -26.88 -7.53 11.06
CA TRP D 553 -27.85 -7.37 9.97
C TRP D 553 -29.10 -8.16 10.38
N PRO D 554 -30.28 -7.54 10.30
CA PRO D 554 -31.52 -8.24 10.66
C PRO D 554 -31.78 -9.45 9.79
PG ATP E . -41.97 5.87 -18.20
O1G ATP E . -41.57 4.68 -17.32
O2G ATP E . -42.45 5.50 -19.55
O3G ATP E . -40.94 6.97 -18.26
PB ATP E . -43.38 7.41 -16.16
O1B ATP E . -44.43 8.38 -16.37
O2B ATP E . -42.04 7.90 -15.83
O3B ATP E . -43.26 6.55 -17.46
PA ATP E . -44.98 6.36 -13.87
O1A ATP E . -45.08 5.00 -13.28
O2A ATP E . -44.74 7.50 -12.98
O3A ATP E . -43.84 6.35 -15.03
O5' ATP E . -46.34 6.67 -14.69
C5' ATP E . -46.88 5.73 -15.65
C4' ATP E . -48.23 6.25 -16.16
O4' ATP E . -48.70 5.42 -17.30
C3' ATP E . -49.29 6.16 -15.08
O3' ATP E . -50.04 7.39 -15.00
C2' ATP E . -50.21 5.04 -15.52
O2' ATP E . -51.56 5.30 -15.09
C1' ATP E . -50.08 5.03 -17.01
N9 ATP E . -50.44 3.73 -17.61
C8 ATP E . -49.98 2.47 -17.27
N7 ATP E . -50.58 1.56 -18.05
C5 ATP E . -51.37 2.27 -18.83
C6 ATP E . -52.20 1.70 -19.78
N6 ATP E . -52.24 0.39 -19.97
N1 ATP E . -52.95 2.56 -20.53
C2 ATP E . -52.90 3.91 -20.30
N3 ATP E . -52.08 4.43 -19.33
C4 ATP E . -51.32 3.59 -18.58
C1 OXL F . -34.87 6.75 -19.26
C2 OXL F . -36.07 5.88 -18.88
O1 OXL F . -34.57 6.90 -20.44
O2 OXL F . -36.37 5.70 -17.64
O3 OXL F . -34.21 7.32 -18.39
O4 OXL F . -36.77 5.29 -19.80
MN MN G . -34.74 6.61 -16.15
OXT FUM H . -10.26 -6.16 -23.07
C FUM H . -9.24 -5.51 -22.68
O FUM H . -9.07 -5.15 -21.50
C4 FUM H . -8.21 -5.21 -23.78
C5 FUM H . -7.03 -4.52 -23.53
C6 FUM H . -6.01 -4.25 -24.61
O7 FUM H . -6.34 -4.14 -25.78
O8 FUM H . -4.81 -4.13 -24.27
PG ATP I . 5.71 -33.56 -30.42
O1G ATP I . 5.53 -32.62 -29.31
O2G ATP I . 4.80 -33.40 -31.58
O3G ATP I . 5.80 -34.97 -29.96
PB ATP I . 8.54 -33.75 -31.00
O1B ATP I . 8.51 -35.07 -31.67
O2B ATP I . 9.07 -33.65 -29.63
O3B ATP I . 7.14 -33.15 -30.98
PA ATP I . 10.68 -32.49 -32.60
O1A ATP I . 10.66 -31.25 -33.41
O2A ATP I . 11.74 -32.65 -31.56
O3A ATP I . 9.27 -32.66 -31.93
O5' ATP I . 10.73 -33.74 -33.55
C5' ATP I . 9.80 -33.90 -34.63
C4' ATP I . 10.17 -35.17 -35.38
O4' ATP I . 9.11 -35.51 -36.33
C3' ATP I . 11.45 -34.99 -36.18
O3' ATP I . 12.33 -36.12 -36.02
C2' ATP I . 11.00 -34.92 -37.61
O2' ATP I . 12.00 -35.43 -38.50
C1' ATP I . 9.75 -35.74 -37.62
N9 ATP I . 8.87 -35.45 -38.76
C8 ATP I . 8.41 -34.21 -39.19
N7 ATP I . 7.66 -34.40 -40.32
C5 ATP I . 7.69 -35.70 -40.51
C6 ATP I . 7.06 -36.31 -41.58
N6 ATP I . 6.39 -35.60 -42.49
N1 ATP I . 7.16 -37.66 -41.67
C2 ATP I . 7.89 -38.37 -40.74
N3 ATP I . 8.48 -37.72 -39.70
C4 ATP I . 8.42 -36.36 -39.60
C1 OXL J . 2.33 -31.40 -24.99
C2 OXL J . 2.68 -31.13 -26.45
O1 OXL J . 1.37 -32.12 -24.73
O2 OXL J . 3.66 -30.32 -26.75
O3 OXL J . 3.02 -30.93 -24.08
O4 OXL J . 1.98 -31.66 -27.39
MN MN K . 4.65 -29.39 -24.90
OXT FUM L . -17.01 -14.32 -13.58
C FUM L . -16.83 -14.01 -12.35
O FUM L . -15.80 -13.44 -11.92
C4 FUM L . -18.00 -14.42 -11.41
C5 FUM L . -17.97 -14.17 -10.03
C6 FUM L . -19.12 -14.55 -9.12
O7 FUM L . -19.84 -15.50 -9.37
O8 FUM L . -19.30 -13.87 -8.03
PG ATP M . 24.43 -15.19 36.00
O1G ATP M . 23.69 -15.12 34.72
O2G ATP M . 24.22 -14.01 36.86
O3G ATP M . 25.86 -15.51 35.79
PB ATP M . 23.13 -17.88 36.42
O1B ATP M . 23.99 -18.96 36.91
O2B ATP M . 22.80 -17.85 34.99
O3B ATP M . 23.80 -16.47 36.84
PA ATP M . 20.95 -18.98 38.11
O1A ATP M . 19.80 -18.32 38.80
O2A ATP M . 20.67 -20.13 37.23
O3A ATP M . 21.77 -17.87 37.29
O5' ATP M . 22.01 -19.46 39.22
C5' ATP M . 22.51 -18.56 40.23
C4' ATP M . 23.37 -19.35 41.22
O4' ATP M . 24.07 -18.45 42.13
C3' ATP M . 22.51 -20.25 42.06
O3' ATP M . 23.08 -21.57 42.14
C2' ATP M . 22.50 -19.62 43.43
O2' ATP M . 22.36 -20.62 44.46
C1' ATP M . 23.81 -18.91 43.49
N9 ATP M . 23.84 -17.79 44.50
C8 ATP M . 22.95 -16.75 44.63
N7 ATP M . 23.36 -15.96 45.66
C5 ATP M . 24.44 -16.54 46.11
C6 ATP M . 25.17 -16.03 47.18
N6 ATP M . 24.80 -14.94 47.84
N1 ATP M . 26.29 -16.73 47.54
C2 ATP M . 26.66 -17.86 46.85
N3 ATP M . 25.91 -18.32 45.80
C4 ATP M . 24.78 -17.63 45.42
C1 OXL N . 24.33 -12.31 29.59
C2 OXL N . 23.83 -12.28 31.03
O1 OXL N . 25.36 -11.72 29.29
O2 OXL N . 22.72 -12.87 31.34
O3 OXL N . 23.72 -12.94 28.72
O4 OXL N . 24.51 -11.65 31.93
MN MN O . 21.52 -13.45 29.32
OXT FUM P . 19.16 10.73 14.25
C FUM P . 18.92 10.58 13.01
O FUM P . 17.98 9.89 12.57
C4 FUM P . 19.90 11.30 12.06
C5 FUM P . 19.79 11.24 10.66
C6 FUM P . 20.76 11.95 9.72
O7 FUM P . 21.89 12.17 10.09
O8 FUM P . 20.37 12.29 8.56
PG ATP Q . 11.94 42.51 13.48
O1G ATP Q . 11.27 41.41 12.74
O2G ATP Q . 13.22 42.11 14.12
O3G ATP Q . 10.99 43.19 14.41
PB ATP Q . 11.74 44.01 10.89
O1B ATP Q . 11.31 45.41 10.92
O2B ATP Q . 10.75 42.99 10.51
O3B ATP Q . 12.33 43.63 12.33
PA ATP Q . 13.56 44.70 8.64
O1A ATP Q . 14.83 44.08 8.18
O2A ATP Q . 12.46 44.88 7.68
O3A ATP Q . 13.01 43.88 9.92
O5' ATP Q . 13.87 46.13 9.25
C5' ATP Q . 14.83 46.30 10.31
C4' ATP Q . 14.93 47.80 10.60
O4' ATP Q . 15.79 48.01 11.78
C3' ATP Q . 15.58 48.51 9.45
O3' ATP Q . 14.84 49.69 9.11
C2' ATP Q . 16.95 48.89 9.93
O2' ATP Q . 17.42 50.08 9.32
C1' ATP Q . 16.78 49.03 11.41
N9 ATP Q . 18.04 48.91 12.17
C8 ATP Q . 18.99 47.91 12.09
N7 ATP Q . 20.00 48.21 12.93
C5 ATP Q . 19.64 49.34 13.49
C6 ATP Q . 20.44 50.00 14.42
N6 ATP Q . 21.62 49.53 14.81
N1 ATP Q . 19.94 51.17 14.94
C2 ATP Q . 18.74 51.65 14.51
N3 ATP Q . 18.00 50.96 13.58
C4 ATP Q . 18.48 49.80 13.05
C1 OXL R . 8.23 36.77 14.66
C2 OXL R . 9.61 37.33 14.29
O1 OXL R . 7.87 36.74 15.83
O2 OXL R . 9.99 37.34 13.05
O3 OXL R . 7.47 36.36 13.79
O4 OXL R . 10.40 37.77 15.20
MN MN S . 8.62 36.13 11.68
OXT FUM T . 7.94 9.92 23.01
C FUM T . 6.98 9.20 22.60
O FUM T . 6.72 9.00 21.39
C4 FUM T . 6.12 8.56 23.72
C5 FUM T . 5.03 7.74 23.49
C6 FUM T . 4.20 7.10 24.59
O7 FUM T . 4.21 7.55 25.74
O8 FUM T . 3.51 6.07 24.31
#